data_6FT1
# 
_entry.id   6FT1 
# 
_audit_conform.dict_name       mmcif_pdbx.dic 
_audit_conform.dict_version    5.383 
_audit_conform.dict_location   http://mmcif.pdb.org/dictionaries/ascii/mmcif_pdbx.dic 
# 
loop_
_database_2.database_id 
_database_2.database_code 
_database_2.pdbx_database_accession 
_database_2.pdbx_DOI 
PDB   6FT1         pdb_00006ft1 10.2210/pdb6ft1/pdb 
WWPDB D_1200008882 ?            ?                   
# 
loop_
_pdbx_audit_revision_history.ordinal 
_pdbx_audit_revision_history.data_content_type 
_pdbx_audit_revision_history.major_revision 
_pdbx_audit_revision_history.minor_revision 
_pdbx_audit_revision_history.revision_date 
1 'Structure model' 1 0 2018-07-11 
2 'Structure model' 1 1 2018-10-03 
3 'Structure model' 1 2 2020-07-29 
4 'Structure model' 1 3 2024-01-17 
# 
loop_
_pdbx_audit_revision_details.ordinal 
_pdbx_audit_revision_details.revision_ordinal 
_pdbx_audit_revision_details.data_content_type 
_pdbx_audit_revision_details.provider 
_pdbx_audit_revision_details.type 
_pdbx_audit_revision_details.description 
_pdbx_audit_revision_details.details 
1 1 'Structure model' repository 'Initial release' ?                          ? 
2 3 'Structure model' repository Remediation       'Carbohydrate remediation' ? 
# 
loop_
_pdbx_audit_revision_group.ordinal 
_pdbx_audit_revision_group.revision_ordinal 
_pdbx_audit_revision_group.data_content_type 
_pdbx_audit_revision_group.group 
1 2 'Structure model' 'Data collection'        
2 2 'Structure model' 'Database references'    
3 3 'Structure model' 'Data collection'        
4 3 'Structure model' 'Derived calculations'   
5 3 'Structure model' 'Structure summary'      
6 4 'Structure model' 'Data collection'        
7 4 'Structure model' 'Database references'    
8 4 'Structure model' 'Refinement description' 
9 4 'Structure model' 'Structure summary'      
# 
loop_
_pdbx_audit_revision_category.ordinal 
_pdbx_audit_revision_category.revision_ordinal 
_pdbx_audit_revision_category.data_content_type 
_pdbx_audit_revision_category.category 
1  2 'Structure model' citation                      
2  2 'Structure model' citation_author               
3  3 'Structure model' chem_comp                     
4  3 'Structure model' entity                        
5  3 'Structure model' pdbx_chem_comp_identifier     
6  3 'Structure model' pdbx_entity_nonpoly           
7  3 'Structure model' struct_site                   
8  3 'Structure model' struct_site_gen               
9  4 'Structure model' chem_comp                     
10 4 'Structure model' chem_comp_atom                
11 4 'Structure model' chem_comp_bond                
12 4 'Structure model' database_2                    
13 4 'Structure model' pdbx_initial_refinement_model 
# 
loop_
_pdbx_audit_revision_item.ordinal 
_pdbx_audit_revision_item.revision_ordinal 
_pdbx_audit_revision_item.data_content_type 
_pdbx_audit_revision_item.item 
1  2 'Structure model' '_citation.journal_volume'            
2  2 'Structure model' '_citation.page_first'                
3  2 'Structure model' '_citation.page_last'                 
4  2 'Structure model' '_citation.title'                     
5  2 'Structure model' '_citation_author.identifier_ORCID'   
6  3 'Structure model' '_chem_comp.name'                     
7  3 'Structure model' '_chem_comp.type'                     
8  3 'Structure model' '_entity.pdbx_description'            
9  3 'Structure model' '_pdbx_entity_nonpoly.name'           
10 4 'Structure model' '_chem_comp.pdbx_synonyms'            
11 4 'Structure model' '_database_2.pdbx_DOI'                
12 4 'Structure model' '_database_2.pdbx_database_accession' 
# 
_pdbx_database_status.status_code                     REL 
_pdbx_database_status.status_code_sf                  REL 
_pdbx_database_status.status_code_mr                  ? 
_pdbx_database_status.entry_id                        6FT1 
_pdbx_database_status.recvd_initial_deposition_date   2018-02-20 
_pdbx_database_status.SG_entry                        N 
_pdbx_database_status.deposit_site                    PDBE 
_pdbx_database_status.process_site                    PDBE 
_pdbx_database_status.status_code_cs                  ? 
_pdbx_database_status.methods_development_category    ? 
_pdbx_database_status.pdb_format_compatible           Y 
_pdbx_database_status.status_code_nmr_data            ? 
# 
loop_
_audit_author.name 
_audit_author.pdbx_ordinal 
_audit_author.identifier_ORCID 
'Gudim, I.'       1 ?                   
'Lofstad, M.'     2 ?                   
'Hersleth, H.-P.' 3 0000-0002-1142-9983 
# 
_citation.abstract                  ? 
_citation.abstract_id_CAS           ? 
_citation.book_id_ISBN              ? 
_citation.book_publisher            ? 
_citation.book_publisher_city       ? 
_citation.book_title                ? 
_citation.coordinate_linkage        ? 
_citation.country                   US 
_citation.database_id_Medline       ? 
_citation.details                   ? 
_citation.id                        primary 
_citation.journal_abbrev            'Protein Sci.' 
_citation.journal_id_ASTM           PRCIEI 
_citation.journal_id_CSD            0795 
_citation.journal_id_ISSN           1469-896X 
_citation.journal_full              ? 
_citation.journal_issue             ? 
_citation.journal_volume            27 
_citation.language                  ? 
_citation.page_first                1439 
_citation.page_last                 1449 
_citation.title                     
;High-resolution crystal structures reveal a mixture of conformers of the Gly61-Asp62 peptide bond in an oxidized flavodoxin from Bacillus cereus.
;
_citation.year                      2018 
_citation.database_id_CSD           ? 
_citation.pdbx_database_id_DOI      10.1002/pro.3436 
_citation.pdbx_database_id_PubMed   29722453 
_citation.unpublished_flag          ? 
# 
loop_
_citation_author.citation_id 
_citation_author.name 
_citation_author.ordinal 
_citation_author.identifier_ORCID 
primary 'Gudim, I.'      1 ?                   
primary 'Lofstad, M.'    2 ?                   
primary 'van Beek, W.'   3 ?                   
primary 'Hersleth, H.P.' 4 0000-0002-1142-9983 
# 
loop_
_entity.id 
_entity.type 
_entity.src_method 
_entity.pdbx_description 
_entity.formula_weight 
_entity.pdbx_number_of_molecules 
_entity.pdbx_ec 
_entity.pdbx_mutation 
_entity.pdbx_fragment 
_entity.details 
1 polymer     man Flavodoxin              16115.039 1   ? ? ? ? 
2 non-polymer syn 'FLAVIN MONONUCLEOTIDE' 456.344   1   ? ? ? ? 
3 non-polymer syn 'SULFATE ION'           96.063    1   ? ? ? ? 
4 non-polymer man alpha-D-glucopyranose   180.156   1   ? ? ? ? 
5 water       nat water                   18.015    173 ? ? ? ? 
# 
_entity_poly.entity_id                      1 
_entity_poly.type                           'polypeptide(L)' 
_entity_poly.nstd_linkage                   no 
_entity_poly.nstd_monomer                   no 
_entity_poly.pdbx_seq_one_letter_code       
;SKLVMIFASMSGNTEEMADHIAGVIRETENEIEVIDIMDSPEASILEQYDGIILGAYTWGDGDLPDDFLDFYDAMDSIDL
TGKKAAVFGSCDSAYPKYGVAVDILIEKLQERGAAVVLEGLKVELTPEDEDVEKCLQFGAEFVKHLS
;
_entity_poly.pdbx_seq_one_letter_code_can   
;SKLVMIFASMSGNTEEMADHIAGVIRETENEIEVIDIMDSPEASILEQYDGIILGAYTWGDGDLPDDFLDFYDAMDSIDL
TGKKAAVFGSCDSAYPKYGVAVDILIEKLQERGAAVVLEGLKVELTPEDEDVEKCLQFGAEFVKHLS
;
_entity_poly.pdbx_strand_id                 A 
_entity_poly.pdbx_target_identifier         ? 
# 
loop_
_pdbx_entity_nonpoly.entity_id 
_pdbx_entity_nonpoly.name 
_pdbx_entity_nonpoly.comp_id 
2 'FLAVIN MONONUCLEOTIDE' FMN 
3 'SULFATE ION'           SO4 
4 alpha-D-glucopyranose   GLC 
5 water                   HOH 
# 
loop_
_entity_poly_seq.entity_id 
_entity_poly_seq.num 
_entity_poly_seq.mon_id 
_entity_poly_seq.hetero 
1 1   SER n 
1 2   LYS n 
1 3   LEU n 
1 4   VAL n 
1 5   MET n 
1 6   ILE n 
1 7   PHE n 
1 8   ALA n 
1 9   SER n 
1 10  MET n 
1 11  SER n 
1 12  GLY n 
1 13  ASN n 
1 14  THR n 
1 15  GLU n 
1 16  GLU n 
1 17  MET n 
1 18  ALA n 
1 19  ASP n 
1 20  HIS n 
1 21  ILE n 
1 22  ALA n 
1 23  GLY n 
1 24  VAL n 
1 25  ILE n 
1 26  ARG n 
1 27  GLU n 
1 28  THR n 
1 29  GLU n 
1 30  ASN n 
1 31  GLU n 
1 32  ILE n 
1 33  GLU n 
1 34  VAL n 
1 35  ILE n 
1 36  ASP n 
1 37  ILE n 
1 38  MET n 
1 39  ASP n 
1 40  SER n 
1 41  PRO n 
1 42  GLU n 
1 43  ALA n 
1 44  SER n 
1 45  ILE n 
1 46  LEU n 
1 47  GLU n 
1 48  GLN n 
1 49  TYR n 
1 50  ASP n 
1 51  GLY n 
1 52  ILE n 
1 53  ILE n 
1 54  LEU n 
1 55  GLY n 
1 56  ALA n 
1 57  TYR n 
1 58  THR n 
1 59  TRP n 
1 60  GLY n 
1 61  ASP n 
1 62  GLY n 
1 63  ASP n 
1 64  LEU n 
1 65  PRO n 
1 66  ASP n 
1 67  ASP n 
1 68  PHE n 
1 69  LEU n 
1 70  ASP n 
1 71  PHE n 
1 72  TYR n 
1 73  ASP n 
1 74  ALA n 
1 75  MET n 
1 76  ASP n 
1 77  SER n 
1 78  ILE n 
1 79  ASP n 
1 80  LEU n 
1 81  THR n 
1 82  GLY n 
1 83  LYS n 
1 84  LYS n 
1 85  ALA n 
1 86  ALA n 
1 87  VAL n 
1 88  PHE n 
1 89  GLY n 
1 90  SER n 
1 91  CYS n 
1 92  ASP n 
1 93  SER n 
1 94  ALA n 
1 95  TYR n 
1 96  PRO n 
1 97  LYS n 
1 98  TYR n 
1 99  GLY n 
1 100 VAL n 
1 101 ALA n 
1 102 VAL n 
1 103 ASP n 
1 104 ILE n 
1 105 LEU n 
1 106 ILE n 
1 107 GLU n 
1 108 LYS n 
1 109 LEU n 
1 110 GLN n 
1 111 GLU n 
1 112 ARG n 
1 113 GLY n 
1 114 ALA n 
1 115 ALA n 
1 116 VAL n 
1 117 VAL n 
1 118 LEU n 
1 119 GLU n 
1 120 GLY n 
1 121 LEU n 
1 122 LYS n 
1 123 VAL n 
1 124 GLU n 
1 125 LEU n 
1 126 THR n 
1 127 PRO n 
1 128 GLU n 
1 129 ASP n 
1 130 GLU n 
1 131 ASP n 
1 132 VAL n 
1 133 GLU n 
1 134 LYS n 
1 135 CYS n 
1 136 LEU n 
1 137 GLN n 
1 138 PHE n 
1 139 GLY n 
1 140 ALA n 
1 141 GLU n 
1 142 PHE n 
1 143 VAL n 
1 144 LYS n 
1 145 HIS n 
1 146 LEU n 
1 147 SER n 
# 
_entity_src_gen.entity_id                          1 
_entity_src_gen.pdbx_src_id                        1 
_entity_src_gen.pdbx_alt_source_flag               sample 
_entity_src_gen.pdbx_seq_type                      'Biological sequence' 
_entity_src_gen.pdbx_beg_seq_num                   1 
_entity_src_gen.pdbx_end_seq_num                   147 
_entity_src_gen.gene_src_common_name               ? 
_entity_src_gen.gene_src_genus                     ? 
_entity_src_gen.pdbx_gene_src_gene                 ICO_01211 
_entity_src_gen.gene_src_species                   ? 
_entity_src_gen.gene_src_strain                    ? 
_entity_src_gen.gene_src_tissue                    ? 
_entity_src_gen.gene_src_tissue_fraction           ? 
_entity_src_gen.gene_src_details                   ? 
_entity_src_gen.pdbx_gene_src_fragment             ? 
_entity_src_gen.pdbx_gene_src_scientific_name      'Bacillus cereus' 
_entity_src_gen.pdbx_gene_src_ncbi_taxonomy_id     1396 
_entity_src_gen.pdbx_gene_src_variant              ? 
_entity_src_gen.pdbx_gene_src_cell_line            ? 
_entity_src_gen.pdbx_gene_src_atcc                 14579 
_entity_src_gen.pdbx_gene_src_organ                ? 
_entity_src_gen.pdbx_gene_src_organelle            ? 
_entity_src_gen.pdbx_gene_src_cell                 ? 
_entity_src_gen.pdbx_gene_src_cellular_location    ? 
_entity_src_gen.host_org_common_name               ? 
_entity_src_gen.pdbx_host_org_scientific_name      'Escherichia coli BL21(DE3)' 
_entity_src_gen.pdbx_host_org_ncbi_taxonomy_id     469008 
_entity_src_gen.host_org_genus                     ? 
_entity_src_gen.pdbx_host_org_gene                 ? 
_entity_src_gen.pdbx_host_org_organ                ? 
_entity_src_gen.host_org_species                   ? 
_entity_src_gen.pdbx_host_org_tissue               ? 
_entity_src_gen.pdbx_host_org_tissue_fraction      ? 
_entity_src_gen.pdbx_host_org_strain               ? 
_entity_src_gen.pdbx_host_org_variant              ? 
_entity_src_gen.pdbx_host_org_cell_line            ? 
_entity_src_gen.pdbx_host_org_atcc                 ? 
_entity_src_gen.pdbx_host_org_culture_collection   ? 
_entity_src_gen.pdbx_host_org_cell                 ? 
_entity_src_gen.pdbx_host_org_organelle            ? 
_entity_src_gen.pdbx_host_org_cellular_location    ? 
_entity_src_gen.pdbx_host_org_vector_type          plasmid 
_entity_src_gen.pdbx_host_org_vector               ? 
_entity_src_gen.host_org_details                   ? 
_entity_src_gen.expression_system_id               ? 
_entity_src_gen.plasmid_name                       'pET22b(+)' 
_entity_src_gen.plasmid_details                    ? 
_entity_src_gen.pdbx_description                   ? 
# 
loop_
_chem_comp.id 
_chem_comp.type 
_chem_comp.mon_nstd_flag 
_chem_comp.name 
_chem_comp.pdbx_synonyms 
_chem_comp.formula 
_chem_comp.formula_weight 
ALA 'L-peptide linking'           y ALANINE                 ?                                     'C3 H7 N O2'      89.093  
ARG 'L-peptide linking'           y ARGININE                ?                                     'C6 H15 N4 O2 1'  175.209 
ASN 'L-peptide linking'           y ASPARAGINE              ?                                     'C4 H8 N2 O3'     132.118 
ASP 'L-peptide linking'           y 'ASPARTIC ACID'         ?                                     'C4 H7 N O4'      133.103 
CYS 'L-peptide linking'           y CYSTEINE                ?                                     'C3 H7 N O2 S'    121.158 
FMN non-polymer                   . 'FLAVIN MONONUCLEOTIDE' 'RIBOFLAVIN MONOPHOSPHATE'            'C17 H21 N4 O9 P' 456.344 
GLC 'D-saccharide, alpha linking' . alpha-D-glucopyranose   'alpha-D-glucose; D-glucose; glucose' 'C6 H12 O6'       180.156 
GLN 'L-peptide linking'           y GLUTAMINE               ?                                     'C5 H10 N2 O3'    146.144 
GLU 'L-peptide linking'           y 'GLUTAMIC ACID'         ?                                     'C5 H9 N O4'      147.129 
GLY 'peptide linking'             y GLYCINE                 ?                                     'C2 H5 N O2'      75.067  
HIS 'L-peptide linking'           y HISTIDINE               ?                                     'C6 H10 N3 O2 1'  156.162 
HOH non-polymer                   . WATER                   ?                                     'H2 O'            18.015  
ILE 'L-peptide linking'           y ISOLEUCINE              ?                                     'C6 H13 N O2'     131.173 
LEU 'L-peptide linking'           y LEUCINE                 ?                                     'C6 H13 N O2'     131.173 
LYS 'L-peptide linking'           y LYSINE                  ?                                     'C6 H15 N2 O2 1'  147.195 
MET 'L-peptide linking'           y METHIONINE              ?                                     'C5 H11 N O2 S'   149.211 
PHE 'L-peptide linking'           y PHENYLALANINE           ?                                     'C9 H11 N O2'     165.189 
PRO 'L-peptide linking'           y PROLINE                 ?                                     'C5 H9 N O2'      115.130 
SER 'L-peptide linking'           y SERINE                  ?                                     'C3 H7 N O3'      105.093 
SO4 non-polymer                   . 'SULFATE ION'           ?                                     'O4 S -2'         96.063  
THR 'L-peptide linking'           y THREONINE               ?                                     'C4 H9 N O3'      119.119 
TRP 'L-peptide linking'           y TRYPTOPHAN              ?                                     'C11 H12 N2 O2'   204.225 
TYR 'L-peptide linking'           y TYROSINE                ?                                     'C9 H11 N O3'     181.189 
VAL 'L-peptide linking'           y VALINE                  ?                                     'C5 H11 N O2'     117.146 
# 
loop_
_pdbx_chem_comp_identifier.comp_id 
_pdbx_chem_comp_identifier.type 
_pdbx_chem_comp_identifier.program 
_pdbx_chem_comp_identifier.program_version 
_pdbx_chem_comp_identifier.identifier 
GLC 'CONDENSED IUPAC CARBOHYDRATE SYMBOL' GMML     1.0 DGlcpa            
GLC 'COMMON NAME'                         GMML     1.0 a-D-glucopyranose 
GLC 'IUPAC CARBOHYDRATE SYMBOL'           PDB-CARE 1.0 a-D-Glcp          
GLC 'SNFG CARBOHYDRATE SYMBOL'            GMML     1.0 Glc               
# 
loop_
_pdbx_poly_seq_scheme.asym_id 
_pdbx_poly_seq_scheme.entity_id 
_pdbx_poly_seq_scheme.seq_id 
_pdbx_poly_seq_scheme.mon_id 
_pdbx_poly_seq_scheme.ndb_seq_num 
_pdbx_poly_seq_scheme.pdb_seq_num 
_pdbx_poly_seq_scheme.auth_seq_num 
_pdbx_poly_seq_scheme.pdb_mon_id 
_pdbx_poly_seq_scheme.auth_mon_id 
_pdbx_poly_seq_scheme.pdb_strand_id 
_pdbx_poly_seq_scheme.pdb_ins_code 
_pdbx_poly_seq_scheme.hetero 
A 1 1   SER 1   2   2   SER SER A . n 
A 1 2   LYS 2   3   3   LYS LYS A . n 
A 1 3   LEU 3   4   4   LEU LEU A . n 
A 1 4   VAL 4   5   5   VAL VAL A . n 
A 1 5   MET 5   6   6   MET MET A . n 
A 1 6   ILE 6   7   7   ILE ILE A . n 
A 1 7   PHE 7   8   8   PHE PHE A . n 
A 1 8   ALA 8   9   9   ALA ALA A . n 
A 1 9   SER 9   10  10  SER SER A . n 
A 1 10  MET 10  11  11  MET MET A . n 
A 1 11  SER 11  12  12  SER SER A . n 
A 1 12  GLY 12  13  13  GLY GLY A . n 
A 1 13  ASN 13  14  14  ASN ASN A . n 
A 1 14  THR 14  15  15  THR THR A . n 
A 1 15  GLU 15  16  16  GLU GLU A . n 
A 1 16  GLU 16  17  17  GLU GLU A . n 
A 1 17  MET 17  18  18  MET MET A . n 
A 1 18  ALA 18  19  19  ALA ALA A . n 
A 1 19  ASP 19  20  20  ASP ASP A . n 
A 1 20  HIS 20  21  21  HIS HIS A . n 
A 1 21  ILE 21  22  22  ILE ILE A . n 
A 1 22  ALA 22  23  23  ALA ALA A . n 
A 1 23  GLY 23  24  24  GLY GLY A . n 
A 1 24  VAL 24  25  25  VAL VAL A . n 
A 1 25  ILE 25  26  26  ILE ILE A . n 
A 1 26  ARG 26  27  27  ARG ARG A . n 
A 1 27  GLU 27  28  28  GLU GLU A . n 
A 1 28  THR 28  29  29  THR THR A . n 
A 1 29  GLU 29  30  30  GLU GLU A . n 
A 1 30  ASN 30  31  31  ASN ASN A . n 
A 1 31  GLU 31  32  32  GLU GLU A . n 
A 1 32  ILE 32  33  33  ILE ILE A . n 
A 1 33  GLU 33  34  34  GLU GLU A . n 
A 1 34  VAL 34  35  35  VAL VAL A . n 
A 1 35  ILE 35  36  36  ILE ILE A . n 
A 1 36  ASP 36  37  37  ASP ASP A . n 
A 1 37  ILE 37  38  38  ILE ILE A . n 
A 1 38  MET 38  39  39  MET MET A . n 
A 1 39  ASP 39  40  40  ASP ASP A . n 
A 1 40  SER 40  41  41  SER SER A . n 
A 1 41  PRO 41  42  42  PRO PRO A . n 
A 1 42  GLU 42  43  43  GLU GLU A . n 
A 1 43  ALA 43  44  44  ALA ALA A . n 
A 1 44  SER 44  45  45  SER SER A . n 
A 1 45  ILE 45  46  46  ILE ILE A . n 
A 1 46  LEU 46  47  47  LEU LEU A . n 
A 1 47  GLU 47  48  48  GLU GLU A . n 
A 1 48  GLN 48  49  49  GLN GLN A . n 
A 1 49  TYR 49  50  50  TYR TYR A . n 
A 1 50  ASP 50  51  51  ASP ASP A . n 
A 1 51  GLY 51  52  52  GLY GLY A . n 
A 1 52  ILE 52  53  53  ILE ILE A . n 
A 1 53  ILE 53  54  54  ILE ILE A . n 
A 1 54  LEU 54  55  55  LEU LEU A . n 
A 1 55  GLY 55  56  56  GLY GLY A . n 
A 1 56  ALA 56  57  57  ALA ALA A . n 
A 1 57  TYR 57  58  58  TYR TYR A . n 
A 1 58  THR 58  59  59  THR THR A . n 
A 1 59  TRP 59  60  60  TRP TRP A . n 
A 1 60  GLY 60  61  61  GLY GLY A . n 
A 1 61  ASP 61  62  62  ASP ASP A . n 
A 1 62  GLY 62  63  63  GLY GLY A . n 
A 1 63  ASP 63  64  64  ASP ASP A . n 
A 1 64  LEU 64  65  65  LEU LEU A . n 
A 1 65  PRO 65  66  66  PRO PRO A . n 
A 1 66  ASP 66  67  67  ASP ASP A . n 
A 1 67  ASP 67  68  68  ASP ASP A . n 
A 1 68  PHE 68  69  69  PHE PHE A . n 
A 1 69  LEU 69  70  70  LEU LEU A . n 
A 1 70  ASP 70  71  71  ASP ASP A . n 
A 1 71  PHE 71  72  72  PHE PHE A . n 
A 1 72  TYR 72  73  73  TYR TYR A . n 
A 1 73  ASP 73  74  74  ASP ASP A . n 
A 1 74  ALA 74  75  75  ALA ALA A . n 
A 1 75  MET 75  76  76  MET MET A . n 
A 1 76  ASP 76  77  77  ASP ASP A . n 
A 1 77  SER 77  78  78  SER SER A . n 
A 1 78  ILE 78  79  79  ILE ILE A . n 
A 1 79  ASP 79  80  80  ASP ASP A . n 
A 1 80  LEU 80  81  81  LEU LEU A . n 
A 1 81  THR 81  82  82  THR THR A . n 
A 1 82  GLY 82  83  83  GLY GLY A . n 
A 1 83  LYS 83  84  84  LYS LYS A . n 
A 1 84  LYS 84  85  85  LYS LYS A . n 
A 1 85  ALA 85  86  86  ALA ALA A . n 
A 1 86  ALA 86  87  87  ALA ALA A . n 
A 1 87  VAL 87  88  88  VAL VAL A . n 
A 1 88  PHE 88  89  89  PHE PHE A . n 
A 1 89  GLY 89  90  90  GLY GLY A . n 
A 1 90  SER 90  91  91  SER SER A . n 
A 1 91  CYS 91  92  92  CYS CYS A . n 
A 1 92  ASP 92  93  93  ASP ASP A . n 
A 1 93  SER 93  94  94  SER SER A . n 
A 1 94  ALA 94  95  95  ALA ALA A . n 
A 1 95  TYR 95  96  96  TYR TYR A . n 
A 1 96  PRO 96  97  97  PRO PRO A . n 
A 1 97  LYS 97  98  98  LYS LYS A . n 
A 1 98  TYR 98  99  99  TYR TYR A . n 
A 1 99  GLY 99  100 100 GLY GLY A . n 
A 1 100 VAL 100 101 101 VAL VAL A . n 
A 1 101 ALA 101 102 102 ALA ALA A . n 
A 1 102 VAL 102 103 103 VAL VAL A . n 
A 1 103 ASP 103 104 104 ASP ASP A . n 
A 1 104 ILE 104 105 105 ILE ILE A . n 
A 1 105 LEU 105 106 106 LEU LEU A . n 
A 1 106 ILE 106 107 107 ILE ILE A . n 
A 1 107 GLU 107 108 108 GLU GLU A . n 
A 1 108 LYS 108 109 109 LYS LYS A . n 
A 1 109 LEU 109 110 110 LEU LEU A . n 
A 1 110 GLN 110 111 111 GLN GLN A . n 
A 1 111 GLU 111 112 112 GLU GLU A . n 
A 1 112 ARG 112 113 113 ARG ARG A . n 
A 1 113 GLY 113 114 114 GLY GLY A . n 
A 1 114 ALA 114 115 115 ALA ALA A . n 
A 1 115 ALA 115 116 116 ALA ALA A . n 
A 1 116 VAL 116 117 117 VAL VAL A . n 
A 1 117 VAL 117 118 118 VAL VAL A . n 
A 1 118 LEU 118 119 119 LEU LEU A . n 
A 1 119 GLU 119 120 120 GLU GLU A . n 
A 1 120 GLY 120 121 121 GLY GLY A . n 
A 1 121 LEU 121 122 122 LEU LEU A . n 
A 1 122 LYS 122 123 123 LYS LYS A . n 
A 1 123 VAL 123 124 124 VAL VAL A . n 
A 1 124 GLU 124 125 125 GLU GLU A . n 
A 1 125 LEU 125 126 126 LEU LEU A . n 
A 1 126 THR 126 127 127 THR THR A . n 
A 1 127 PRO 127 128 128 PRO PRO A . n 
A 1 128 GLU 128 129 129 GLU GLU A . n 
A 1 129 ASP 129 130 130 ASP ASP A . n 
A 1 130 GLU 130 131 131 GLU GLU A . n 
A 1 131 ASP 131 132 132 ASP ASP A . n 
A 1 132 VAL 132 133 133 VAL VAL A . n 
A 1 133 GLU 133 134 134 GLU GLU A . n 
A 1 134 LYS 134 135 135 LYS LYS A . n 
A 1 135 CYS 135 136 136 CYS CYS A . n 
A 1 136 LEU 136 137 137 LEU LEU A . n 
A 1 137 GLN 137 138 138 GLN GLN A . n 
A 1 138 PHE 138 139 139 PHE PHE A . n 
A 1 139 GLY 139 140 140 GLY GLY A . n 
A 1 140 ALA 140 141 141 ALA ALA A . n 
A 1 141 GLU 141 142 142 GLU GLU A . n 
A 1 142 PHE 142 143 143 PHE PHE A . n 
A 1 143 VAL 143 144 144 VAL VAL A . n 
A 1 144 LYS 144 145 145 LYS LYS A . n 
A 1 145 HIS 145 146 146 HIS HIS A . n 
A 1 146 LEU 146 147 147 LEU LEU A . n 
A 1 147 SER 147 148 148 SER SER A . n 
# 
loop_
_pdbx_nonpoly_scheme.asym_id 
_pdbx_nonpoly_scheme.entity_id 
_pdbx_nonpoly_scheme.mon_id 
_pdbx_nonpoly_scheme.ndb_seq_num 
_pdbx_nonpoly_scheme.pdb_seq_num 
_pdbx_nonpoly_scheme.auth_seq_num 
_pdbx_nonpoly_scheme.pdb_mon_id 
_pdbx_nonpoly_scheme.auth_mon_id 
_pdbx_nonpoly_scheme.pdb_strand_id 
_pdbx_nonpoly_scheme.pdb_ins_code 
B 2 FMN 1   1001 1001 FMN FMN A . 
C 3 SO4 1   1002 2001 SO4 SO4 A . 
D 4 GLC 1   1003 2002 GLC GLC A . 
E 5 HOH 1   1101 173  HOH HOH A . 
E 5 HOH 2   1102 111  HOH HOH A . 
E 5 HOH 3   1103 78   HOH HOH A . 
E 5 HOH 4   1104 110  HOH HOH A . 
E 5 HOH 5   1105 33   HOH HOH A . 
E 5 HOH 6   1106 48   HOH HOH A . 
E 5 HOH 7   1107 12   HOH HOH A . 
E 5 HOH 8   1108 60   HOH HOH A . 
E 5 HOH 9   1109 130  HOH HOH A . 
E 5 HOH 10  1110 90   HOH HOH A . 
E 5 HOH 11  1111 106  HOH HOH A . 
E 5 HOH 12  1112 147  HOH HOH A . 
E 5 HOH 13  1113 4    HOH HOH A . 
E 5 HOH 14  1114 54   HOH HOH A . 
E 5 HOH 15  1115 142  HOH HOH A . 
E 5 HOH 16  1116 156  HOH HOH A . 
E 5 HOH 17  1117 77   HOH HOH A . 
E 5 HOH 18  1118 28   HOH HOH A . 
E 5 HOH 19  1119 71   HOH HOH A . 
E 5 HOH 20  1120 136  HOH HOH A . 
E 5 HOH 21  1121 120  HOH HOH A . 
E 5 HOH 22  1122 68   HOH HOH A . 
E 5 HOH 23  1123 158  HOH HOH A . 
E 5 HOH 24  1124 61   HOH HOH A . 
E 5 HOH 25  1125 15   HOH HOH A . 
E 5 HOH 26  1126 20   HOH HOH A . 
E 5 HOH 27  1127 36   HOH HOH A . 
E 5 HOH 28  1128 16   HOH HOH A . 
E 5 HOH 29  1129 80   HOH HOH A . 
E 5 HOH 30  1130 163  HOH HOH A . 
E 5 HOH 31  1131 34   HOH HOH A . 
E 5 HOH 32  1132 119  HOH HOH A . 
E 5 HOH 33  1133 89   HOH HOH A . 
E 5 HOH 34  1134 153  HOH HOH A . 
E 5 HOH 35  1135 118  HOH HOH A . 
E 5 HOH 36  1136 47   HOH HOH A . 
E 5 HOH 37  1137 105  HOH HOH A . 
E 5 HOH 38  1138 75   HOH HOH A . 
E 5 HOH 39  1139 53   HOH HOH A . 
E 5 HOH 40  1140 117  HOH HOH A . 
E 5 HOH 41  1141 65   HOH HOH A . 
E 5 HOH 42  1142 93   HOH HOH A . 
E 5 HOH 43  1143 127  HOH HOH A . 
E 5 HOH 44  1144 51   HOH HOH A . 
E 5 HOH 45  1145 2    HOH HOH A . 
E 5 HOH 46  1146 44   HOH HOH A . 
E 5 HOH 47  1147 41   HOH HOH A . 
E 5 HOH 48  1148 1    HOH HOH A . 
E 5 HOH 49  1149 99   HOH HOH A . 
E 5 HOH 50  1150 95   HOH HOH A . 
E 5 HOH 51  1151 85   HOH HOH A . 
E 5 HOH 52  1152 132  HOH HOH A . 
E 5 HOH 53  1153 32   HOH HOH A . 
E 5 HOH 54  1154 59   HOH HOH A . 
E 5 HOH 55  1155 22   HOH HOH A . 
E 5 HOH 56  1156 94   HOH HOH A . 
E 5 HOH 57  1157 84   HOH HOH A . 
E 5 HOH 58  1158 10   HOH HOH A . 
E 5 HOH 59  1159 26   HOH HOH A . 
E 5 HOH 60  1160 115  HOH HOH A . 
E 5 HOH 61  1161 103  HOH HOH A . 
E 5 HOH 62  1162 39   HOH HOH A . 
E 5 HOH 63  1163 43   HOH HOH A . 
E 5 HOH 64  1164 11   HOH HOH A . 
E 5 HOH 65  1165 5    HOH HOH A . 
E 5 HOH 66  1166 35   HOH HOH A . 
E 5 HOH 67  1167 70   HOH HOH A . 
E 5 HOH 68  1168 52   HOH HOH A . 
E 5 HOH 69  1169 66   HOH HOH A . 
E 5 HOH 70  1170 160  HOH HOH A . 
E 5 HOH 71  1171 29   HOH HOH A . 
E 5 HOH 72  1172 97   HOH HOH A . 
E 5 HOH 73  1173 31   HOH HOH A . 
E 5 HOH 74  1174 56   HOH HOH A . 
E 5 HOH 75  1175 58   HOH HOH A . 
E 5 HOH 76  1176 64   HOH HOH A . 
E 5 HOH 77  1177 38   HOH HOH A . 
E 5 HOH 78  1178 81   HOH HOH A . 
E 5 HOH 79  1179 21   HOH HOH A . 
E 5 HOH 80  1180 9    HOH HOH A . 
E 5 HOH 81  1181 17   HOH HOH A . 
E 5 HOH 82  1182 3    HOH HOH A . 
E 5 HOH 83  1183 50   HOH HOH A . 
E 5 HOH 84  1184 40   HOH HOH A . 
E 5 HOH 85  1185 55   HOH HOH A . 
E 5 HOH 86  1186 167  HOH HOH A . 
E 5 HOH 87  1187 62   HOH HOH A . 
E 5 HOH 88  1188 46   HOH HOH A . 
E 5 HOH 89  1189 149  HOH HOH A . 
E 5 HOH 90  1190 6    HOH HOH A . 
E 5 HOH 91  1191 8    HOH HOH A . 
E 5 HOH 92  1192 79   HOH HOH A . 
E 5 HOH 93  1193 37   HOH HOH A . 
E 5 HOH 94  1194 121  HOH HOH A . 
E 5 HOH 95  1195 49   HOH HOH A . 
E 5 HOH 96  1196 67   HOH HOH A . 
E 5 HOH 97  1197 113  HOH HOH A . 
E 5 HOH 98  1198 125  HOH HOH A . 
E 5 HOH 99  1199 19   HOH HOH A . 
E 5 HOH 100 1200 74   HOH HOH A . 
E 5 HOH 101 1201 23   HOH HOH A . 
E 5 HOH 102 1202 13   HOH HOH A . 
E 5 HOH 103 1203 24   HOH HOH A . 
E 5 HOH 104 1204 7    HOH HOH A . 
E 5 HOH 105 1205 100  HOH HOH A . 
E 5 HOH 106 1206 102  HOH HOH A . 
E 5 HOH 107 1207 87   HOH HOH A . 
E 5 HOH 108 1208 123  HOH HOH A . 
E 5 HOH 109 1209 42   HOH HOH A . 
E 5 HOH 110 1210 72   HOH HOH A . 
E 5 HOH 111 1211 128  HOH HOH A . 
E 5 HOH 112 1212 14   HOH HOH A . 
E 5 HOH 113 1213 146  HOH HOH A . 
E 5 HOH 114 1214 107  HOH HOH A . 
E 5 HOH 115 1215 164  HOH HOH A . 
E 5 HOH 116 1216 151  HOH HOH A . 
E 5 HOH 117 1217 27   HOH HOH A . 
E 5 HOH 118 1218 25   HOH HOH A . 
E 5 HOH 119 1219 134  HOH HOH A . 
E 5 HOH 120 1220 45   HOH HOH A . 
E 5 HOH 121 1221 170  HOH HOH A . 
E 5 HOH 122 1222 131  HOH HOH A . 
E 5 HOH 123 1223 109  HOH HOH A . 
E 5 HOH 124 1224 122  HOH HOH A . 
E 5 HOH 125 1225 18   HOH HOH A . 
E 5 HOH 126 1226 165  HOH HOH A . 
E 5 HOH 127 1227 76   HOH HOH A . 
E 5 HOH 128 1228 57   HOH HOH A . 
E 5 HOH 129 1229 98   HOH HOH A . 
E 5 HOH 130 1230 91   HOH HOH A . 
E 5 HOH 131 1231 145  HOH HOH A . 
E 5 HOH 132 1232 168  HOH HOH A . 
E 5 HOH 133 1233 139  HOH HOH A . 
E 5 HOH 134 1234 108  HOH HOH A . 
E 5 HOH 135 1235 126  HOH HOH A . 
E 5 HOH 136 1236 169  HOH HOH A . 
E 5 HOH 137 1237 144  HOH HOH A . 
E 5 HOH 138 1238 104  HOH HOH A . 
E 5 HOH 139 1239 92   HOH HOH A . 
E 5 HOH 140 1240 129  HOH HOH A . 
E 5 HOH 141 1241 116  HOH HOH A . 
E 5 HOH 142 1242 63   HOH HOH A . 
E 5 HOH 143 1243 124  HOH HOH A . 
E 5 HOH 144 1244 141  HOH HOH A . 
E 5 HOH 145 1245 96   HOH HOH A . 
E 5 HOH 146 1246 86   HOH HOH A . 
E 5 HOH 147 1247 73   HOH HOH A . 
E 5 HOH 148 1248 69   HOH HOH A . 
E 5 HOH 149 1249 137  HOH HOH A . 
E 5 HOH 150 1250 161  HOH HOH A . 
E 5 HOH 151 1251 162  HOH HOH A . 
E 5 HOH 152 1252 133  HOH HOH A . 
E 5 HOH 153 1253 159  HOH HOH A . 
E 5 HOH 154 1254 154  HOH HOH A . 
E 5 HOH 155 1255 82   HOH HOH A . 
E 5 HOH 156 1256 155  HOH HOH A . 
E 5 HOH 157 1257 172  HOH HOH A . 
E 5 HOH 158 1258 157  HOH HOH A . 
E 5 HOH 159 1259 30   HOH HOH A . 
E 5 HOH 160 1260 166  HOH HOH A . 
E 5 HOH 161 1261 135  HOH HOH A . 
E 5 HOH 162 1262 171  HOH HOH A . 
E 5 HOH 163 1263 114  HOH HOH A . 
E 5 HOH 164 1264 148  HOH HOH A . 
E 5 HOH 165 1265 138  HOH HOH A . 
E 5 HOH 166 1266 112  HOH HOH A . 
E 5 HOH 167 1267 150  HOH HOH A . 
E 5 HOH 168 1268 101  HOH HOH A . 
E 5 HOH 169 1269 88   HOH HOH A . 
E 5 HOH 170 1270 140  HOH HOH A . 
E 5 HOH 171 1271 143  HOH HOH A . 
E 5 HOH 172 1272 152  HOH HOH A . 
E 5 HOH 173 1273 83   HOH HOH A . 
# 
loop_
_software.citation_id 
_software.classification 
_software.compiler_name 
_software.compiler_version 
_software.contact_author 
_software.contact_author_email 
_software.date 
_software.description 
_software.dependencies 
_software.hardware 
_software.language 
_software.location 
_software.mods 
_software.name 
_software.os 
_software.os_version 
_software.type 
_software.version 
_software.pdbx_ordinal 
? 'data reduction'  ? ? ? ? ? ? ? ? ? ? ? MOSFLM      ? ? ? .         1 
? 'data scaling'    ? ? ? ? ? ? ? ? ? ? ? Aimless     ? ? ? .         2 
? refinement        ? ? ? ? ? ? ? ? ? ? ? PHENIX      ? ? ? 1.13_2998 3 
? 'data extraction' ? ? ? ? ? ? ? ? ? ? ? PDB_EXTRACT ? ? ? 3.24      4 
# 
_cell.angle_alpha                  90.000 
_cell.angle_alpha_esd              ? 
_cell.angle_beta                   90.000 
_cell.angle_beta_esd               ? 
_cell.angle_gamma                  90.000 
_cell.angle_gamma_esd              ? 
_cell.entry_id                     6FT1 
_cell.details                      ? 
_cell.formula_units_Z              ? 
_cell.length_a                     38.840 
_cell.length_a_esd                 ? 
_cell.length_b                     44.860 
_cell.length_b_esd                 ? 
_cell.length_c                     81.420 
_cell.length_c_esd                 ? 
_cell.volume                       ? 
_cell.volume_esd                   ? 
_cell.Z_PDB                        4 
_cell.reciprocal_angle_alpha       ? 
_cell.reciprocal_angle_beta        ? 
_cell.reciprocal_angle_gamma       ? 
_cell.reciprocal_angle_alpha_esd   ? 
_cell.reciprocal_angle_beta_esd    ? 
_cell.reciprocal_angle_gamma_esd   ? 
_cell.reciprocal_length_a          ? 
_cell.reciprocal_length_b          ? 
_cell.reciprocal_length_c          ? 
_cell.reciprocal_length_a_esd      ? 
_cell.reciprocal_length_b_esd      ? 
_cell.reciprocal_length_c_esd      ? 
_cell.pdbx_unique_axis             ? 
# 
_symmetry.entry_id                         6FT1 
_symmetry.cell_setting                     ? 
_symmetry.Int_Tables_number                18 
_symmetry.space_group_name_Hall            ? 
_symmetry.space_group_name_H-M             'P 21 2 21' 
_symmetry.pdbx_full_space_group_name_H-M   ? 
# 
_exptl.absorpt_coefficient_mu     ? 
_exptl.absorpt_correction_T_max   ? 
_exptl.absorpt_correction_T_min   ? 
_exptl.absorpt_correction_type    ? 
_exptl.absorpt_process_details    ? 
_exptl.entry_id                   6FT1 
_exptl.crystals_number            1 
_exptl.details                    ? 
_exptl.method                     'X-RAY DIFFRACTION' 
_exptl.method_details             ? 
# 
_exptl_crystal.colour                      ? 
_exptl_crystal.density_diffrn              ? 
_exptl_crystal.density_Matthews            2.20 
_exptl_crystal.density_method              ? 
_exptl_crystal.density_percent_sol         44.11 
_exptl_crystal.description                 ? 
_exptl_crystal.F_000                       ? 
_exptl_crystal.id                          1 
_exptl_crystal.preparation                 ? 
_exptl_crystal.size_max                    ? 
_exptl_crystal.size_mid                    ? 
_exptl_crystal.size_min                    ? 
_exptl_crystal.size_rad                    ? 
_exptl_crystal.colour_lustre               ? 
_exptl_crystal.colour_modifier             ? 
_exptl_crystal.colour_primary              ? 
_exptl_crystal.density_meas                ? 
_exptl_crystal.density_meas_esd            ? 
_exptl_crystal.density_meas_gt             ? 
_exptl_crystal.density_meas_lt             ? 
_exptl_crystal.density_meas_temp           ? 
_exptl_crystal.density_meas_temp_esd       ? 
_exptl_crystal.density_meas_temp_gt        ? 
_exptl_crystal.density_meas_temp_lt        ? 
_exptl_crystal.pdbx_crystal_image_url      ? 
_exptl_crystal.pdbx_crystal_image_format   ? 
_exptl_crystal.pdbx_mosaicity              ? 
_exptl_crystal.pdbx_mosaicity_esd          ? 
# 
_exptl_crystal_grow.apparatus       ? 
_exptl_crystal_grow.atmosphere      ? 
_exptl_crystal_grow.crystal_id      1 
_exptl_crystal_grow.details         ? 
_exptl_crystal_grow.method          'VAPOR DIFFUSION, SITTING DROP' 
_exptl_crystal_grow.method_ref      ? 
_exptl_crystal_grow.pH              5 
_exptl_crystal_grow.pressure        ? 
_exptl_crystal_grow.pressure_esd    ? 
_exptl_crystal_grow.seeding         ? 
_exptl_crystal_grow.seeding_ref     ? 
_exptl_crystal_grow.temp            298 
_exptl_crystal_grow.temp_details    ? 
_exptl_crystal_grow.temp_esd        ? 
_exptl_crystal_grow.time            ? 
_exptl_crystal_grow.pdbx_details    '3.6 M ammonium sulfate and 0.1 M citric acid pH 4 (final pH 5)' 
_exptl_crystal_grow.pdbx_pH_range   ? 
# 
_diffrn.ambient_environment    ? 
_diffrn.ambient_temp           100 
_diffrn.ambient_temp_details   ? 
_diffrn.ambient_temp_esd       ? 
_diffrn.crystal_id             1 
_diffrn.crystal_support        ? 
_diffrn.crystal_treatment      ? 
_diffrn.details                ? 
_diffrn.id                     1 
_diffrn.ambient_pressure       ? 
_diffrn.ambient_pressure_esd   ? 
_diffrn.ambient_pressure_gt    ? 
_diffrn.ambient_pressure_lt    ? 
_diffrn.ambient_temp_gt        ? 
_diffrn.ambient_temp_lt        ? 
# 
_diffrn_detector.details                      ? 
_diffrn_detector.detector                     PIXEL 
_diffrn_detector.diffrn_id                    1 
_diffrn_detector.type                         'DECTRIS PILATUS 2M' 
_diffrn_detector.area_resol_mean              ? 
_diffrn_detector.dtime                        ? 
_diffrn_detector.pdbx_frames_total            ? 
_diffrn_detector.pdbx_collection_time_total   ? 
_diffrn_detector.pdbx_collection_date         2013-03-03 
# 
_diffrn_radiation.collimation                      ? 
_diffrn_radiation.diffrn_id                        1 
_diffrn_radiation.filter_edge                      ? 
_diffrn_radiation.inhomogeneity                    ? 
_diffrn_radiation.monochromator                    ? 
_diffrn_radiation.polarisn_norm                    ? 
_diffrn_radiation.polarisn_ratio                   ? 
_diffrn_radiation.probe                            ? 
_diffrn_radiation.type                             ? 
_diffrn_radiation.xray_symbol                      ? 
_diffrn_radiation.wavelength_id                    1 
_diffrn_radiation.pdbx_monochromatic_or_laue_m_l   M 
_diffrn_radiation.pdbx_wavelength_list             ? 
_diffrn_radiation.pdbx_wavelength                  ? 
_diffrn_radiation.pdbx_diffrn_protocol             'SINGLE WAVELENGTH' 
_diffrn_radiation.pdbx_analyzer                    ? 
_diffrn_radiation.pdbx_scattering_type             x-ray 
# 
_diffrn_radiation_wavelength.id           1 
_diffrn_radiation_wavelength.wavelength   0.70024 
_diffrn_radiation_wavelength.wt           1.0 
# 
_diffrn_source.current                     ? 
_diffrn_source.details                     ? 
_diffrn_source.diffrn_id                   1 
_diffrn_source.power                       ? 
_diffrn_source.size                        ? 
_diffrn_source.source                      SYNCHROTRON 
_diffrn_source.target                      ? 
_diffrn_source.type                        'ESRF BEAMLINE BM1A' 
_diffrn_source.voltage                     ? 
_diffrn_source.take-off_angle              ? 
_diffrn_source.pdbx_wavelength_list        0.70024 
_diffrn_source.pdbx_wavelength             ? 
_diffrn_source.pdbx_synchrotron_beamline   BM1A 
_diffrn_source.pdbx_synchrotron_site       ESRF 
# 
_reflns.B_iso_Wilson_estimate            9.950 
_reflns.entry_id                         6FT1 
_reflns.data_reduction_details           ? 
_reflns.data_reduction_method            ? 
_reflns.d_resolution_high                1.40 
_reflns.d_resolution_low                 39.291 
_reflns.details                          ? 
_reflns.limit_h_max                      ? 
_reflns.limit_h_min                      ? 
_reflns.limit_k_max                      ? 
_reflns.limit_k_min                      ? 
_reflns.limit_l_max                      ? 
_reflns.limit_l_min                      ? 
_reflns.number_all                       ? 
_reflns.number_obs                       28302 
_reflns.observed_criterion               ? 
_reflns.observed_criterion_F_max         ? 
_reflns.observed_criterion_F_min         ? 
_reflns.observed_criterion_I_max         ? 
_reflns.observed_criterion_I_min         ? 
_reflns.observed_criterion_sigma_F       ? 
_reflns.observed_criterion_sigma_I       ? 
_reflns.percent_possible_obs             98.8 
_reflns.R_free_details                   ? 
_reflns.Rmerge_F_all                     ? 
_reflns.Rmerge_F_obs                     ? 
_reflns.Friedel_coverage                 ? 
_reflns.number_gt                        ? 
_reflns.threshold_expression             ? 
_reflns.pdbx_redundancy                  3.7 
_reflns.pdbx_Rmerge_I_obs                0.067 
_reflns.pdbx_Rmerge_I_all                ? 
_reflns.pdbx_Rsym_value                  ? 
_reflns.pdbx_netI_over_av_sigmaI         ? 
_reflns.pdbx_netI_over_sigmaI            15.6 
_reflns.pdbx_res_netI_over_av_sigmaI_2   ? 
_reflns.pdbx_res_netI_over_sigmaI_2      ? 
_reflns.pdbx_chi_squared                 ? 
_reflns.pdbx_scaling_rejects             ? 
_reflns.pdbx_d_res_high_opt              ? 
_reflns.pdbx_d_res_low_opt               ? 
_reflns.pdbx_d_res_opt_method            ? 
_reflns.phase_calculation_details        ? 
_reflns.pdbx_Rrim_I_all                  0.077 
_reflns.pdbx_Rpim_I_all                  0.039 
_reflns.pdbx_d_opt                       ? 
_reflns.pdbx_number_measured_all         ? 
_reflns.pdbx_diffrn_id                   1 
_reflns.pdbx_ordinal                     1 
_reflns.pdbx_CC_half                     0.997 
_reflns.pdbx_R_split                     ? 
# 
_reflns_shell.d_res_high                  1.40 
_reflns_shell.d_res_low                   1.42 
_reflns_shell.meanI_over_sigI_all         ? 
_reflns_shell.meanI_over_sigI_obs         1.4 
_reflns_shell.number_measured_all         ? 
_reflns_shell.number_measured_obs         ? 
_reflns_shell.number_possible             ? 
_reflns_shell.number_unique_all           ? 
_reflns_shell.number_unique_obs           1382 
_reflns_shell.percent_possible_all        99.7 
_reflns_shell.percent_possible_obs        ? 
_reflns_shell.Rmerge_F_all                ? 
_reflns_shell.Rmerge_F_obs                ? 
_reflns_shell.Rmerge_I_all                ? 
_reflns_shell.Rmerge_I_obs                0.432 
_reflns_shell.meanI_over_sigI_gt          ? 
_reflns_shell.meanI_over_uI_all           ? 
_reflns_shell.meanI_over_uI_gt            ? 
_reflns_shell.number_measured_gt          ? 
_reflns_shell.number_unique_gt            ? 
_reflns_shell.percent_possible_gt         ? 
_reflns_shell.Rmerge_F_gt                 ? 
_reflns_shell.Rmerge_I_gt                 ? 
_reflns_shell.pdbx_redundancy             3.0 
_reflns_shell.pdbx_Rsym_value             ? 
_reflns_shell.pdbx_chi_squared            ? 
_reflns_shell.pdbx_netI_over_sigmaI_all   ? 
_reflns_shell.pdbx_netI_over_sigmaI_obs   ? 
_reflns_shell.pdbx_Rrim_I_all             0.524 
_reflns_shell.pdbx_Rpim_I_all             0.293 
_reflns_shell.pdbx_rejects                ? 
_reflns_shell.pdbx_ordinal                1 
_reflns_shell.pdbx_diffrn_id              1 
_reflns_shell.pdbx_CC_half                0.671 
_reflns_shell.pdbx_R_split                ? 
# 
_refine.aniso_B[1][1]                            ? 
_refine.aniso_B[1][2]                            ? 
_refine.aniso_B[1][3]                            ? 
_refine.aniso_B[2][2]                            ? 
_refine.aniso_B[2][3]                            ? 
_refine.aniso_B[3][3]                            ? 
_refine.B_iso_max                                92.560 
_refine.B_iso_mean                               14.5425 
_refine.B_iso_min                                5.000 
_refine.correlation_coeff_Fo_to_Fc               ? 
_refine.correlation_coeff_Fo_to_Fc_free          ? 
_refine.details                                  ? 
_refine.diff_density_max                         ? 
_refine.diff_density_max_esd                     ? 
_refine.diff_density_min                         ? 
_refine.diff_density_min_esd                     ? 
_refine.diff_density_rms                         ? 
_refine.diff_density_rms_esd                     ? 
_refine.entry_id                                 6FT1 
_refine.pdbx_refine_id                           'X-RAY DIFFRACTION' 
_refine.ls_abs_structure_details                 ? 
_refine.ls_abs_structure_Flack                   ? 
_refine.ls_abs_structure_Flack_esd               ? 
_refine.ls_abs_structure_Rogers                  ? 
_refine.ls_abs_structure_Rogers_esd              ? 
_refine.ls_d_res_high                            1.4000 
_refine.ls_d_res_low                             39.2910 
_refine.ls_extinction_coef                       ? 
_refine.ls_extinction_coef_esd                   ? 
_refine.ls_extinction_expression                 ? 
_refine.ls_extinction_method                     ? 
_refine.ls_goodness_of_fit_all                   ? 
_refine.ls_goodness_of_fit_all_esd               ? 
_refine.ls_goodness_of_fit_obs                   ? 
_refine.ls_goodness_of_fit_obs_esd               ? 
_refine.ls_hydrogen_treatment                    ? 
_refine.ls_matrix_type                           ? 
_refine.ls_number_constraints                    ? 
_refine.ls_number_parameters                     ? 
_refine.ls_number_reflns_all                     ? 
_refine.ls_number_reflns_obs                     28277 
_refine.ls_number_reflns_R_free                  1388 
_refine.ls_number_reflns_R_work                  ? 
_refine.ls_number_restraints                     ? 
_refine.ls_percent_reflns_obs                    98.3000 
_refine.ls_percent_reflns_R_free                 4.9100 
_refine.ls_R_factor_all                          ? 
_refine.ls_R_factor_obs                          0.1788 
_refine.ls_R_factor_R_free                       0.2045 
_refine.ls_R_factor_R_free_error                 ? 
_refine.ls_R_factor_R_free_error_details         ? 
_refine.ls_R_factor_R_work                       0.1775 
_refine.ls_R_Fsqd_factor_obs                     ? 
_refine.ls_R_I_factor_obs                        ? 
_refine.ls_redundancy_reflns_all                 ? 
_refine.ls_redundancy_reflns_obs                 ? 
_refine.ls_restrained_S_all                      ? 
_refine.ls_restrained_S_obs                      ? 
_refine.ls_shift_over_esd_max                    ? 
_refine.ls_shift_over_esd_mean                   ? 
_refine.ls_structure_factor_coef                 ? 
_refine.ls_weighting_details                     ? 
_refine.ls_weighting_scheme                      ? 
_refine.ls_wR_factor_all                         ? 
_refine.ls_wR_factor_obs                         ? 
_refine.ls_wR_factor_R_free                      ? 
_refine.ls_wR_factor_R_work                      ? 
_refine.occupancy_max                            ? 
_refine.occupancy_min                            ? 
_refine.solvent_model_details                    ? 
_refine.solvent_model_param_bsol                 ? 
_refine.solvent_model_param_ksol                 ? 
_refine.ls_R_factor_gt                           ? 
_refine.ls_goodness_of_fit_gt                    ? 
_refine.ls_goodness_of_fit_ref                   ? 
_refine.ls_shift_over_su_max                     ? 
_refine.ls_shift_over_su_max_lt                  ? 
_refine.ls_shift_over_su_mean                    ? 
_refine.ls_shift_over_su_mean_lt                 ? 
_refine.pdbx_ls_sigma_I                          ? 
_refine.pdbx_ls_sigma_F                          1.380 
_refine.pdbx_ls_sigma_Fsqd                       ? 
_refine.pdbx_data_cutoff_high_absF               ? 
_refine.pdbx_data_cutoff_high_rms_absF           ? 
_refine.pdbx_data_cutoff_low_absF                ? 
_refine.pdbx_isotropic_thermal_model             ? 
_refine.pdbx_ls_cross_valid_method               THROUGHOUT 
_refine.pdbx_method_to_determine_struct          'MOLECULAR REPLACEMENT' 
_refine.pdbx_starting_model                      1WSB 
_refine.pdbx_stereochemistry_target_values       ? 
_refine.pdbx_R_Free_selection_details            ? 
_refine.pdbx_stereochem_target_val_spec_case     ? 
_refine.pdbx_overall_ESU_R                       ? 
_refine.pdbx_overall_ESU_R_Free                  ? 
_refine.pdbx_solvent_vdw_probe_radii             1.1100 
_refine.pdbx_solvent_ion_probe_radii             ? 
_refine.pdbx_solvent_shrinkage_radii             0.9000 
_refine.pdbx_real_space_R                        ? 
_refine.pdbx_density_correlation                 ? 
_refine.pdbx_pd_number_of_powder_patterns        ? 
_refine.pdbx_pd_number_of_points                 ? 
_refine.pdbx_pd_meas_number_of_points            ? 
_refine.pdbx_pd_proc_ls_prof_R_factor            ? 
_refine.pdbx_pd_proc_ls_prof_wR_factor           ? 
_refine.pdbx_pd_Marquardt_correlation_coeff      ? 
_refine.pdbx_pd_Fsqrd_R_factor                   ? 
_refine.pdbx_pd_ls_matrix_band_width             ? 
_refine.pdbx_overall_phase_error                 20.4300 
_refine.pdbx_overall_SU_R_free_Cruickshank_DPI   ? 
_refine.pdbx_overall_SU_R_free_Blow_DPI          ? 
_refine.pdbx_overall_SU_R_Blow_DPI               ? 
_refine.pdbx_TLS_residual_ADP_flag               ? 
_refine.pdbx_diffrn_id                           1 
_refine.overall_SU_B                             ? 
_refine.overall_SU_ML                            0.1400 
_refine.overall_SU_R_Cruickshank_DPI             ? 
_refine.overall_SU_R_free                        ? 
_refine.overall_FOM_free_R_set                   ? 
_refine.overall_FOM_work_R_set                   ? 
_refine.pdbx_average_fsc_overall                 ? 
_refine.pdbx_average_fsc_work                    ? 
_refine.pdbx_average_fsc_free                    ? 
# 
_refine_hist.cycle_id                         final 
_refine_hist.pdbx_refine_id                   'X-RAY DIFFRACTION' 
_refine_hist.d_res_high                       1.4000 
_refine_hist.d_res_low                        39.2910 
_refine_hist.pdbx_number_atoms_ligand         48 
_refine_hist.number_atoms_solvent             178 
_refine_hist.number_atoms_total               1355 
_refine_hist.pdbx_number_residues_total       147 
_refine_hist.pdbx_B_iso_mean_ligand           24.16 
_refine_hist.pdbx_B_iso_mean_solvent          24.51 
_refine_hist.pdbx_number_atoms_protein        1129 
_refine_hist.pdbx_number_atoms_nucleic_acid   0 
# 
loop_
_refine_ls_shell.pdbx_refine_id 
_refine_ls_shell.d_res_high 
_refine_ls_shell.d_res_low 
_refine_ls_shell.number_reflns_all 
_refine_ls_shell.number_reflns_obs 
_refine_ls_shell.number_reflns_R_free 
_refine_ls_shell.number_reflns_R_work 
_refine_ls_shell.percent_reflns_obs 
_refine_ls_shell.percent_reflns_R_free 
_refine_ls_shell.R_factor_all 
_refine_ls_shell.R_factor_obs 
_refine_ls_shell.R_factor_R_free 
_refine_ls_shell.R_factor_R_free_error 
_refine_ls_shell.R_factor_R_work 
_refine_ls_shell.redundancy_reflns_all 
_refine_ls_shell.redundancy_reflns_obs 
_refine_ls_shell.wR_factor_all 
_refine_ls_shell.wR_factor_obs 
_refine_ls_shell.wR_factor_R_free 
_refine_ls_shell.wR_factor_R_work 
_refine_ls_shell.pdbx_total_number_of_bins_used 
_refine_ls_shell.pdbx_phase_error 
_refine_ls_shell.pdbx_fsc_work 
_refine_ls_shell.pdbx_fsc_free 
'X-RAY DIFFRACTION' 1.4000 1.4501  2817 . 130 2687 100.0000 . . . 0.2444 0.0000 0.2192 . . . . . . 10 . . . 
'X-RAY DIFFRACTION' 1.4501 1.5081  2794 . 144 2650 100.0000 . . . 0.2355 0.0000 0.2135 . . . . . . 10 . . . 
'X-RAY DIFFRACTION' 1.5081 1.5768  2822 . 145 2677 100.0000 . . . 0.2653 0.0000 0.2102 . . . . . . 10 . . . 
'X-RAY DIFFRACTION' 1.5768 1.6599  2814 . 139 2675 99.0000  . . . 0.2383 0.0000 0.2246 . . . . . . 10 . . . 
'X-RAY DIFFRACTION' 1.6599 1.7639  2783 . 120 2663 98.0000  . . . 0.3154 0.0000 0.2508 . . . . . . 10 . . . 
'X-RAY DIFFRACTION' 1.7639 1.9001  2814 . 143 2671 99.0000  . . . 0.2555 0.0000 0.2320 . . . . . . 10 . . . 
'X-RAY DIFFRACTION' 1.9001 2.0913  2841 . 150 2691 99.0000  . . . 0.2554 0.0000 0.1977 . . . . . . 10 . . . 
'X-RAY DIFFRACTION' 2.0913 2.3939  2823 . 136 2687 98.0000  . . . 0.1705 0.0000 0.1545 . . . . . . 10 . . . 
'X-RAY DIFFRACTION' 2.3939 3.0158  2819 . 132 2687 96.0000  . . . 0.1745 0.0000 0.1465 . . . . . . 10 . . . 
'X-RAY DIFFRACTION' 3.0158 39.3066 2950 . 149 2801 96.0000  . . . 0.1497 0.0000 0.1379 . . . . . . 10 . . . 
# 
_struct.entry_id                     6FT1 
_struct.title                        'Crystal structure of oxidised Flavodoxin 1 from Bacillus cereus (1.4 A resolution)' 
_struct.pdbx_model_details           ? 
_struct.pdbx_formula_weight          ? 
_struct.pdbx_formula_weight_method   ? 
_struct.pdbx_model_type_details      ? 
_struct.pdbx_CASP_flag               N 
# 
_struct_keywords.entry_id        6FT1 
_struct_keywords.text            'flavodoxin, electron transfer, FMN, ELECTRON TRANSPORT' 
_struct_keywords.pdbx_keywords   'ELECTRON TRANSPORT' 
# 
loop_
_struct_asym.id 
_struct_asym.pdbx_blank_PDB_chainid_flag 
_struct_asym.pdbx_modified 
_struct_asym.entity_id 
_struct_asym.details 
A N N 1 ? 
B N N 2 ? 
C N N 3 ? 
D N N 4 ? 
E N N 5 ? 
# 
_struct_ref.id                         1 
_struct_ref.db_name                    UNP 
_struct_ref.db_code                    R8KEI7_BACCE 
_struct_ref.pdbx_db_accession          R8KEI7 
_struct_ref.pdbx_db_isoform            ? 
_struct_ref.entity_id                  1 
_struct_ref.pdbx_seq_one_letter_code   
;SKLVMIFASMSGNTEEMADHIAGVIRETENEIEVIDIMDSPEASILEQYDGIILGAYTWGDGDLPDDFLDFYDAMDSIDL
TGKKAAVFGSCDSAYPKYGVAVDILIEKLQERGAAVVLEGLKVELTPEDEDVEKCLQFGAEFVKHLS
;
_struct_ref.pdbx_align_begin           2 
# 
_struct_ref_seq.align_id                      1 
_struct_ref_seq.ref_id                        1 
_struct_ref_seq.pdbx_PDB_id_code              6FT1 
_struct_ref_seq.pdbx_strand_id                A 
_struct_ref_seq.seq_align_beg                 1 
_struct_ref_seq.pdbx_seq_align_beg_ins_code   ? 
_struct_ref_seq.seq_align_end                 147 
_struct_ref_seq.pdbx_seq_align_end_ins_code   ? 
_struct_ref_seq.pdbx_db_accession             R8KEI7 
_struct_ref_seq.db_align_beg                  2 
_struct_ref_seq.pdbx_db_align_beg_ins_code    ? 
_struct_ref_seq.db_align_end                  148 
_struct_ref_seq.pdbx_db_align_end_ins_code    ? 
_struct_ref_seq.pdbx_auth_seq_align_beg       2 
_struct_ref_seq.pdbx_auth_seq_align_end       148 
# 
_pdbx_struct_assembly.id                   1 
_pdbx_struct_assembly.details              author_and_software_defined_assembly 
_pdbx_struct_assembly.method_details       PISA 
_pdbx_struct_assembly.oligomeric_details   monomeric 
_pdbx_struct_assembly.oligomeric_count     1 
# 
loop_
_pdbx_struct_assembly_prop.biol_id 
_pdbx_struct_assembly_prop.type 
_pdbx_struct_assembly_prop.value 
_pdbx_struct_assembly_prop.details 
1 'ABSA (A^2)' 1110 ? 
1 MORE         -16  ? 
1 'SSA (A^2)'  7240 ? 
# 
_pdbx_struct_assembly_gen.assembly_id       1 
_pdbx_struct_assembly_gen.oper_expression   1 
_pdbx_struct_assembly_gen.asym_id_list      A,B,C,D,E 
# 
_pdbx_struct_assembly_auth_evidence.id                     1 
_pdbx_struct_assembly_auth_evidence.assembly_id            1 
_pdbx_struct_assembly_auth_evidence.experimental_support   none 
_pdbx_struct_assembly_auth_evidence.details                ? 
# 
_pdbx_struct_oper_list.id                   1 
_pdbx_struct_oper_list.type                 'identity operation' 
_pdbx_struct_oper_list.name                 1_555 
_pdbx_struct_oper_list.symmetry_operation   x,y,z 
_pdbx_struct_oper_list.matrix[1][1]         1.0000000000 
_pdbx_struct_oper_list.matrix[1][2]         0.0000000000 
_pdbx_struct_oper_list.matrix[1][3]         0.0000000000 
_pdbx_struct_oper_list.vector[1]            0.0000000000 
_pdbx_struct_oper_list.matrix[2][1]         0.0000000000 
_pdbx_struct_oper_list.matrix[2][2]         1.0000000000 
_pdbx_struct_oper_list.matrix[2][3]         0.0000000000 
_pdbx_struct_oper_list.vector[2]            0.0000000000 
_pdbx_struct_oper_list.matrix[3][1]         0.0000000000 
_pdbx_struct_oper_list.matrix[3][2]         0.0000000000 
_pdbx_struct_oper_list.matrix[3][3]         1.0000000000 
_pdbx_struct_oper_list.vector[3]            0.0000000000 
# 
loop_
_struct_conf.conf_type_id 
_struct_conf.id 
_struct_conf.pdbx_PDB_helix_id 
_struct_conf.beg_label_comp_id 
_struct_conf.beg_label_asym_id 
_struct_conf.beg_label_seq_id 
_struct_conf.pdbx_beg_PDB_ins_code 
_struct_conf.end_label_comp_id 
_struct_conf.end_label_asym_id 
_struct_conf.end_label_seq_id 
_struct_conf.pdbx_end_PDB_ins_code 
_struct_conf.beg_auth_comp_id 
_struct_conf.beg_auth_asym_id 
_struct_conf.beg_auth_seq_id 
_struct_conf.end_auth_comp_id 
_struct_conf.end_auth_asym_id 
_struct_conf.end_auth_seq_id 
_struct_conf.pdbx_PDB_helix_class 
_struct_conf.details 
_struct_conf.pdbx_PDB_helix_length 
HELX_P HELX_P1 AA1 GLY A 12  ? GLU A 27  ? GLY A 13  GLU A 28  1 ? 16 
HELX_P HELX_P2 AA2 MET A 38  ? SER A 40  ? MET A 39  SER A 41  5 ? 3  
HELX_P HELX_P3 AA3 GLU A 42  ? TYR A 49  ? GLU A 43  TYR A 50  5 ? 8  
HELX_P HELX_P4 AA4 PRO A 65  ? ASP A 67  ? PRO A 66  ASP A 68  5 ? 3  
HELX_P HELX_P5 AA5 PHE A 68  ? MET A 75  ? PHE A 69  MET A 76  1 ? 8  
HELX_P HELX_P6 AA6 ASP A 76  ? ILE A 78  ? ASP A 77  ILE A 79  5 ? 3  
HELX_P HELX_P7 AA7 GLY A 99  ? ARG A 112 ? GLY A 100 ARG A 113 1 ? 14 
HELX_P HELX_P8 AA8 GLU A 128 ? HIS A 145 ? GLU A 129 HIS A 146 1 ? 18 
# 
_struct_conf_type.id          HELX_P 
_struct_conf_type.criteria    ? 
_struct_conf_type.reference   ? 
# 
loop_
_struct_sheet.id 
_struct_sheet.type 
_struct_sheet.number_strands 
_struct_sheet.details 
AA1 ? 5 ? 
AA2 ? 5 ? 
# 
loop_
_struct_sheet_order.sheet_id 
_struct_sheet_order.range_id_1 
_struct_sheet_order.range_id_2 
_struct_sheet_order.offset 
_struct_sheet_order.sense 
AA1 1 2 ? parallel 
AA1 2 3 ? parallel 
AA1 3 4 ? parallel 
AA1 4 5 ? parallel 
AA2 1 2 ? parallel 
AA2 2 3 ? parallel 
AA2 3 4 ? parallel 
AA2 4 5 ? parallel 
# 
loop_
_struct_sheet_range.sheet_id 
_struct_sheet_range.id 
_struct_sheet_range.beg_label_comp_id 
_struct_sheet_range.beg_label_asym_id 
_struct_sheet_range.beg_label_seq_id 
_struct_sheet_range.pdbx_beg_PDB_ins_code 
_struct_sheet_range.end_label_comp_id 
_struct_sheet_range.end_label_asym_id 
_struct_sheet_range.end_label_seq_id 
_struct_sheet_range.pdbx_end_PDB_ins_code 
_struct_sheet_range.beg_auth_comp_id 
_struct_sheet_range.beg_auth_asym_id 
_struct_sheet_range.beg_auth_seq_id 
_struct_sheet_range.end_auth_comp_id 
_struct_sheet_range.end_auth_asym_id 
_struct_sheet_range.end_auth_seq_id 
AA1 1 GLU A 31  ? ASP A 36  ? GLU A 32  ASP A 37  
AA1 2 LYS A 2   ? ALA A 8   ? LYS A 3   ALA A 9   
AA1 3 GLY A 51  ? ALA A 56  ? GLY A 52  ALA A 57  
AA1 4 LYS A 84  ? CYS A 91  ? LYS A 85  CYS A 92  
AA1 5 ALA A 115 ? VAL A 116 ? ALA A 116 VAL A 117 
AA2 1 GLU A 31  ? ASP A 36  ? GLU A 32  ASP A 37  
AA2 2 LYS A 2   ? ALA A 8   ? LYS A 3   ALA A 9   
AA2 3 GLY A 51  ? ALA A 56  ? GLY A 52  ALA A 57  
AA2 4 LYS A 84  ? CYS A 91  ? LYS A 85  CYS A 92  
AA2 5 LEU A 121 ? GLU A 124 ? LEU A 122 GLU A 125 
# 
loop_
_pdbx_struct_sheet_hbond.sheet_id 
_pdbx_struct_sheet_hbond.range_id_1 
_pdbx_struct_sheet_hbond.range_id_2 
_pdbx_struct_sheet_hbond.range_1_label_atom_id 
_pdbx_struct_sheet_hbond.range_1_label_comp_id 
_pdbx_struct_sheet_hbond.range_1_label_asym_id 
_pdbx_struct_sheet_hbond.range_1_label_seq_id 
_pdbx_struct_sheet_hbond.range_1_PDB_ins_code 
_pdbx_struct_sheet_hbond.range_1_auth_atom_id 
_pdbx_struct_sheet_hbond.range_1_auth_comp_id 
_pdbx_struct_sheet_hbond.range_1_auth_asym_id 
_pdbx_struct_sheet_hbond.range_1_auth_seq_id 
_pdbx_struct_sheet_hbond.range_2_label_atom_id 
_pdbx_struct_sheet_hbond.range_2_label_comp_id 
_pdbx_struct_sheet_hbond.range_2_label_asym_id 
_pdbx_struct_sheet_hbond.range_2_label_seq_id 
_pdbx_struct_sheet_hbond.range_2_PDB_ins_code 
_pdbx_struct_sheet_hbond.range_2_auth_atom_id 
_pdbx_struct_sheet_hbond.range_2_auth_comp_id 
_pdbx_struct_sheet_hbond.range_2_auth_asym_id 
_pdbx_struct_sheet_hbond.range_2_auth_seq_id 
AA1 1 2 O ILE A 35 ? O ILE A 36 N MET A 5   ? N MET A 6   
AA1 2 3 N ILE A 6  ? N ILE A 7  O GLY A 55  ? O GLY A 56  
AA1 3 4 N ILE A 52 ? N ILE A 53 O LYS A 84  ? O LYS A 85  
AA1 4 5 N ALA A 85 ? N ALA A 86 O ALA A 115 ? O ALA A 116 
AA2 1 2 O ILE A 35 ? O ILE A 36 N MET A 5   ? N MET A 6   
AA2 2 3 N ILE A 6  ? N ILE A 7  O GLY A 55  ? O GLY A 56  
AA2 3 4 N ILE A 52 ? N ILE A 53 O LYS A 84  ? O LYS A 85  
AA2 4 5 N CYS A 91 ? N CYS A 92 O VAL A 123 ? O VAL A 124 
# 
_pdbx_validate_rmsd_angle.id                         1 
_pdbx_validate_rmsd_angle.PDB_model_num              1 
_pdbx_validate_rmsd_angle.auth_atom_id_1             CB 
_pdbx_validate_rmsd_angle.auth_asym_id_1             A 
_pdbx_validate_rmsd_angle.auth_comp_id_1             ASP 
_pdbx_validate_rmsd_angle.auth_seq_id_1              130 
_pdbx_validate_rmsd_angle.PDB_ins_code_1             ? 
_pdbx_validate_rmsd_angle.label_alt_id_1             ? 
_pdbx_validate_rmsd_angle.auth_atom_id_2             CG 
_pdbx_validate_rmsd_angle.auth_asym_id_2             A 
_pdbx_validate_rmsd_angle.auth_comp_id_2             ASP 
_pdbx_validate_rmsd_angle.auth_seq_id_2              130 
_pdbx_validate_rmsd_angle.PDB_ins_code_2             ? 
_pdbx_validate_rmsd_angle.label_alt_id_2             ? 
_pdbx_validate_rmsd_angle.auth_atom_id_3             OD1 
_pdbx_validate_rmsd_angle.auth_asym_id_3             A 
_pdbx_validate_rmsd_angle.auth_comp_id_3             ASP 
_pdbx_validate_rmsd_angle.auth_seq_id_3              130 
_pdbx_validate_rmsd_angle.PDB_ins_code_3             ? 
_pdbx_validate_rmsd_angle.label_alt_id_3             ? 
_pdbx_validate_rmsd_angle.angle_value                123.89 
_pdbx_validate_rmsd_angle.angle_target_value         118.30 
_pdbx_validate_rmsd_angle.angle_deviation            5.59 
_pdbx_validate_rmsd_angle.angle_standard_deviation   0.90 
_pdbx_validate_rmsd_angle.linker_flag                N 
# 
loop_
_pdbx_validate_torsion.id 
_pdbx_validate_torsion.PDB_model_num 
_pdbx_validate_torsion.auth_comp_id 
_pdbx_validate_torsion.auth_asym_id 
_pdbx_validate_torsion.auth_seq_id 
_pdbx_validate_torsion.PDB_ins_code 
_pdbx_validate_torsion.label_alt_id 
_pdbx_validate_torsion.phi 
_pdbx_validate_torsion.psi 
1 1 TRP A 60  ? A -117.98 -161.51 
2 1 ASP A 62  ? B -91.91  57.24   
3 1 LEU A 126 ? ? 53.01   -129.81 
# 
loop_
_chem_comp_atom.comp_id 
_chem_comp_atom.atom_id 
_chem_comp_atom.type_symbol 
_chem_comp_atom.pdbx_aromatic_flag 
_chem_comp_atom.pdbx_stereo_config 
_chem_comp_atom.pdbx_ordinal 
ALA N      N N N 1   
ALA CA     C N S 2   
ALA C      C N N 3   
ALA O      O N N 4   
ALA CB     C N N 5   
ALA OXT    O N N 6   
ALA H      H N N 7   
ALA H2     H N N 8   
ALA HA     H N N 9   
ALA HB1    H N N 10  
ALA HB2    H N N 11  
ALA HB3    H N N 12  
ALA HXT    H N N 13  
ARG N      N N N 14  
ARG CA     C N S 15  
ARG C      C N N 16  
ARG O      O N N 17  
ARG CB     C N N 18  
ARG CG     C N N 19  
ARG CD     C N N 20  
ARG NE     N N N 21  
ARG CZ     C N N 22  
ARG NH1    N N N 23  
ARG NH2    N N N 24  
ARG OXT    O N N 25  
ARG H      H N N 26  
ARG H2     H N N 27  
ARG HA     H N N 28  
ARG HB2    H N N 29  
ARG HB3    H N N 30  
ARG HG2    H N N 31  
ARG HG3    H N N 32  
ARG HD2    H N N 33  
ARG HD3    H N N 34  
ARG HE     H N N 35  
ARG HH11   H N N 36  
ARG HH12   H N N 37  
ARG HH21   H N N 38  
ARG HH22   H N N 39  
ARG HXT    H N N 40  
ASN N      N N N 41  
ASN CA     C N S 42  
ASN C      C N N 43  
ASN O      O N N 44  
ASN CB     C N N 45  
ASN CG     C N N 46  
ASN OD1    O N N 47  
ASN ND2    N N N 48  
ASN OXT    O N N 49  
ASN H      H N N 50  
ASN H2     H N N 51  
ASN HA     H N N 52  
ASN HB2    H N N 53  
ASN HB3    H N N 54  
ASN HD21   H N N 55  
ASN HD22   H N N 56  
ASN HXT    H N N 57  
ASP N      N N N 58  
ASP CA     C N S 59  
ASP C      C N N 60  
ASP O      O N N 61  
ASP CB     C N N 62  
ASP CG     C N N 63  
ASP OD1    O N N 64  
ASP OD2    O N N 65  
ASP OXT    O N N 66  
ASP H      H N N 67  
ASP H2     H N N 68  
ASP HA     H N N 69  
ASP HB2    H N N 70  
ASP HB3    H N N 71  
ASP HD2    H N N 72  
ASP HXT    H N N 73  
CYS N      N N N 74  
CYS CA     C N R 75  
CYS C      C N N 76  
CYS O      O N N 77  
CYS CB     C N N 78  
CYS SG     S N N 79  
CYS OXT    O N N 80  
CYS H      H N N 81  
CYS H2     H N N 82  
CYS HA     H N N 83  
CYS HB2    H N N 84  
CYS HB3    H N N 85  
CYS HG     H N N 86  
CYS HXT    H N N 87  
FMN N1     N N N 88  
FMN C2     C N N 89  
FMN O2     O N N 90  
FMN N3     N N N 91  
FMN C4     C N N 92  
FMN O4     O N N 93  
FMN C4A    C N N 94  
FMN N5     N N N 95  
FMN C5A    C Y N 96  
FMN C6     C Y N 97  
FMN C7     C Y N 98  
FMN C7M    C N N 99  
FMN C8     C Y N 100 
FMN C8M    C N N 101 
FMN C9     C Y N 102 
FMN C9A    C Y N 103 
FMN N10    N N N 104 
FMN C10    C N N 105 
FMN "C1'"  C N N 106 
FMN "C2'"  C N S 107 
FMN "O2'"  O N N 108 
FMN "C3'"  C N S 109 
FMN "O3'"  O N N 110 
FMN "C4'"  C N R 111 
FMN "O4'"  O N N 112 
FMN "C5'"  C N N 113 
FMN "O5'"  O N N 114 
FMN P      P N N 115 
FMN O1P    O N N 116 
FMN O2P    O N N 117 
FMN O3P    O N N 118 
FMN HN3    H N N 119 
FMN H6     H N N 120 
FMN HM71   H N N 121 
FMN HM72   H N N 122 
FMN HM73   H N N 123 
FMN HM81   H N N 124 
FMN HM82   H N N 125 
FMN HM83   H N N 126 
FMN H9     H N N 127 
FMN "H1'1" H N N 128 
FMN "H1'2" H N N 129 
FMN "H2'"  H N N 130 
FMN "HO2'" H N N 131 
FMN "H3'"  H N N 132 
FMN "HO3'" H N N 133 
FMN "H4'"  H N N 134 
FMN "HO4'" H N N 135 
FMN "H5'1" H N N 136 
FMN "H5'2" H N N 137 
FMN HOP2   H N N 138 
FMN HOP3   H N N 139 
GLC C1     C N S 140 
GLC C2     C N R 141 
GLC C3     C N S 142 
GLC C4     C N S 143 
GLC C5     C N R 144 
GLC C6     C N N 145 
GLC O1     O N N 146 
GLC O2     O N N 147 
GLC O3     O N N 148 
GLC O4     O N N 149 
GLC O5     O N N 150 
GLC O6     O N N 151 
GLC H1     H N N 152 
GLC H2     H N N 153 
GLC H3     H N N 154 
GLC H4     H N N 155 
GLC H5     H N N 156 
GLC H61    H N N 157 
GLC H62    H N N 158 
GLC HO1    H N N 159 
GLC HO2    H N N 160 
GLC HO3    H N N 161 
GLC HO4    H N N 162 
GLC HO6    H N N 163 
GLN N      N N N 164 
GLN CA     C N S 165 
GLN C      C N N 166 
GLN O      O N N 167 
GLN CB     C N N 168 
GLN CG     C N N 169 
GLN CD     C N N 170 
GLN OE1    O N N 171 
GLN NE2    N N N 172 
GLN OXT    O N N 173 
GLN H      H N N 174 
GLN H2     H N N 175 
GLN HA     H N N 176 
GLN HB2    H N N 177 
GLN HB3    H N N 178 
GLN HG2    H N N 179 
GLN HG3    H N N 180 
GLN HE21   H N N 181 
GLN HE22   H N N 182 
GLN HXT    H N N 183 
GLU N      N N N 184 
GLU CA     C N S 185 
GLU C      C N N 186 
GLU O      O N N 187 
GLU CB     C N N 188 
GLU CG     C N N 189 
GLU CD     C N N 190 
GLU OE1    O N N 191 
GLU OE2    O N N 192 
GLU OXT    O N N 193 
GLU H      H N N 194 
GLU H2     H N N 195 
GLU HA     H N N 196 
GLU HB2    H N N 197 
GLU HB3    H N N 198 
GLU HG2    H N N 199 
GLU HG3    H N N 200 
GLU HE2    H N N 201 
GLU HXT    H N N 202 
GLY N      N N N 203 
GLY CA     C N N 204 
GLY C      C N N 205 
GLY O      O N N 206 
GLY OXT    O N N 207 
GLY H      H N N 208 
GLY H2     H N N 209 
GLY HA2    H N N 210 
GLY HA3    H N N 211 
GLY HXT    H N N 212 
HIS N      N N N 213 
HIS CA     C N S 214 
HIS C      C N N 215 
HIS O      O N N 216 
HIS CB     C N N 217 
HIS CG     C Y N 218 
HIS ND1    N Y N 219 
HIS CD2    C Y N 220 
HIS CE1    C Y N 221 
HIS NE2    N Y N 222 
HIS OXT    O N N 223 
HIS H      H N N 224 
HIS H2     H N N 225 
HIS HA     H N N 226 
HIS HB2    H N N 227 
HIS HB3    H N N 228 
HIS HD1    H N N 229 
HIS HD2    H N N 230 
HIS HE1    H N N 231 
HIS HE2    H N N 232 
HIS HXT    H N N 233 
HOH O      O N N 234 
HOH H1     H N N 235 
HOH H2     H N N 236 
ILE N      N N N 237 
ILE CA     C N S 238 
ILE C      C N N 239 
ILE O      O N N 240 
ILE CB     C N S 241 
ILE CG1    C N N 242 
ILE CG2    C N N 243 
ILE CD1    C N N 244 
ILE OXT    O N N 245 
ILE H      H N N 246 
ILE H2     H N N 247 
ILE HA     H N N 248 
ILE HB     H N N 249 
ILE HG12   H N N 250 
ILE HG13   H N N 251 
ILE HG21   H N N 252 
ILE HG22   H N N 253 
ILE HG23   H N N 254 
ILE HD11   H N N 255 
ILE HD12   H N N 256 
ILE HD13   H N N 257 
ILE HXT    H N N 258 
LEU N      N N N 259 
LEU CA     C N S 260 
LEU C      C N N 261 
LEU O      O N N 262 
LEU CB     C N N 263 
LEU CG     C N N 264 
LEU CD1    C N N 265 
LEU CD2    C N N 266 
LEU OXT    O N N 267 
LEU H      H N N 268 
LEU H2     H N N 269 
LEU HA     H N N 270 
LEU HB2    H N N 271 
LEU HB3    H N N 272 
LEU HG     H N N 273 
LEU HD11   H N N 274 
LEU HD12   H N N 275 
LEU HD13   H N N 276 
LEU HD21   H N N 277 
LEU HD22   H N N 278 
LEU HD23   H N N 279 
LEU HXT    H N N 280 
LYS N      N N N 281 
LYS CA     C N S 282 
LYS C      C N N 283 
LYS O      O N N 284 
LYS CB     C N N 285 
LYS CG     C N N 286 
LYS CD     C N N 287 
LYS CE     C N N 288 
LYS NZ     N N N 289 
LYS OXT    O N N 290 
LYS H      H N N 291 
LYS H2     H N N 292 
LYS HA     H N N 293 
LYS HB2    H N N 294 
LYS HB3    H N N 295 
LYS HG2    H N N 296 
LYS HG3    H N N 297 
LYS HD2    H N N 298 
LYS HD3    H N N 299 
LYS HE2    H N N 300 
LYS HE3    H N N 301 
LYS HZ1    H N N 302 
LYS HZ2    H N N 303 
LYS HZ3    H N N 304 
LYS HXT    H N N 305 
MET N      N N N 306 
MET CA     C N S 307 
MET C      C N N 308 
MET O      O N N 309 
MET CB     C N N 310 
MET CG     C N N 311 
MET SD     S N N 312 
MET CE     C N N 313 
MET OXT    O N N 314 
MET H      H N N 315 
MET H2     H N N 316 
MET HA     H N N 317 
MET HB2    H N N 318 
MET HB3    H N N 319 
MET HG2    H N N 320 
MET HG3    H N N 321 
MET HE1    H N N 322 
MET HE2    H N N 323 
MET HE3    H N N 324 
MET HXT    H N N 325 
PHE N      N N N 326 
PHE CA     C N S 327 
PHE C      C N N 328 
PHE O      O N N 329 
PHE CB     C N N 330 
PHE CG     C Y N 331 
PHE CD1    C Y N 332 
PHE CD2    C Y N 333 
PHE CE1    C Y N 334 
PHE CE2    C Y N 335 
PHE CZ     C Y N 336 
PHE OXT    O N N 337 
PHE H      H N N 338 
PHE H2     H N N 339 
PHE HA     H N N 340 
PHE HB2    H N N 341 
PHE HB3    H N N 342 
PHE HD1    H N N 343 
PHE HD2    H N N 344 
PHE HE1    H N N 345 
PHE HE2    H N N 346 
PHE HZ     H N N 347 
PHE HXT    H N N 348 
PRO N      N N N 349 
PRO CA     C N S 350 
PRO C      C N N 351 
PRO O      O N N 352 
PRO CB     C N N 353 
PRO CG     C N N 354 
PRO CD     C N N 355 
PRO OXT    O N N 356 
PRO H      H N N 357 
PRO HA     H N N 358 
PRO HB2    H N N 359 
PRO HB3    H N N 360 
PRO HG2    H N N 361 
PRO HG3    H N N 362 
PRO HD2    H N N 363 
PRO HD3    H N N 364 
PRO HXT    H N N 365 
SER N      N N N 366 
SER CA     C N S 367 
SER C      C N N 368 
SER O      O N N 369 
SER CB     C N N 370 
SER OG     O N N 371 
SER OXT    O N N 372 
SER H      H N N 373 
SER H2     H N N 374 
SER HA     H N N 375 
SER HB2    H N N 376 
SER HB3    H N N 377 
SER HG     H N N 378 
SER HXT    H N N 379 
SO4 S      S N N 380 
SO4 O1     O N N 381 
SO4 O2     O N N 382 
SO4 O3     O N N 383 
SO4 O4     O N N 384 
THR N      N N N 385 
THR CA     C N S 386 
THR C      C N N 387 
THR O      O N N 388 
THR CB     C N R 389 
THR OG1    O N N 390 
THR CG2    C N N 391 
THR OXT    O N N 392 
THR H      H N N 393 
THR H2     H N N 394 
THR HA     H N N 395 
THR HB     H N N 396 
THR HG1    H N N 397 
THR HG21   H N N 398 
THR HG22   H N N 399 
THR HG23   H N N 400 
THR HXT    H N N 401 
TRP N      N N N 402 
TRP CA     C N S 403 
TRP C      C N N 404 
TRP O      O N N 405 
TRP CB     C N N 406 
TRP CG     C Y N 407 
TRP CD1    C Y N 408 
TRP CD2    C Y N 409 
TRP NE1    N Y N 410 
TRP CE2    C Y N 411 
TRP CE3    C Y N 412 
TRP CZ2    C Y N 413 
TRP CZ3    C Y N 414 
TRP CH2    C Y N 415 
TRP OXT    O N N 416 
TRP H      H N N 417 
TRP H2     H N N 418 
TRP HA     H N N 419 
TRP HB2    H N N 420 
TRP HB3    H N N 421 
TRP HD1    H N N 422 
TRP HE1    H N N 423 
TRP HE3    H N N 424 
TRP HZ2    H N N 425 
TRP HZ3    H N N 426 
TRP HH2    H N N 427 
TRP HXT    H N N 428 
TYR N      N N N 429 
TYR CA     C N S 430 
TYR C      C N N 431 
TYR O      O N N 432 
TYR CB     C N N 433 
TYR CG     C Y N 434 
TYR CD1    C Y N 435 
TYR CD2    C Y N 436 
TYR CE1    C Y N 437 
TYR CE2    C Y N 438 
TYR CZ     C Y N 439 
TYR OH     O N N 440 
TYR OXT    O N N 441 
TYR H      H N N 442 
TYR H2     H N N 443 
TYR HA     H N N 444 
TYR HB2    H N N 445 
TYR HB3    H N N 446 
TYR HD1    H N N 447 
TYR HD2    H N N 448 
TYR HE1    H N N 449 
TYR HE2    H N N 450 
TYR HH     H N N 451 
TYR HXT    H N N 452 
VAL N      N N N 453 
VAL CA     C N S 454 
VAL C      C N N 455 
VAL O      O N N 456 
VAL CB     C N N 457 
VAL CG1    C N N 458 
VAL CG2    C N N 459 
VAL OXT    O N N 460 
VAL H      H N N 461 
VAL H2     H N N 462 
VAL HA     H N N 463 
VAL HB     H N N 464 
VAL HG11   H N N 465 
VAL HG12   H N N 466 
VAL HG13   H N N 467 
VAL HG21   H N N 468 
VAL HG22   H N N 469 
VAL HG23   H N N 470 
VAL HXT    H N N 471 
# 
loop_
_chem_comp_bond.comp_id 
_chem_comp_bond.atom_id_1 
_chem_comp_bond.atom_id_2 
_chem_comp_bond.value_order 
_chem_comp_bond.pdbx_aromatic_flag 
_chem_comp_bond.pdbx_stereo_config 
_chem_comp_bond.pdbx_ordinal 
ALA N     CA     sing N N 1   
ALA N     H      sing N N 2   
ALA N     H2     sing N N 3   
ALA CA    C      sing N N 4   
ALA CA    CB     sing N N 5   
ALA CA    HA     sing N N 6   
ALA C     O      doub N N 7   
ALA C     OXT    sing N N 8   
ALA CB    HB1    sing N N 9   
ALA CB    HB2    sing N N 10  
ALA CB    HB3    sing N N 11  
ALA OXT   HXT    sing N N 12  
ARG N     CA     sing N N 13  
ARG N     H      sing N N 14  
ARG N     H2     sing N N 15  
ARG CA    C      sing N N 16  
ARG CA    CB     sing N N 17  
ARG CA    HA     sing N N 18  
ARG C     O      doub N N 19  
ARG C     OXT    sing N N 20  
ARG CB    CG     sing N N 21  
ARG CB    HB2    sing N N 22  
ARG CB    HB3    sing N N 23  
ARG CG    CD     sing N N 24  
ARG CG    HG2    sing N N 25  
ARG CG    HG3    sing N N 26  
ARG CD    NE     sing N N 27  
ARG CD    HD2    sing N N 28  
ARG CD    HD3    sing N N 29  
ARG NE    CZ     sing N N 30  
ARG NE    HE     sing N N 31  
ARG CZ    NH1    sing N N 32  
ARG CZ    NH2    doub N N 33  
ARG NH1   HH11   sing N N 34  
ARG NH1   HH12   sing N N 35  
ARG NH2   HH21   sing N N 36  
ARG NH2   HH22   sing N N 37  
ARG OXT   HXT    sing N N 38  
ASN N     CA     sing N N 39  
ASN N     H      sing N N 40  
ASN N     H2     sing N N 41  
ASN CA    C      sing N N 42  
ASN CA    CB     sing N N 43  
ASN CA    HA     sing N N 44  
ASN C     O      doub N N 45  
ASN C     OXT    sing N N 46  
ASN CB    CG     sing N N 47  
ASN CB    HB2    sing N N 48  
ASN CB    HB3    sing N N 49  
ASN CG    OD1    doub N N 50  
ASN CG    ND2    sing N N 51  
ASN ND2   HD21   sing N N 52  
ASN ND2   HD22   sing N N 53  
ASN OXT   HXT    sing N N 54  
ASP N     CA     sing N N 55  
ASP N     H      sing N N 56  
ASP N     H2     sing N N 57  
ASP CA    C      sing N N 58  
ASP CA    CB     sing N N 59  
ASP CA    HA     sing N N 60  
ASP C     O      doub N N 61  
ASP C     OXT    sing N N 62  
ASP CB    CG     sing N N 63  
ASP CB    HB2    sing N N 64  
ASP CB    HB3    sing N N 65  
ASP CG    OD1    doub N N 66  
ASP CG    OD2    sing N N 67  
ASP OD2   HD2    sing N N 68  
ASP OXT   HXT    sing N N 69  
CYS N     CA     sing N N 70  
CYS N     H      sing N N 71  
CYS N     H2     sing N N 72  
CYS CA    C      sing N N 73  
CYS CA    CB     sing N N 74  
CYS CA    HA     sing N N 75  
CYS C     O      doub N N 76  
CYS C     OXT    sing N N 77  
CYS CB    SG     sing N N 78  
CYS CB    HB2    sing N N 79  
CYS CB    HB3    sing N N 80  
CYS SG    HG     sing N N 81  
CYS OXT   HXT    sing N N 82  
FMN N1    C2     sing N N 83  
FMN N1    C10    doub N N 84  
FMN C2    O2     doub N N 85  
FMN C2    N3     sing N N 86  
FMN N3    C4     sing N N 87  
FMN N3    HN3    sing N N 88  
FMN C4    O4     doub N N 89  
FMN C4    C4A    sing N N 90  
FMN C4A   N5     doub N N 91  
FMN C4A   C10    sing N N 92  
FMN N5    C5A    sing N N 93  
FMN C5A   C6     doub Y N 94  
FMN C5A   C9A    sing Y N 95  
FMN C6    C7     sing Y N 96  
FMN C6    H6     sing N N 97  
FMN C7    C7M    sing N N 98  
FMN C7    C8     doub Y N 99  
FMN C7M   HM71   sing N N 100 
FMN C7M   HM72   sing N N 101 
FMN C7M   HM73   sing N N 102 
FMN C8    C8M    sing N N 103 
FMN C8    C9     sing Y N 104 
FMN C8M   HM81   sing N N 105 
FMN C8M   HM82   sing N N 106 
FMN C8M   HM83   sing N N 107 
FMN C9    C9A    doub Y N 108 
FMN C9    H9     sing N N 109 
FMN C9A   N10    sing N N 110 
FMN N10   C10    sing N N 111 
FMN N10   "C1'"  sing N N 112 
FMN "C1'" "C2'"  sing N N 113 
FMN "C1'" "H1'1" sing N N 114 
FMN "C1'" "H1'2" sing N N 115 
FMN "C2'" "O2'"  sing N N 116 
FMN "C2'" "C3'"  sing N N 117 
FMN "C2'" "H2'"  sing N N 118 
FMN "O2'" "HO2'" sing N N 119 
FMN "C3'" "O3'"  sing N N 120 
FMN "C3'" "C4'"  sing N N 121 
FMN "C3'" "H3'"  sing N N 122 
FMN "O3'" "HO3'" sing N N 123 
FMN "C4'" "O4'"  sing N N 124 
FMN "C4'" "C5'"  sing N N 125 
FMN "C4'" "H4'"  sing N N 126 
FMN "O4'" "HO4'" sing N N 127 
FMN "C5'" "O5'"  sing N N 128 
FMN "C5'" "H5'1" sing N N 129 
FMN "C5'" "H5'2" sing N N 130 
FMN "O5'" P      sing N N 131 
FMN P     O1P    doub N N 132 
FMN P     O2P    sing N N 133 
FMN P     O3P    sing N N 134 
FMN O2P   HOP2   sing N N 135 
FMN O3P   HOP3   sing N N 136 
GLC C1    C2     sing N N 137 
GLC C1    O1     sing N N 138 
GLC C1    O5     sing N N 139 
GLC C1    H1     sing N N 140 
GLC C2    C3     sing N N 141 
GLC C2    O2     sing N N 142 
GLC C2    H2     sing N N 143 
GLC C3    C4     sing N N 144 
GLC C3    O3     sing N N 145 
GLC C3    H3     sing N N 146 
GLC C4    C5     sing N N 147 
GLC C4    O4     sing N N 148 
GLC C4    H4     sing N N 149 
GLC C5    C6     sing N N 150 
GLC C5    O5     sing N N 151 
GLC C5    H5     sing N N 152 
GLC C6    O6     sing N N 153 
GLC C6    H61    sing N N 154 
GLC C6    H62    sing N N 155 
GLC O1    HO1    sing N N 156 
GLC O2    HO2    sing N N 157 
GLC O3    HO3    sing N N 158 
GLC O4    HO4    sing N N 159 
GLC O6    HO6    sing N N 160 
GLN N     CA     sing N N 161 
GLN N     H      sing N N 162 
GLN N     H2     sing N N 163 
GLN CA    C      sing N N 164 
GLN CA    CB     sing N N 165 
GLN CA    HA     sing N N 166 
GLN C     O      doub N N 167 
GLN C     OXT    sing N N 168 
GLN CB    CG     sing N N 169 
GLN CB    HB2    sing N N 170 
GLN CB    HB3    sing N N 171 
GLN CG    CD     sing N N 172 
GLN CG    HG2    sing N N 173 
GLN CG    HG3    sing N N 174 
GLN CD    OE1    doub N N 175 
GLN CD    NE2    sing N N 176 
GLN NE2   HE21   sing N N 177 
GLN NE2   HE22   sing N N 178 
GLN OXT   HXT    sing N N 179 
GLU N     CA     sing N N 180 
GLU N     H      sing N N 181 
GLU N     H2     sing N N 182 
GLU CA    C      sing N N 183 
GLU CA    CB     sing N N 184 
GLU CA    HA     sing N N 185 
GLU C     O      doub N N 186 
GLU C     OXT    sing N N 187 
GLU CB    CG     sing N N 188 
GLU CB    HB2    sing N N 189 
GLU CB    HB3    sing N N 190 
GLU CG    CD     sing N N 191 
GLU CG    HG2    sing N N 192 
GLU CG    HG3    sing N N 193 
GLU CD    OE1    doub N N 194 
GLU CD    OE2    sing N N 195 
GLU OE2   HE2    sing N N 196 
GLU OXT   HXT    sing N N 197 
GLY N     CA     sing N N 198 
GLY N     H      sing N N 199 
GLY N     H2     sing N N 200 
GLY CA    C      sing N N 201 
GLY CA    HA2    sing N N 202 
GLY CA    HA3    sing N N 203 
GLY C     O      doub N N 204 
GLY C     OXT    sing N N 205 
GLY OXT   HXT    sing N N 206 
HIS N     CA     sing N N 207 
HIS N     H      sing N N 208 
HIS N     H2     sing N N 209 
HIS CA    C      sing N N 210 
HIS CA    CB     sing N N 211 
HIS CA    HA     sing N N 212 
HIS C     O      doub N N 213 
HIS C     OXT    sing N N 214 
HIS CB    CG     sing N N 215 
HIS CB    HB2    sing N N 216 
HIS CB    HB3    sing N N 217 
HIS CG    ND1    sing Y N 218 
HIS CG    CD2    doub Y N 219 
HIS ND1   CE1    doub Y N 220 
HIS ND1   HD1    sing N N 221 
HIS CD2   NE2    sing Y N 222 
HIS CD2   HD2    sing N N 223 
HIS CE1   NE2    sing Y N 224 
HIS CE1   HE1    sing N N 225 
HIS NE2   HE2    sing N N 226 
HIS OXT   HXT    sing N N 227 
HOH O     H1     sing N N 228 
HOH O     H2     sing N N 229 
ILE N     CA     sing N N 230 
ILE N     H      sing N N 231 
ILE N     H2     sing N N 232 
ILE CA    C      sing N N 233 
ILE CA    CB     sing N N 234 
ILE CA    HA     sing N N 235 
ILE C     O      doub N N 236 
ILE C     OXT    sing N N 237 
ILE CB    CG1    sing N N 238 
ILE CB    CG2    sing N N 239 
ILE CB    HB     sing N N 240 
ILE CG1   CD1    sing N N 241 
ILE CG1   HG12   sing N N 242 
ILE CG1   HG13   sing N N 243 
ILE CG2   HG21   sing N N 244 
ILE CG2   HG22   sing N N 245 
ILE CG2   HG23   sing N N 246 
ILE CD1   HD11   sing N N 247 
ILE CD1   HD12   sing N N 248 
ILE CD1   HD13   sing N N 249 
ILE OXT   HXT    sing N N 250 
LEU N     CA     sing N N 251 
LEU N     H      sing N N 252 
LEU N     H2     sing N N 253 
LEU CA    C      sing N N 254 
LEU CA    CB     sing N N 255 
LEU CA    HA     sing N N 256 
LEU C     O      doub N N 257 
LEU C     OXT    sing N N 258 
LEU CB    CG     sing N N 259 
LEU CB    HB2    sing N N 260 
LEU CB    HB3    sing N N 261 
LEU CG    CD1    sing N N 262 
LEU CG    CD2    sing N N 263 
LEU CG    HG     sing N N 264 
LEU CD1   HD11   sing N N 265 
LEU CD1   HD12   sing N N 266 
LEU CD1   HD13   sing N N 267 
LEU CD2   HD21   sing N N 268 
LEU CD2   HD22   sing N N 269 
LEU CD2   HD23   sing N N 270 
LEU OXT   HXT    sing N N 271 
LYS N     CA     sing N N 272 
LYS N     H      sing N N 273 
LYS N     H2     sing N N 274 
LYS CA    C      sing N N 275 
LYS CA    CB     sing N N 276 
LYS CA    HA     sing N N 277 
LYS C     O      doub N N 278 
LYS C     OXT    sing N N 279 
LYS CB    CG     sing N N 280 
LYS CB    HB2    sing N N 281 
LYS CB    HB3    sing N N 282 
LYS CG    CD     sing N N 283 
LYS CG    HG2    sing N N 284 
LYS CG    HG3    sing N N 285 
LYS CD    CE     sing N N 286 
LYS CD    HD2    sing N N 287 
LYS CD    HD3    sing N N 288 
LYS CE    NZ     sing N N 289 
LYS CE    HE2    sing N N 290 
LYS CE    HE3    sing N N 291 
LYS NZ    HZ1    sing N N 292 
LYS NZ    HZ2    sing N N 293 
LYS NZ    HZ3    sing N N 294 
LYS OXT   HXT    sing N N 295 
MET N     CA     sing N N 296 
MET N     H      sing N N 297 
MET N     H2     sing N N 298 
MET CA    C      sing N N 299 
MET CA    CB     sing N N 300 
MET CA    HA     sing N N 301 
MET C     O      doub N N 302 
MET C     OXT    sing N N 303 
MET CB    CG     sing N N 304 
MET CB    HB2    sing N N 305 
MET CB    HB3    sing N N 306 
MET CG    SD     sing N N 307 
MET CG    HG2    sing N N 308 
MET CG    HG3    sing N N 309 
MET SD    CE     sing N N 310 
MET CE    HE1    sing N N 311 
MET CE    HE2    sing N N 312 
MET CE    HE3    sing N N 313 
MET OXT   HXT    sing N N 314 
PHE N     CA     sing N N 315 
PHE N     H      sing N N 316 
PHE N     H2     sing N N 317 
PHE CA    C      sing N N 318 
PHE CA    CB     sing N N 319 
PHE CA    HA     sing N N 320 
PHE C     O      doub N N 321 
PHE C     OXT    sing N N 322 
PHE CB    CG     sing N N 323 
PHE CB    HB2    sing N N 324 
PHE CB    HB3    sing N N 325 
PHE CG    CD1    doub Y N 326 
PHE CG    CD2    sing Y N 327 
PHE CD1   CE1    sing Y N 328 
PHE CD1   HD1    sing N N 329 
PHE CD2   CE2    doub Y N 330 
PHE CD2   HD2    sing N N 331 
PHE CE1   CZ     doub Y N 332 
PHE CE1   HE1    sing N N 333 
PHE CE2   CZ     sing Y N 334 
PHE CE2   HE2    sing N N 335 
PHE CZ    HZ     sing N N 336 
PHE OXT   HXT    sing N N 337 
PRO N     CA     sing N N 338 
PRO N     CD     sing N N 339 
PRO N     H      sing N N 340 
PRO CA    C      sing N N 341 
PRO CA    CB     sing N N 342 
PRO CA    HA     sing N N 343 
PRO C     O      doub N N 344 
PRO C     OXT    sing N N 345 
PRO CB    CG     sing N N 346 
PRO CB    HB2    sing N N 347 
PRO CB    HB3    sing N N 348 
PRO CG    CD     sing N N 349 
PRO CG    HG2    sing N N 350 
PRO CG    HG3    sing N N 351 
PRO CD    HD2    sing N N 352 
PRO CD    HD3    sing N N 353 
PRO OXT   HXT    sing N N 354 
SER N     CA     sing N N 355 
SER N     H      sing N N 356 
SER N     H2     sing N N 357 
SER CA    C      sing N N 358 
SER CA    CB     sing N N 359 
SER CA    HA     sing N N 360 
SER C     O      doub N N 361 
SER C     OXT    sing N N 362 
SER CB    OG     sing N N 363 
SER CB    HB2    sing N N 364 
SER CB    HB3    sing N N 365 
SER OG    HG     sing N N 366 
SER OXT   HXT    sing N N 367 
SO4 S     O1     doub N N 368 
SO4 S     O2     doub N N 369 
SO4 S     O3     sing N N 370 
SO4 S     O4     sing N N 371 
THR N     CA     sing N N 372 
THR N     H      sing N N 373 
THR N     H2     sing N N 374 
THR CA    C      sing N N 375 
THR CA    CB     sing N N 376 
THR CA    HA     sing N N 377 
THR C     O      doub N N 378 
THR C     OXT    sing N N 379 
THR CB    OG1    sing N N 380 
THR CB    CG2    sing N N 381 
THR CB    HB     sing N N 382 
THR OG1   HG1    sing N N 383 
THR CG2   HG21   sing N N 384 
THR CG2   HG22   sing N N 385 
THR CG2   HG23   sing N N 386 
THR OXT   HXT    sing N N 387 
TRP N     CA     sing N N 388 
TRP N     H      sing N N 389 
TRP N     H2     sing N N 390 
TRP CA    C      sing N N 391 
TRP CA    CB     sing N N 392 
TRP CA    HA     sing N N 393 
TRP C     O      doub N N 394 
TRP C     OXT    sing N N 395 
TRP CB    CG     sing N N 396 
TRP CB    HB2    sing N N 397 
TRP CB    HB3    sing N N 398 
TRP CG    CD1    doub Y N 399 
TRP CG    CD2    sing Y N 400 
TRP CD1   NE1    sing Y N 401 
TRP CD1   HD1    sing N N 402 
TRP CD2   CE2    doub Y N 403 
TRP CD2   CE3    sing Y N 404 
TRP NE1   CE2    sing Y N 405 
TRP NE1   HE1    sing N N 406 
TRP CE2   CZ2    sing Y N 407 
TRP CE3   CZ3    doub Y N 408 
TRP CE3   HE3    sing N N 409 
TRP CZ2   CH2    doub Y N 410 
TRP CZ2   HZ2    sing N N 411 
TRP CZ3   CH2    sing Y N 412 
TRP CZ3   HZ3    sing N N 413 
TRP CH2   HH2    sing N N 414 
TRP OXT   HXT    sing N N 415 
TYR N     CA     sing N N 416 
TYR N     H      sing N N 417 
TYR N     H2     sing N N 418 
TYR CA    C      sing N N 419 
TYR CA    CB     sing N N 420 
TYR CA    HA     sing N N 421 
TYR C     O      doub N N 422 
TYR C     OXT    sing N N 423 
TYR CB    CG     sing N N 424 
TYR CB    HB2    sing N N 425 
TYR CB    HB3    sing N N 426 
TYR CG    CD1    doub Y N 427 
TYR CG    CD2    sing Y N 428 
TYR CD1   CE1    sing Y N 429 
TYR CD1   HD1    sing N N 430 
TYR CD2   CE2    doub Y N 431 
TYR CD2   HD2    sing N N 432 
TYR CE1   CZ     doub Y N 433 
TYR CE1   HE1    sing N N 434 
TYR CE2   CZ     sing Y N 435 
TYR CE2   HE2    sing N N 436 
TYR CZ    OH     sing N N 437 
TYR OH    HH     sing N N 438 
TYR OXT   HXT    sing N N 439 
VAL N     CA     sing N N 440 
VAL N     H      sing N N 441 
VAL N     H2     sing N N 442 
VAL CA    C      sing N N 443 
VAL CA    CB     sing N N 444 
VAL CA    HA     sing N N 445 
VAL C     O      doub N N 446 
VAL C     OXT    sing N N 447 
VAL CB    CG1    sing N N 448 
VAL CB    CG2    sing N N 449 
VAL CB    HB     sing N N 450 
VAL CG1   HG11   sing N N 451 
VAL CG1   HG12   sing N N 452 
VAL CG1   HG13   sing N N 453 
VAL CG2   HG21   sing N N 454 
VAL CG2   HG22   sing N N 455 
VAL CG2   HG23   sing N N 456 
VAL OXT   HXT    sing N N 457 
# 
_pdbx_audit_support.funding_organization   'Research Council of Norway' 
_pdbx_audit_support.country                Norway 
_pdbx_audit_support.grant_number           231669 
_pdbx_audit_support.ordinal                1 
# 
_pdbx_initial_refinement_model.id               1 
_pdbx_initial_refinement_model.entity_id_list   ? 
_pdbx_initial_refinement_model.type             'experimental model' 
_pdbx_initial_refinement_model.source_name      PDB 
_pdbx_initial_refinement_model.accession_code   1WSB 
_pdbx_initial_refinement_model.details          ? 
# 
_atom_sites.entry_id                    6FT1 
_atom_sites.fract_transf_matrix[1][1]   -0.00989154 
_atom_sites.fract_transf_matrix[1][2]   0.02327626 
_atom_sites.fract_transf_matrix[1][3]   -0.00482504 
_atom_sites.fract_transf_matrix[2][1]   -0.01386785 
_atom_sites.fract_transf_matrix[2][2]   -0.00899364 
_atom_sites.fract_transf_matrix[2][3]   -0.01495614 
_atom_sites.fract_transf_matrix[3][1]   -0.00837846 
_atom_sites.fract_transf_matrix[3][2]   -0.00173396 
_atom_sites.fract_transf_matrix[3][3]   0.00881149 
_atom_sites.fract_transf_vector[1]      -0.389111 
_atom_sites.fract_transf_vector[2]      -0.258493 
_atom_sites.fract_transf_vector[3]      0.204119 
# 
loop_
_atom_type.symbol 
C 
N 
O 
P 
S 
# 
loop_
_atom_site.group_PDB 
_atom_site.id 
_atom_site.type_symbol 
_atom_site.label_atom_id 
_atom_site.label_alt_id 
_atom_site.label_comp_id 
_atom_site.label_asym_id 
_atom_site.label_entity_id 
_atom_site.label_seq_id 
_atom_site.pdbx_PDB_ins_code 
_atom_site.Cartn_x 
_atom_site.Cartn_y 
_atom_site.Cartn_z 
_atom_site.occupancy 
_atom_site.B_iso_or_equiv 
_atom_site.pdbx_formal_charge 
_atom_site.auth_seq_id 
_atom_site.auth_comp_id 
_atom_site.auth_asym_id 
_atom_site.auth_atom_id 
_atom_site.pdbx_PDB_model_num 
ATOM   1    N N     . SER A 1 1   ? 10.863  -14.975 -2.925  1.00 14.64 ? 2    SER A N     1 
ATOM   2    C CA    . SER A 1 1   ? 9.797   -14.751 -1.936  1.00 15.22 ? 2    SER A CA    1 
ATOM   3    C C     . SER A 1 1   ? 8.494   -14.427 -2.650  1.00 12.52 ? 2    SER A C     1 
ATOM   4    O O     . SER A 1 1   ? 8.551   -14.061 -3.807  1.00 14.42 ? 2    SER A O     1 
ATOM   5    C CB    . SER A 1 1   ? 10.191  -13.633 -1.008  1.00 13.56 ? 2    SER A CB    1 
ATOM   6    O OG    . SER A 1 1   ? 11.400  -13.935 -0.349  1.00 17.47 ? 2    SER A OG    1 
ATOM   7    N N     A LYS A 1 2   ? 7.359   -14.564 -1.946  0.55 11.88 ? 3    LYS A N     1 
ATOM   8    N N     B LYS A 1 2   ? 7.343   -14.544 -1.976  0.45 11.87 ? 3    LYS A N     1 
ATOM   9    C CA    A LYS A 1 2   ? 6.033   -14.295 -2.487  0.55 12.36 ? 3    LYS A CA    1 
ATOM   10   C CA    B LYS A 1 2   ? 6.033   -14.323 -2.585  0.45 12.34 ? 3    LYS A CA    1 
ATOM   11   C C     A LYS A 1 2   ? 5.488   -13.042 -1.829  0.55 11.99 ? 3    LYS A C     1 
ATOM   12   C C     B LYS A 1 2   ? 5.382   -13.154 -1.875  0.45 11.56 ? 3    LYS A C     1 
ATOM   13   O O     A LYS A 1 2   ? 5.529   -12.890 -0.596  0.55 9.92  ? 3    LYS A O     1 
ATOM   14   O O     B LYS A 1 2   ? 5.206   -13.199 -0.649  0.45 10.85 ? 3    LYS A O     1 
ATOM   15   C CB    A LYS A 1 2   ? 5.054   -15.455 -2.260  0.55 17.21 ? 3    LYS A CB    1 
ATOM   16   C CB    B LYS A 1 2   ? 5.131   -15.550 -2.436  0.45 17.77 ? 3    LYS A CB    1 
ATOM   17   C CG    A LYS A 1 2   ? 4.928   -15.915 -0.810  0.55 21.93 ? 3    LYS A CG    1 
ATOM   18   C CG    B LYS A 1 2   ? 5.058   -16.446 -3.678  0.45 24.42 ? 3    LYS A CG    1 
ATOM   19   C CD    A LYS A 1 2   ? 3.970   -17.135 -0.599  0.55 21.05 ? 3    LYS A CD    1 
ATOM   20   C CD    B LYS A 1 2   ? 5.137   -17.923 -3.336  0.45 32.92 ? 3    LYS A CD    1 
ATOM   21   C CE    A LYS A 1 2   ? 3.978   -18.136 -1.788  0.55 20.81 ? 3    LYS A CE    1 
ATOM   22   C CE    B LYS A 1 2   ? 5.788   -18.727 -4.474  0.45 15.00 ? 3    LYS A CE    1 
ATOM   23   N NZ    A LYS A 1 2   ? 3.506   -19.553 -1.397  0.55 17.58 ? 3    LYS A NZ    1 
ATOM   24   N NZ    B LYS A 1 2   ? 5.160   -20.040 -4.650  0.45 20.98 ? 3    LYS A NZ    1 
ATOM   25   N N     . LEU A 1 3   ? 5.017   -12.131 -2.655  1.00 8.40  ? 4    LEU A N     1 
ATOM   26   C CA    . LEU A 1 3   ? 4.594   -10.818 -2.199  1.00 7.57  ? 4    LEU A CA    1 
ATOM   27   C C     . LEU A 1 3   ? 3.166   -10.590 -2.653  1.00 8.58  ? 4    LEU A C     1 
ATOM   28   O O     . LEU A 1 3   ? 2.698   -11.137 -3.703  1.00 9.17  ? 4    LEU A O     1 
ATOM   29   C CB    . LEU A 1 3   ? 5.493   -9.752  -2.770  1.00 10.55 ? 4    LEU A CB    1 
ATOM   30   C CG    . LEU A 1 3   ? 6.996   -10.098 -2.628  1.00 13.00 ? 4    LEU A CG    1 
ATOM   31   C CD1   . LEU A 1 3   ? 7.849   -9.128  -3.413  1.00 13.39 ? 4    LEU A CD1   1 
ATOM   32   C CD2   . LEU A 1 3   ? 7.388   -10.149 -1.173  1.00 13.02 ? 4    LEU A CD2   1 
ATOM   33   N N     . VAL A 1 4   ? 2.442   -9.819  -1.875  1.00 8.61  ? 5    VAL A N     1 
ATOM   34   C CA    . VAL A 1 4   ? 1.122   -9.366  -2.284  1.00 9.01  ? 5    VAL A CA    1 
ATOM   35   C C     . VAL A 1 4   ? 1.065   -7.836  -2.199  1.00 6.29  ? 5    VAL A C     1 
ATOM   36   O O     . VAL A 1 4   ? 1.616   -7.240  -1.262  1.00 7.68  ? 5    VAL A O     1 
ATOM   37   C CB    . VAL A 1 4   ? 0.008   -10.015 -1.436  1.00 7.50  ? 5    VAL A CB    1 
ATOM   38   C CG1   . VAL A 1 4   ? 0.110   -9.555  0.085   1.00 8.67  ? 5    VAL A CG1   1 
ATOM   39   C CG2   . VAL A 1 4   ? -1.400  -9.674  -2.011  1.00 8.86  ? 5    VAL A CG2   1 
ATOM   40   N N     . MET A 1 5   ? 0.371   -7.177  -3.134  1.00 6.84  ? 6    MET A N     1 
ATOM   41   C CA    . MET A 1 5   ? 0.082   -5.760  -3.115  1.00 8.13  ? 6    MET A CA    1 
ATOM   42   C C     . MET A 1 5   ? -1.414  -5.595  -3.197  1.00 8.86  ? 6    MET A C     1 
ATOM   43   O O     . MET A 1 5   ? -2.039  -6.156  -4.119  1.00 9.00  ? 6    MET A O     1 
ATOM   44   C CB    . MET A 1 5   ? 0.765   -5.064  -4.287  1.00 10.62 ? 6    MET A CB    1 
ATOM   45   C CG    . MET A 1 5   ? 0.413   -3.593  -4.313  1.00 8.44  ? 6    MET A CG    1 
ATOM   46   S SD    . MET A 1 5   ? 1.125   -2.706  -5.743  1.00 9.35  ? 6    MET A SD    1 
ATOM   47   C CE    . MET A 1 5   ? 2.859   -2.676  -5.295  1.00 11.66 ? 6    MET A CE    1 
ATOM   48   N N     . ILE A 1 6   ? -2.006  -4.859  -2.269  1.00 9.40  ? 7    ILE A N     1 
ATOM   49   C CA    . ILE A 1 6   ? -3.435  -4.515  -2.312  1.00 8.33  ? 7    ILE A CA    1 
ATOM   50   C C     . ILE A 1 6   ? -3.567  -3.016  -2.406  1.00 7.12  ? 7    ILE A C     1 
ATOM   51   O O     . ILE A 1 6   ? -3.061  -2.294  -1.528  1.00 6.48  ? 7    ILE A O     1 
ATOM   52   C CB    . ILE A 1 6   ? -4.166  -5.089  -1.105  1.00 10.27 ? 7    ILE A CB    1 
ATOM   53   C CG1   . ILE A 1 6   ? -3.979  -6.634  -1.125  1.00 15.54 ? 7    ILE A CG1   1 
ATOM   54   C CG2   . ILE A 1 6   ? -5.673  -4.730  -1.138  1.00 8.03  ? 7    ILE A CG2   1 
ATOM   55   C CD1   . ILE A 1 6   ? -4.731  -7.412  -0.153  1.00 15.24 ? 7    ILE A CD1   1 
ATOM   56   N N     . PHE A 1 7   ? -4.247  -2.501  -3.464  1.00 8.90  ? 8    PHE A N     1 
ATOM   57   C CA    . PHE A 1 7   ? -4.304  -1.071  -3.591  1.00 6.60  ? 8    PHE A CA    1 
ATOM   58   C C     . PHE A 1 7   ? -5.745  -0.648  -3.775  1.00 6.15  ? 8    PHE A C     1 
ATOM   59   O O     . PHE A 1 7   ? -6.584  -1.408  -4.297  1.00 8.03  ? 8    PHE A O     1 
ATOM   60   C CB    . PHE A 1 7   ? -3.422  -0.569  -4.746  1.00 6.86  ? 8    PHE A CB    1 
ATOM   61   C CG    . PHE A 1 7   ? -4.000  -0.853  -6.122  1.00 7.97  ? 8    PHE A CG    1 
ATOM   62   C CD1   . PHE A 1 7   ? -4.851  0.043   -6.742  1.00 9.32  ? 8    PHE A CD1   1 
ATOM   63   C CD2   . PHE A 1 7   ? -3.774  -2.141  -6.696  1.00 8.46  ? 8    PHE A CD2   1 
ATOM   64   C CE1   . PHE A 1 7   ? -5.429  -0.240  -7.917  1.00 11.35 ? 8    PHE A CE1   1 
ATOM   65   C CE2   . PHE A 1 7   ? -4.350  -2.453  -7.919  1.00 11.35 ? 8    PHE A CE2   1 
ATOM   66   C CZ    . PHE A 1 7   ? -5.153  -1.466  -8.528  1.00 10.08 ? 8    PHE A CZ    1 
ATOM   67   N N     . ALA A 1 8   ? -5.971  0.622   -3.516  1.00 6.36  ? 9    ALA A N     1 
ATOM   68   C CA    . ALA A 1 8   ? -7.246  1.290   -3.760  1.00 8.58  ? 9    ALA A CA    1 
ATOM   69   C C     . ALA A 1 8   ? -6.992  2.498   -4.658  1.00 9.22  ? 9    ALA A C     1 
ATOM   70   O O     . ALA A 1 8   ? -6.093  3.310   -4.399  1.00 8.66  ? 9    ALA A O     1 
ATOM   71   C CB    . ALA A 1 8   ? -7.885  1.660   -2.400  1.00 9.04  ? 9    ALA A CB    1 
ATOM   72   N N     . SER A 1 9   ? -7.791  2.673   -5.712  1.00 8.77  ? 10   SER A N     1 
ATOM   73   C CA    . SER A 1 9   ? -7.643  3.843   -6.567  1.00 6.66  ? 10   SER A CA    1 
ATOM   74   C C     . SER A 1 9   ? -8.995  4.153   -7.216  1.00 8.28  ? 10   SER A C     1 
ATOM   75   O O     . SER A 1 9   ? -9.628  3.267   -7.817  1.00 11.58 ? 10   SER A O     1 
ATOM   76   C CB    . SER A 1 9   ? -6.583  3.635   -7.659  1.00 8.47  ? 10   SER A CB    1 
ATOM   77   O OG    . SER A 1 9   ? -6.268  4.830   -8.361  1.00 7.46  ? 10   SER A OG    1 
ATOM   78   N N     . MET A 1 10  ? -9.437  5.365   -7.034  1.00 9.66  ? 11   MET A N     1 
ATOM   79   C CA    A MET A 1 10  ? -10.683 5.819   -7.662  0.72 12.84 ? 11   MET A CA    1 
ATOM   80   C CA    B MET A 1 10  ? -10.669 5.884   -7.617  0.28 12.80 ? 11   MET A CA    1 
ATOM   81   C C     . MET A 1 10  ? -10.411 6.577   -8.953  1.00 8.16  ? 11   MET A C     1 
ATOM   82   O O     . MET A 1 10  ? -11.017 6.231   -9.969  1.00 10.30 ? 11   MET A O     1 
ATOM   83   C CB    A MET A 1 10  ? -11.549 6.669   -6.722  0.72 15.62 ? 11   MET A CB    1 
ATOM   84   C CB    B MET A 1 10  ? -11.284 6.874   -6.632  0.28 16.16 ? 11   MET A CB    1 
ATOM   85   C CG    A MET A 1 10  ? -12.929 7.090   -7.285  0.72 16.02 ? 11   MET A CG    1 
ATOM   86   C CG    B MET A 1 10  ? -12.486 7.577   -7.151  0.28 15.77 ? 11   MET A CG    1 
ATOM   87   S SD    A MET A 1 10  ? -13.726 8.179   -6.086  0.72 23.86 ? 11   MET A SD    1 
ATOM   88   S SD    B MET A 1 10  ? -13.900 6.475   -7.111  0.28 16.01 ? 11   MET A SD    1 
ATOM   89   C CE    A MET A 1 10  ? -14.202 7.087   -4.747  0.72 12.69 ? 11   MET A CE    1 
ATOM   90   C CE    B MET A 1 10  ? -13.934 5.780   -5.447  0.28 10.66 ? 11   MET A CE    1 
ATOM   91   N N     A SER A 1 11  ? -9.451  7.502   -8.974  0.63 9.21  ? 12   SER A N     1 
ATOM   92   N N     B SER A 1 11  ? -9.477  7.533   -8.979  0.37 9.27  ? 12   SER A N     1 
ATOM   93   C CA    A SER A 1 11  ? -9.150  8.297   -10.167 0.63 9.63  ? 12   SER A CA    1 
ATOM   94   C CA    B SER A 1 11  ? -9.192  8.293   -10.194 0.37 9.64  ? 12   SER A CA    1 
ATOM   95   C C     A SER A 1 11  ? -7.863  7.900   -10.869 0.63 9.80  ? 12   SER A C     1 
ATOM   96   C C     B SER A 1 11  ? -8.019  7.753   -11.009 0.37 9.43  ? 12   SER A C     1 
ATOM   97   O O     A SER A 1 11  ? -7.397  8.649   -11.733 0.63 13.06 ? 12   SER A O     1 
ATOM   98   O O     B SER A 1 11  ? -7.801  8.251   -12.117 0.37 9.64  ? 12   SER A O     1 
ATOM   99   C CB    A SER A 1 11  ? -9.117  9.790   -9.834  0.63 8.44  ? 12   SER A CB    1 
ATOM   100  C CB    B SER A 1 11  ? -8.924  9.779   -9.891  0.37 8.36  ? 12   SER A CB    1 
ATOM   101  O OG    A SER A 1 11  ? -7.854  10.233  -9.358  0.63 11.96 ? 12   SER A OG    1 
ATOM   102  O OG    B SER A 1 11  ? -9.745  10.337  -8.866  0.37 15.90 ? 12   SER A OG    1 
ATOM   103  N N     . GLY A 1 12  ? -7.282  6.766   -10.488 1.00 7.07  ? 13   GLY A N     1 
ATOM   104  C CA    . GLY A 1 12  ? -6.161  6.199   -11.174 1.00 7.17  ? 13   GLY A CA    1 
ATOM   105  C C     . GLY A 1 12  ? -4.767  6.522   -10.625 1.00 7.53  ? 13   GLY A C     1 
ATOM   106  O O     . GLY A 1 12  ? -3.791  5.890   -11.107 1.00 8.75  ? 13   GLY A O     1 
ATOM   107  N N     . ASN A 1 13  ? -4.612  7.526   -9.732  1.00 6.49  ? 14   ASN A N     1 
ATOM   108  C CA    . ASN A 1 13  ? -3.260  7.950   -9.358  1.00 8.28  ? 14   ASN A CA    1 
ATOM   109  C C     . ASN A 1 13  ? -2.555  6.883   -8.510  1.00 8.49  ? 14   ASN A C     1 
ATOM   110  O O     . ASN A 1 13  ? -1.393  6.517   -8.762  1.00 6.92  ? 14   ASN A O     1 
ATOM   111  C CB    . ASN A 1 13  ? -3.427  9.234   -8.546  1.00 8.66  ? 14   ASN A CB    1 
ATOM   112  C CG    . ASN A 1 13  ? -3.954  10.420  -9.377  1.00 10.09 ? 14   ASN A CG    1 
ATOM   113  O OD1   . ASN A 1 13  ? -3.645  10.497  -10.575 1.00 9.65  ? 14   ASN A OD1   1 
ATOM   114  N ND2   . ASN A 1 13  ? -4.766  11.361  -8.762  1.00 8.93  ? 14   ASN A ND2   1 
ATOM   115  N N     . THR A 1 14  ? -3.264  6.358   -7.498  1.00 5.63  ? 15   THR A N     1 
ATOM   116  C CA    . THR A 1 14  ? -2.657  5.308   -6.702  1.00 8.30  ? 15   THR A CA    1 
ATOM   117  C C     . THR A 1 14  ? -2.464  4.060   -7.546  1.00 10.49 ? 15   THR A C     1 
ATOM   118  O O     . THR A 1 14  ? -1.508  3.345   -7.351  1.00 8.77  ? 15   THR A O     1 
ATOM   119  C CB    . THR A 1 14  ? -3.510  5.010   -5.467  1.00 8.81  ? 15   THR A CB    1 
ATOM   120  O OG1   . THR A 1 14  ? -3.735  6.235   -4.747  1.00 7.02  ? 15   THR A OG1   1 
ATOM   121  C CG2   . THR A 1 14  ? -2.827  3.975   -4.497  1.00 6.29  ? 15   THR A CG2   1 
ATOM   122  N N     A GLU A 1 15  ? -3.335  3.814   -8.537  0.46 8.09  ? 16   GLU A N     1 
ATOM   123  N N     B GLU A 1 15  ? -3.350  3.829   -8.533  0.54 8.09  ? 16   GLU A N     1 
ATOM   124  C CA    A GLU A 1 15  ? -3.121  2.656   -9.394  0.46 9.73  ? 16   GLU A CA    1 
ATOM   125  C CA    B GLU A 1 15  ? -3.186  2.711   -9.454  0.54 9.77  ? 16   GLU A CA    1 
ATOM   126  C C     A GLU A 1 15  ? -1.868  2.811   -10.243 0.46 8.11  ? 16   GLU A C     1 
ATOM   127  C C     B GLU A 1 15  ? -1.889  2.824   -10.234 0.54 8.14  ? 16   GLU A C     1 
ATOM   128  O O     A GLU A 1 15  ? -1.155  1.817   -10.454 0.46 7.52  ? 16   GLU A O     1 
ATOM   129  O O     B GLU A 1 15  ? -1.186  1.815   -10.412 0.54 7.44  ? 16   GLU A O     1 
ATOM   130  C CB    A GLU A 1 15  ? -4.345  2.370   -10.260 0.46 8.80  ? 16   GLU A CB    1 
ATOM   131  C CB    B GLU A 1 15  ? -4.369  2.649   -10.423 0.54 9.28  ? 16   GLU A CB    1 
ATOM   132  C CG    A GLU A 1 15  ? -4.231  1.052   -10.999 0.46 10.34 ? 16   GLU A CG    1 
ATOM   133  C CG    B GLU A 1 15  ? -4.388  1.363   -11.257 0.54 7.93  ? 16   GLU A CG    1 
ATOM   134  C CD    A GLU A 1 15  ? -5.548  0.572   -11.559 0.46 12.85 ? 16   GLU A CD    1 
ATOM   135  C CD    B GLU A 1 15  ? -5.512  1.318   -12.303 0.54 9.57  ? 16   GLU A CD    1 
ATOM   136  O OE1   A GLU A 1 15  ? -6.563  1.299   -11.383 0.46 12.91 ? 16   GLU A OE1   1 
ATOM   137  O OE1   B GLU A 1 15  ? -6.141  2.350   -12.504 0.54 16.11 ? 16   GLU A OE1   1 
ATOM   138  O OE2   A GLU A 1 15  ? -5.532  -0.507  -12.201 0.46 14.92 ? 16   GLU A OE2   1 
ATOM   139  O OE2   B GLU A 1 15  ? -5.716  0.276   -12.938 0.54 20.06 ? 16   GLU A OE2   1 
ATOM   140  N N     . GLU A 1 16  ? -1.602  4.026   -10.756 1.00 7.52  ? 17   GLU A N     1 
ATOM   141  C CA    . GLU A 1 16  ? -0.363  4.208   -11.495 1.00 9.28  ? 17   GLU A CA    1 
ATOM   142  C C     . GLU A 1 16  ? 0.843   3.908   -10.611 1.00 9.50  ? 17   GLU A C     1 
ATOM   143  O O     . GLU A 1 16  ? 1.802   3.230   -11.056 1.00 8.62  ? 17   GLU A O     1 
ATOM   144  C CB    . GLU A 1 16  ? -0.293  5.653   -12.029 1.00 8.14  ? 17   GLU A CB    1 
ATOM   145  C CG    . GLU A 1 16  ? 1.072   5.862   -12.679 1.00 12.48 ? 17   GLU A CG    1 
ATOM   146  C CD    . GLU A 1 16  ? 1.330   7.244   -13.305 1.00 16.97 ? 17   GLU A CD    1 
ATOM   147  O OE1   . GLU A 1 16  ? 0.397   8.081   -13.368 1.00 16.51 ? 17   GLU A OE1   1 
ATOM   148  O OE2   . GLU A 1 16  ? 2.524   7.424   -13.746 1.00 18.94 ? 17   GLU A OE2   1 
ATOM   149  N N     . MET A 1 17  ? 0.820   4.410   -9.365  1.00 8.07  ? 18   MET A N     1 
ATOM   150  C CA    . MET A 1 17  ? 1.922   4.068   -8.449  1.00 8.16  ? 18   MET A CA    1 
ATOM   151  C C     . MET A 1 17  ? 2.037   2.560   -8.228  1.00 9.52  ? 18   MET A C     1 
ATOM   152  O O     . MET A 1 17  ? 3.150   1.988   -8.307  1.00 9.63  ? 18   MET A O     1 
ATOM   153  C CB    . MET A 1 17  ? 1.733   4.754   -7.086  1.00 6.97  ? 18   MET A CB    1 
ATOM   154  C CG    . MET A 1 17  ? 1.674   6.348   -7.185  1.00 7.26  ? 18   MET A CG    1 
ATOM   155  S SD    . MET A 1 17  ? 1.253   7.009   -5.565  1.00 8.38  ? 18   MET A SD    1 
ATOM   156  C CE    . MET A 1 17  ? 2.756   6.561   -4.577  1.00 10.38 ? 18   MET A CE    1 
ATOM   157  N N     . ALA A 1 18  ? 0.915   1.860   -7.987  1.00 7.52  ? 19   ALA A N     1 
ATOM   158  C CA    . ALA A 1 18  ? 0.934   0.420   -7.750  1.00 6.10  ? 19   ALA A CA    1 
ATOM   159  C C     . ALA A 1 18  ? 1.543   -0.316  -8.942  1.00 7.98  ? 19   ALA A C     1 
ATOM   160  O O     . ALA A 1 18  ? 2.363   -1.220  -8.783  1.00 9.84  ? 19   ALA A O     1 
ATOM   161  C CB    . ALA A 1 18  ? -0.535  -0.094  -7.571  1.00 6.78  ? 19   ALA A CB    1 
ATOM   162  N N     . ASP A 1 19  ? 1.130   0.065   -10.156 1.00 7.58  ? 20   ASP A N     1 
ATOM   163  C CA    . ASP A 1 19  ? 1.602   -0.638  -11.350 1.00 7.21  ? 20   ASP A CA    1 
ATOM   164  C C     . ASP A 1 19  ? 3.089   -0.448  -11.538 1.00 8.60  ? 20   ASP A C     1 
ATOM   165  O O     . ASP A 1 19  ? 3.790   -1.387  -11.886 1.00 9.32  ? 20   ASP A O     1 
ATOM   166  C CB    . ASP A 1 19  ? 0.854   -0.154  -12.589 1.00 10.00 ? 20   ASP A CB    1 
ATOM   167  C CG    . ASP A 1 19  ? -0.621  -0.635  -12.588 1.00 11.15 ? 20   ASP A CG    1 
ATOM   168  O OD1   . ASP A 1 19  ? -0.978  -1.624  -11.850 1.00 19.58 ? 20   ASP A OD1   1 
ATOM   169  O OD2   . ASP A 1 19  ? -1.400  0.051   -13.290 1.00 24.07 ? 20   ASP A OD2   1 
ATOM   170  N N     A HIS A 1 20  ? 3.604   0.727   -11.244 0.50 8.12  ? 21   HIS A N     1 
ATOM   171  N N     B HIS A 1 20  ? 3.599   0.765   -11.293 0.50 8.12  ? 21   HIS A N     1 
ATOM   172  C CA    A HIS A 1 20  ? 5.047   0.904   -11.413 0.50 9.63  ? 21   HIS A CA    1 
ATOM   173  C CA    B HIS A 1 20  ? 5.053   1.004   -11.361 0.50 9.75  ? 21   HIS A CA    1 
ATOM   174  C C     A HIS A 1 20  ? 5.856   0.252   -10.284 0.50 8.56  ? 21   HIS A C     1 
ATOM   175  C C     B HIS A 1 20  ? 5.802   0.200   -10.294 0.50 8.56  ? 21   HIS A C     1 
ATOM   176  O O     A HIS A 1 20  ? 6.918   -0.333  -10.553 0.50 8.58  ? 21   HIS A O     1 
ATOM   177  O O     B HIS A 1 20  ? 6.777   -0.504  -10.600 0.50 8.18  ? 21   HIS A O     1 
ATOM   178  C CB    A HIS A 1 20  ? 5.369   2.390   -11.574 0.50 9.10  ? 21   HIS A CB    1 
ATOM   179  C CB    B HIS A 1 20  ? 5.372   2.501   -11.170 0.50 8.43  ? 21   HIS A CB    1 
ATOM   180  C CG    A HIS A 1 20  ? 4.999   2.938   -12.923 0.50 9.03  ? 21   HIS A CG    1 
ATOM   181  C CG    B HIS A 1 20  ? 5.143   3.344   -12.392 0.50 5.58  ? 21   HIS A CG    1 
ATOM   182  N ND1   A HIS A 1 20  ? 3.747   3.427   -13.242 0.50 11.72 ? 21   HIS A ND1   1 
ATOM   183  N ND1   B HIS A 1 20  ? 5.868   3.199   -13.552 0.50 9.46  ? 21   HIS A ND1   1 
ATOM   184  C CD2   A HIS A 1 20  ? 5.736   3.057   -14.049 0.50 9.60  ? 21   HIS A CD2   1 
ATOM   185  C CD2   B HIS A 1 20  ? 4.296   4.375   -12.614 0.50 10.15 ? 21   HIS A CD2   1 
ATOM   186  C CE1   A HIS A 1 20  ? 3.745   3.839   -14.507 0.50 8.87  ? 21   HIS A CE1   1 
ATOM   187  C CE1   B HIS A 1 20  ? 5.441   4.057   -14.456 0.50 10.34 ? 21   HIS A CE1   1 
ATOM   188  N NE2   A HIS A 1 20  ? 4.943   3.614   -15.014 0.50 13.45 ? 21   HIS A NE2   1 
ATOM   189  N NE2   B HIS A 1 20  ? 4.483   4.788   -13.914 0.50 15.16 ? 21   HIS A NE2   1 
ATOM   190  N N     . ILE A 1 21  ? 5.379   0.311   -9.026  1.00 5.79  ? 22   ILE A N     1 
ATOM   191  C CA    . ILE A 1 21  ? 6.084   -0.386  -7.924  1.00 9.25  ? 22   ILE A CA    1 
ATOM   192  C C     . ILE A 1 21  ? 6.106   -1.904  -8.184  1.00 7.67  ? 22   ILE A C     1 
ATOM   193  O O     . ILE A 1 21  ? 7.150   -2.573  -8.079  1.00 10.20 ? 22   ILE A O     1 
ATOM   194  C CB    . ILE A 1 21  ? 5.440   -0.017  -6.561  1.00 7.95  ? 22   ILE A CB    1 
ATOM   195  C CG1   . ILE A 1 21  ? 5.603   1.484   -6.243  1.00 9.45  ? 22   ILE A CG1   1 
ATOM   196  C CG2   . ILE A 1 21  ? 6.006   -0.888  -5.498  1.00 7.88  ? 22   ILE A CG2   1 
ATOM   197  C CD1   . ILE A 1 21  ? 4.682   1.952   -5.117  1.00 7.29  ? 22   ILE A CD1   1 
ATOM   198  N N     . ALA A 1 22  ? 4.944   -2.475  -8.556  1.00 7.84  ? 23   ALA A N     1 
ATOM   199  C CA    . ALA A 1 22  ? 4.869   -3.907  -8.798  1.00 8.69  ? 23   ALA A CA    1 
ATOM   200  C C     . ALA A 1 22  ? 5.659   -4.296  -10.035 1.00 8.46  ? 23   ALA A C     1 
ATOM   201  O O     . ALA A 1 22  ? 6.298   -5.339  -10.051 1.00 8.37  ? 23   ALA A O     1 
ATOM   202  C CB    . ALA A 1 22  ? 3.413   -4.355  -8.988  1.00 9.49  ? 23   ALA A CB    1 
ATOM   203  N N     . GLY A 1 23  ? 5.671   -3.423  -11.069 1.00 8.27  ? 24   GLY A N     1 
ATOM   204  C CA    . GLY A 1 23  ? 6.426   -3.727  -12.280 1.00 9.78  ? 24   GLY A CA    1 
ATOM   205  C C     . GLY A 1 23  ? 7.927   -3.807  -12.023 1.00 8.75  ? 24   GLY A C     1 
ATOM   206  O O     . GLY A 1 23  ? 8.608   -4.708  -12.530 1.00 11.23 ? 24   GLY A O     1 
ATOM   207  N N     . VAL A 1 24  ? 8.441   -2.927  -11.148 1.00 7.84  ? 25   VAL A N     1 
ATOM   208  C CA    . VAL A 1 24  ? 9.832   -2.980  -10.737 1.00 10.56 ? 25   VAL A CA    1 
ATOM   209  C C     . VAL A 1 24  ? 10.109  -4.258  -9.950  1.00 8.76  ? 25   VAL A C     1 
ATOM   210  O O     . VAL A 1 24  ? 11.073  -4.986  -10.222 1.00 8.71  ? 25   VAL A O     1 
ATOM   211  C CB    . VAL A 1 24  ? 10.157  -1.714  -9.927  1.00 11.57 ? 25   VAL A CB    1 
ATOM   212  C CG1   . VAL A 1 24  ? 11.513  -1.873  -9.163  1.00 11.74 ? 25   VAL A CG1   1 
ATOM   213  C CG2   . VAL A 1 24  ? 10.224  -0.538  -10.881 1.00 10.75 ? 25   VAL A CG2   1 
ATOM   214  N N     . ILE A 1 25  ? 9.245   -4.574  -8.973  1.00 8.50  ? 26   ILE A N     1 
ATOM   215  C CA    . ILE A 1 25  ? 9.430   -5.753  -8.152  1.00 9.50  ? 26   ILE A CA    1 
ATOM   216  C C     . ILE A 1 25  ? 9.394   -7.022  -9.008  1.00 6.73  ? 26   ILE A C     1 
ATOM   217  O O     . ILE A 1 25  ? 10.160  -7.974  -8.772  1.00 10.41 ? 26   ILE A O     1 
ATOM   218  C CB    . ILE A 1 25  ? 8.401   -5.734  -7.017  1.00 9.76  ? 26   ILE A CB    1 
ATOM   219  C CG1   . ILE A 1 25  ? 8.780   -4.646  -6.018  1.00 8.38  ? 26   ILE A CG1   1 
ATOM   220  C CG2   . ILE A 1 25  ? 8.281   -7.117  -6.338  1.00 10.94 ? 26   ILE A CG2   1 
ATOM   221  C CD1   . ILE A 1 25  ? 7.653   -4.349  -4.945  1.00 10.76 ? 26   ILE A CD1   1 
ATOM   222  N N     A ARG A 1 26  ? 8.511   -7.043  -10.034 0.56 9.11  ? 27   ARG A N     1 
ATOM   223  N N     B ARG A 1 26  ? 8.520   -7.060  -10.037 0.44 9.11  ? 27   ARG A N     1 
ATOM   224  C CA    A ARG A 1 26  ? 8.354   -8.188  -10.916 0.56 12.29 ? 27   ARG A CA    1 
ATOM   225  C CA    B ARG A 1 26  ? 8.391   -8.245  -10.881 0.44 12.36 ? 27   ARG A CA    1 
ATOM   226  C C     A ARG A 1 26  ? 9.643   -8.527  -11.658 0.56 11.24 ? 27   ARG A C     1 
ATOM   227  C C     B ARG A 1 26  ? 9.620   -8.501  -11.748 0.44 11.12 ? 27   ARG A C     1 
ATOM   228  O O     A ARG A 1 26  ? 9.853   -9.700  -12.010 0.56 10.46 ? 27   ARG A O     1 
ATOM   229  O O     B ARG A 1 26  ? 9.743   -9.590  -12.322 0.44 10.81 ? 27   ARG A O     1 
ATOM   230  C CB    A ARG A 1 26  ? 7.216   -7.899  -11.880 0.56 13.76 ? 27   ARG A CB    1 
ATOM   231  C CB    B ARG A 1 26  ? 7.157   -8.133  -11.748 0.44 14.13 ? 27   ARG A CB    1 
ATOM   232  C CG    A ARG A 1 26  ? 6.093   -8.893  -11.777 0.56 25.85 ? 27   ARG A CG    1 
ATOM   233  C CG    B ARG A 1 26  ? 6.354   -9.403  -11.820 0.44 21.00 ? 27   ARG A CG    1 
ATOM   234  C CD    A ARG A 1 26  ? 4.723   -8.322  -12.199 0.56 18.73 ? 27   ARG A CD    1 
ATOM   235  C CD    B ARG A 1 26  ? 4.903   -9.078  -12.223 0.44 22.76 ? 27   ARG A CD    1 
ATOM   236  N NE    A ARG A 1 26  ? 3.665   -8.971  -11.443 0.56 14.30 ? 27   ARG A NE    1 
ATOM   237  N NE    B ARG A 1 26  ? 4.887   -7.861  -13.015 0.44 24.95 ? 27   ARG A NE    1 
ATOM   238  C CZ    A ARG A 1 26  ? 2.436   -8.493  -11.312 0.56 10.68 ? 27   ARG A CZ    1 
ATOM   239  C CZ    B ARG A 1 26  ? 3.969   -6.905  -12.926 0.44 11.44 ? 27   ARG A CZ    1 
ATOM   240  N NH1   A ARG A 1 26  ? 2.092   -7.372  -11.948 0.56 21.83 ? 27   ARG A NH1   1 
ATOM   241  N NH1   B ARG A 1 26  ? 2.946   -7.039  -12.108 0.44 14.30 ? 27   ARG A NH1   1 
ATOM   242  N NH2   A ARG A 1 26  ? 1.539   -9.159  -10.623 0.56 13.30 ? 27   ARG A NH2   1 
ATOM   243  N NH2   B ARG A 1 26  ? 4.064   -5.842  -13.705 0.44 10.51 ? 27   ARG A NH2   1 
ATOM   244  N N     . GLU A 1 27  ? 10.551  -7.565  -11.821 1.00 10.30 ? 28   GLU A N     1 
ATOM   245  C CA    . GLU A 1 27  ? 11.834  -7.821  -12.465 1.00 9.39  ? 28   GLU A CA    1 
ATOM   246  C C     . GLU A 1 27  ? 12.854  -8.484  -11.545 1.00 11.99 ? 28   GLU A C     1 
ATOM   247  O O     . GLU A 1 27  ? 13.994  -8.724  -11.954 1.00 12.14 ? 28   GLU A O     1 
ATOM   248  C CB    . GLU A 1 27  ? 12.452  -6.556  -13.060 1.00 8.87  ? 28   GLU A CB    1 
ATOM   249  C CG    . GLU A 1 27  ? 11.691  -6.002  -14.226 1.00 10.82 ? 28   GLU A CG    1 
ATOM   250  C CD    . GLU A 1 27  ? 11.693  -6.910  -15.416 1.00 11.51 ? 28   GLU A CD    1 
ATOM   251  O OE1   . GLU A 1 27  ? 12.504  -7.835  -15.511 1.00 15.17 ? 28   GLU A OE1   1 
ATOM   252  O OE2   . GLU A 1 27  ? 10.811  -6.697  -16.294 1.00 16.00 ? 28   GLU A OE2   1 
ATOM   253  N N     . THR A 1 28  ? 12.481  -8.811  -10.327 1.00 10.36 ? 29   THR A N     1 
ATOM   254  C CA    . THR A 1 28  ? 13.346  -9.548  -9.420  1.00 11.97 ? 29   THR A CA    1 
ATOM   255  C C     . THR A 1 28  ? 12.878  -10.988 -9.361  1.00 10.21 ? 29   THR A C     1 
ATOM   256  O O     . THR A 1 28  ? 11.842  -11.319 -9.914  1.00 10.96 ? 29   THR A O     1 
ATOM   257  C CB    . THR A 1 28  ? 13.369  -8.943  -8.009  1.00 12.85 ? 29   THR A CB    1 
ATOM   258  O OG1   . THR A 1 28  ? 12.086  -9.034  -7.357  1.00 11.64 ? 29   THR A OG1   1 
ATOM   259  C CG2   . THR A 1 28  ? 13.709  -7.481  -8.115  1.00 14.06 ? 29   THR A CG2   1 
ATOM   260  N N     . GLU A 1 29  ? 13.622  -11.836 -8.671  1.00 14.58 ? 30   GLU A N     1 
ATOM   261  C CA    . GLU A 1 29  ? 13.200  -13.230 -8.541  1.00 15.26 ? 30   GLU A CA    1 
ATOM   262  C C     . GLU A 1 29  ? 12.260  -13.386 -7.343  1.00 13.31 ? 30   GLU A C     1 
ATOM   263  O O     . GLU A 1 29  ? 12.480  -14.156 -6.407  1.00 18.51 ? 30   GLU A O     1 
ATOM   264  C CB    . GLU A 1 29  ? 14.414  -14.151 -8.450  1.00 17.45 ? 30   GLU A CB    1 
ATOM   265  C CG    . GLU A 1 29  ? 15.334  -14.133 -9.698  1.00 17.63 ? 30   GLU A CG    1 
ATOM   266  C CD    . GLU A 1 29  ? 14.613  -14.503 -10.997 1.00 20.48 ? 30   GLU A CD    1 
ATOM   267  O OE1   . GLU A 1 29  ? 13.750  -15.384 -10.944 1.00 21.77 ? 30   GLU A OE1   1 
ATOM   268  O OE2   . GLU A 1 29  ? 14.894  -13.946 -12.094 1.00 27.65 ? 30   GLU A OE2   1 
ATOM   269  N N     . ASN A 1 30  ? 11.208  -12.596 -7.359  1.00 13.39 ? 31   ASN A N     1 
ATOM   270  C CA    . ASN A 1 30  ? 10.148  -12.681 -6.360  1.00 11.35 ? 31   ASN A CA    1 
ATOM   271  C C     . ASN A 1 30  ? 8.847   -12.627 -7.134  1.00 13.58 ? 31   ASN A C     1 
ATOM   272  O O     . ASN A 1 30  ? 8.772   -11.961 -8.185  1.00 15.83 ? 31   ASN A O     1 
ATOM   273  C CB    . ASN A 1 30  ? 10.214  -11.508 -5.349  1.00 10.98 ? 31   ASN A CB    1 
ATOM   274  C CG    . ASN A 1 30  ? 11.466  -11.492 -4.541  1.00 11.61 ? 31   ASN A CG    1 
ATOM   275  O OD1   . ASN A 1 30  ? 11.631  -12.279 -3.628  1.00 14.12 ? 31   ASN A OD1   1 
ATOM   276  N ND2   . ASN A 1 30  ? 12.369  -10.612 -4.871  1.00 11.03 ? 31   ASN A ND2   1 
ATOM   277  N N     . GLU A 1 31  ? 7.814   -13.279 -6.625  1.00 12.76 ? 32   GLU A N     1 
ATOM   278  C CA    . GLU A 1 31  ? 6.516   -13.176 -7.294  1.00 14.23 ? 32   GLU A CA    1 
ATOM   279  C C     . GLU A 1 31  ? 5.691   -12.125 -6.578  1.00 13.46 ? 32   GLU A C     1 
ATOM   280  O O     . GLU A 1 31  ? 5.830   -11.924 -5.369  1.00 12.63 ? 32   GLU A O     1 
ATOM   281  C CB    . GLU A 1 31  ? 5.820   -14.534 -7.235  1.00 13.17 ? 32   GLU A CB    1 
ATOM   282  C CG    . GLU A 1 31  ? 6.669   -15.680 -7.879  1.00 22.59 ? 32   GLU A CG    1 
ATOM   283  C CD    . GLU A 1 31  ? 7.722   -16.252 -6.898  1.00 30.42 ? 32   GLU A CD    1 
ATOM   284  O OE1   . GLU A 1 31  ? 7.360   -16.482 -5.732  1.00 40.74 ? 32   GLU A OE1   1 
ATOM   285  O OE2   . GLU A 1 31  ? 8.902   -16.464 -7.280  1.00 41.18 ? 32   GLU A OE2   1 
ATOM   286  N N     . ILE A 1 32  ? 4.875   -11.393 -7.307  1.00 11.92 ? 33   ILE A N     1 
ATOM   287  C CA    . ILE A 1 32  ? 4.016   -10.421 -6.668  1.00 11.62 ? 33   ILE A CA    1 
ATOM   288  C C     . ILE A 1 32  ? 2.621   -10.539 -7.272  1.00 14.28 ? 33   ILE A C     1 
ATOM   289  O O     . ILE A 1 32  ? 2.446   -10.535 -8.508  1.00 15.87 ? 33   ILE A O     1 
ATOM   290  C CB    . ILE A 1 32  ? 4.559   -8.977  -6.697  1.00 10.68 ? 33   ILE A CB    1 
ATOM   291  C CG1   . ILE A 1 32  ? 3.618   -8.078  -5.920  1.00 12.82 ? 33   ILE A CG1   1 
ATOM   292  C CG2   . ILE A 1 32  ? 4.799   -8.496  -8.138  1.00 13.39 ? 33   ILE A CG2   1 
ATOM   293  C CD1   . ILE A 1 32  ? 4.266   -6.688  -5.605  1.00 14.59 ? 33   ILE A CD1   1 
ATOM   294  N N     . GLU A 1 33  ? 1.642   -10.684 -6.414  1.00 8.38  ? 34   GLU A N     1 
ATOM   295  C CA    . GLU A 1 33  ? 0.245   -10.683 -6.848  1.00 10.68 ? 34   GLU A CA    1 
ATOM   296  C C     . GLU A 1 33  ? -0.383  -9.316  -6.493  1.00 10.21 ? 34   GLU A C     1 
ATOM   297  O O     . GLU A 1 33  ? -0.450  -8.948  -5.296  1.00 10.73 ? 34   GLU A O     1 
ATOM   298  C CB    . GLU A 1 33  ? -0.523  -11.809 -6.146  1.00 9.77  ? 34   GLU A CB    1 
ATOM   299  C CG    . GLU A 1 33  ? -2.029  -11.815 -6.531  1.00 13.53 ? 34   GLU A CG    1 
ATOM   300  C CD    . GLU A 1 33  ? -2.744  -13.167 -6.368  1.00 20.05 ? 34   GLU A CD    1 
ATOM   301  O OE1   . GLU A 1 33  ? -3.777  -13.429 -7.058  1.00 19.64 ? 34   GLU A OE1   1 
ATOM   302  O OE2   . GLU A 1 33  ? -2.301  -13.915 -5.506  1.00 20.54 ? 34   GLU A OE2   1 
ATOM   303  N N     . VAL A 1 34  ? -0.856  -8.564  -7.488  1.00 9.10  ? 35   VAL A N     1 
ATOM   304  C CA    . VAL A 1 34  ? -1.426  -7.225  -7.304  1.00 8.91  ? 35   VAL A CA    1 
ATOM   305  C C     . VAL A 1 34  ? -2.945  -7.313  -7.335  1.00 7.85  ? 35   VAL A C     1 
ATOM   306  O O     . VAL A 1 34  ? -3.516  -7.839  -8.305  1.00 8.94  ? 35   VAL A O     1 
ATOM   307  C CB    . VAL A 1 34  ? -0.920  -6.283  -8.400  1.00 9.29  ? 35   VAL A CB    1 
ATOM   308  C CG1   . VAL A 1 34  ? -1.591  -4.844  -8.257  1.00 11.08 ? 35   VAL A CG1   1 
ATOM   309  C CG2   . VAL A 1 34  ? 0.622   -6.212  -8.431  1.00 11.48 ? 35   VAL A CG2   1 
ATOM   310  N N     . ILE A 1 35  ? -3.616  -6.803  -6.311  1.00 8.39  ? 36   ILE A N     1 
ATOM   311  C CA    . ILE A 1 35  ? -5.045  -6.950  -6.157  1.00 7.74  ? 36   ILE A CA    1 
ATOM   312  C C     . ILE A 1 35  ? -5.644  -5.586  -5.883  1.00 8.76  ? 36   ILE A C     1 
ATOM   313  O O     . ILE A 1 35  ? -5.208  -4.884  -4.966  1.00 10.09 ? 36   ILE A O     1 
ATOM   314  C CB    . ILE A 1 35  ? -5.372  -7.922  -5.009  1.00 9.23  ? 36   ILE A CB    1 
ATOM   315  C CG1   . ILE A 1 35  ? -4.737  -9.263  -5.219  1.00 10.69 ? 36   ILE A CG1   1 
ATOM   316  C CG2   . ILE A 1 35  ? -6.907  -8.047  -4.805  1.00 12.94 ? 36   ILE A CG2   1 
ATOM   317  C CD1   . ILE A 1 35  ? -4.845  -10.230 -4.039  1.00 15.87 ? 36   ILE A CD1   1 
ATOM   318  N N     . ASP A 1 36  ? -6.688  -5.244  -6.592  1.00 8.06  ? 37   ASP A N     1 
ATOM   319  C CA    . ASP A 1 36  ? -7.490  -4.029  -6.353  1.00 6.77  ? 37   ASP A CA    1 
ATOM   320  C C     . ASP A 1 36  ? -8.503  -4.291  -5.257  1.00 7.55  ? 37   ASP A C     1 
ATOM   321  O O     . ASP A 1 36  ? -9.145  -5.357  -5.219  1.00 10.03 ? 37   ASP A O     1 
ATOM   322  C CB    . ASP A 1 36  ? -8.232  -3.729  -7.672  1.00 11.47 ? 37   ASP A CB    1 
ATOM   323  C CG    . ASP A 1 36  ? -8.908  -2.383  -7.673  1.00 11.11 ? 37   ASP A CG    1 
ATOM   324  O OD1   . ASP A 1 36  ? -9.381  -1.872  -6.637  1.00 11.73 ? 37   ASP A OD1   1 
ATOM   325  O OD2   . ASP A 1 36  ? -8.963  -1.758  -8.762  1.00 16.26 ? 37   ASP A OD2   1 
ATOM   326  N N     . ILE A 1 37  ? -8.533  -3.409  -4.259  1.00 8.23  ? 38   ILE A N     1 
ATOM   327  C CA    . ILE A 1 37  ? -9.484  -3.519  -3.154  1.00 10.25 ? 38   ILE A CA    1 
ATOM   328  C C     . ILE A 1 37  ? -10.914 -3.675  -3.634  1.00 13.34 ? 38   ILE A C     1 
ATOM   329  O O     . ILE A 1 37  ? -11.733 -4.286  -2.940  1.00 10.89 ? 38   ILE A O     1 
ATOM   330  C CB    . ILE A 1 37  ? -9.308  -2.369  -2.131  1.00 11.20 ? 38   ILE A CB    1 
ATOM   331  C CG1   . ILE A 1 37  ? -9.934  -2.671  -0.763  1.00 12.27 ? 38   ILE A CG1   1 
ATOM   332  C CG2   . ILE A 1 37  ? -9.905  -1.137  -2.725  1.00 11.23 ? 38   ILE A CG2   1 
ATOM   333  C CD1   . ILE A 1 37  ? -9.224  -3.784  -0.060  1.00 14.00 ? 38   ILE A CD1   1 
ATOM   334  N N     A MET A 1 38  ? -11.238 -3.139  -4.819  0.61 8.85  ? 39   MET A N     1 
ATOM   335  N N     B MET A 1 38  ? -11.244 -3.118  -4.799  0.39 8.95  ? 39   MET A N     1 
ATOM   336  C CA    A MET A 1 38  ? -12.594 -3.238  -5.367  0.61 12.44 ? 39   MET A CA    1 
ATOM   337  C CA    B MET A 1 38  ? -12.603 -3.249  -5.306  0.39 12.49 ? 39   MET A CA    1 
ATOM   338  C C     A MET A 1 38  ? -12.926 -4.658  -5.773  0.61 16.37 ? 39   MET A C     1 
ATOM   339  C C     B MET A 1 38  ? -12.975 -4.700  -5.492  0.39 16.97 ? 39   MET A C     1 
ATOM   340  O O     A MET A 1 38  ? -14.071 -4.925  -6.138  0.61 15.70 ? 39   MET A O     1 
ATOM   341  O O     B MET A 1 38  ? -14.171 -5.030  -5.406  0.39 11.58 ? 39   MET A O     1 
ATOM   342  C CB    A MET A 1 38  ? -12.733 -2.298  -6.557  0.61 10.93 ? 39   MET A CB    1 
ATOM   343  C CB    B MET A 1 38  ? -12.721 -2.500  -6.615  0.39 10.80 ? 39   MET A CB    1 
ATOM   344  C CG    A MET A 1 38  ? -12.989 -0.830  -6.154  0.61 9.39  ? 39   MET A CG    1 
ATOM   345  C CG    B MET A 1 38  ? -13.010 -1.047  -6.393  0.39 10.83 ? 39   MET A CG    1 
ATOM   346  S SD    A MET A 1 38  ? -12.848 0.282   -7.584  0.61 12.05 ? 39   MET A SD    1 
ATOM   347  S SD    B MET A 1 38  ? -13.381 -0.288  -7.964  0.39 24.90 ? 39   MET A SD    1 
ATOM   348  C CE    A MET A 1 38  ? -13.470 1.830   -6.848  0.61 11.32 ? 39   MET A CE    1 
ATOM   349  C CE    B MET A 1 38  ? -13.483 1.429   -7.448  0.39 15.12 ? 39   MET A CE    1 
ATOM   350  N N     . ASP A 1 39  ? -11.973 -5.579  -5.693  1.00 12.88 ? 40   ASP A N     1 
ATOM   351  C CA    . ASP A 1 39  ? -12.194 -7.011  -5.913  1.00 10.16 ? 40   ASP A CA    1 
ATOM   352  C C     . ASP A 1 39  ? -12.382 -7.757  -4.596  1.00 13.11 ? 40   ASP A C     1 
ATOM   353  O O     . ASP A 1 39  ? -12.410 -9.001  -4.555  1.00 16.01 ? 40   ASP A O     1 
ATOM   354  C CB    . ASP A 1 39  ? -11.130 -7.583  -6.852  1.00 19.03 ? 40   ASP A CB    1 
ATOM   355  C CG    . ASP A 1 39  ? -11.122 -6.901  -8.180  1.00 16.79 ? 40   ASP A CG    1 
ATOM   356  O OD1   . ASP A 1 39  ? -12.136 -6.254  -8.570  1.00 20.97 ? 40   ASP A OD1   1 
ATOM   357  O OD2   . ASP A 1 39  ? -10.138 -7.007  -8.904  1.00 15.37 ? 40   ASP A OD2   1 
ATOM   358  N N     . SER A 1 40  ? -12.461 -6.999  -3.501  1.00 10.29 ? 41   SER A N     1 
ATOM   359  C CA    . SER A 1 40  ? -12.788 -7.506  -2.178  1.00 12.25 ? 41   SER A CA    1 
ATOM   360  C C     . SER A 1 40  ? -11.917 -8.655  -1.650  1.00 15.10 ? 41   SER A C     1 
ATOM   361  O O     . SER A 1 40  ? -12.434 -9.646  -1.137  1.00 12.84 ? 41   SER A O     1 
ATOM   362  C CB    . SER A 1 40  ? -14.264 -7.880  -2.066  1.00 18.01 ? 41   SER A CB    1 
ATOM   363  O OG    . SER A 1 40  ? -15.128 -6.832  -2.479  1.00 29.32 ? 41   SER A OG    1 
ATOM   364  N N     . PRO A 1 41  ? -10.582 -8.510  -1.643  1.00 11.90 ? 42   PRO A N     1 
ATOM   365  C CA    . PRO A 1 41  ? -9.735  -9.531  -1.003  1.00 10.34 ? 42   PRO A CA    1 
ATOM   366  C C     . PRO A 1 41  ? -10.040 -9.623  0.482   1.00 11.11 ? 42   PRO A C     1 
ATOM   367  O O     . PRO A 1 41  ? -10.311 -8.590  1.129   1.00 12.63 ? 42   PRO A O     1 
ATOM   368  C CB    . PRO A 1 41  ? -8.314  -8.999  -1.216  1.00 9.33  ? 42   PRO A CB    1 
ATOM   369  C CG    . PRO A 1 41  ? -8.513  -7.443  -1.372  1.00 12.08 ? 42   PRO A CG    1 
ATOM   370  C CD    . PRO A 1 41  ? -9.824  -7.346  -2.133  1.00 14.16 ? 42   PRO A CD    1 
ATOM   371  N N     . GLU A 1 42  ? -9.986  -10.849 1.062   1.00 9.94  ? 43   GLU A N     1 
ATOM   372  C CA    . GLU A 1 42  ? -10.116 -10.990 2.505   1.00 12.41 ? 43   GLU A CA    1 
ATOM   373  C C     . GLU A 1 42  ? -8.746  -10.743 3.145   1.00 13.67 ? 43   GLU A C     1 
ATOM   374  O O     . GLU A 1 42  ? -7.707  -11.186 2.618   1.00 11.37 ? 43   GLU A O     1 
ATOM   375  C CB    . GLU A 1 42  ? -10.667 -12.391 2.863   1.00 15.59 ? 43   GLU A CB    1 
ATOM   376  C CG    . GLU A 1 42  ? -9.821  -13.521 2.399   1.00 16.54 ? 43   GLU A CG    1 
ATOM   377  C CD    . GLU A 1 42  ? -10.529 -14.872 2.648   1.00 15.76 ? 43   GLU A CD    1 
ATOM   378  O OE1   . GLU A 1 42  ? -11.645 -14.809 3.226   1.00 19.19 ? 43   GLU A OE1   1 
ATOM   379  O OE2   . GLU A 1 42  ? -9.957  -15.915 2.305   1.00 26.57 ? 43   GLU A OE2   1 
ATOM   380  N N     . ALA A 1 43  ? -8.735  -10.041 4.296   1.00 12.61 ? 44   ALA A N     1 
ATOM   381  C CA    . ALA A 1 43  ? -7.474  -9.704  4.960   1.00 11.82 ? 44   ALA A CA    1 
ATOM   382  C C     . ALA A 1 43  ? -6.658  -10.945 5.345   1.00 10.57 ? 44   ALA A C     1 
ATOM   383  O O     . ALA A 1 43  ? -5.426  -10.851 5.431   1.00 11.85 ? 44   ALA A O     1 
ATOM   384  C CB    . ALA A 1 43  ? -7.777  -8.888  6.206   1.00 12.58 ? 44   ALA A CB    1 
ATOM   385  N N     . SER A 1 44  ? -7.310  -12.110 5.593   1.00 10.86 ? 45   SER A N     1 
ATOM   386  C CA    . SER A 1 44  ? -6.560  -13.296 5.955   1.00 15.02 ? 45   SER A CA    1 
ATOM   387  C C     . SER A 1 44  ? -5.537  -13.681 4.886   1.00 12.56 ? 45   SER A C     1 
ATOM   388  O O     . SER A 1 44  ? -4.551  -14.336 5.209   1.00 15.54 ? 45   SER A O     1 
ATOM   389  C CB    . SER A 1 44  ? -7.510  -14.463 6.248   1.00 12.88 ? 45   SER A CB    1 
ATOM   390  O OG    . SER A 1 44  ? -8.215  -14.749 5.045   1.00 15.14 ? 45   SER A OG    1 
ATOM   391  N N     . ILE A 1 45  ? -5.729  -13.286 3.627   1.00 11.13 ? 46   ILE A N     1 
ATOM   392  C CA    . ILE A 1 45  ? -4.724  -13.676 2.648   1.00 14.24 ? 46   ILE A CA    1 
ATOM   393  C C     . ILE A 1 45  ? -3.351  -13.083 2.942   1.00 14.12 ? 46   ILE A C     1 
ATOM   394  O O     . ILE A 1 45  ? -2.331  -13.686 2.568   1.00 14.55 ? 46   ILE A O     1 
ATOM   395  C CB    . ILE A 1 45  ? -5.154  -13.382 1.197   1.00 15.08 ? 46   ILE A CB    1 
ATOM   396  C CG1   . ILE A 1 45  ? -5.001  -11.924 0.845   1.00 10.64 ? 46   ILE A CG1   1 
ATOM   397  C CG2   . ILE A 1 45  ? -6.581  -13.885 0.890   1.00 13.50 ? 46   ILE A CG2   1 
ATOM   398  C CD1   . ILE A 1 45  ? -5.288  -11.681 -0.637  1.00 12.81 ? 46   ILE A CD1   1 
ATOM   399  N N     . LEU A 1 46  ? -3.287  -11.948 3.675   1.00 13.62 ? 47   LEU A N     1 
ATOM   400  C CA    . LEU A 1 46  ? -1.997  -11.342 4.008   1.00 11.04 ? 47   LEU A CA    1 
ATOM   401  C C     . LEU A 1 46  ? -1.104  -12.298 4.776   1.00 13.68 ? 47   LEU A C     1 
ATOM   402  O O     . LEU A 1 46  ? 0.124   -12.159 4.760   1.00 15.19 ? 47   LEU A O     1 
ATOM   403  C CB    . LEU A 1 46  ? -2.191  -10.026 4.775   1.00 8.92  ? 47   LEU A CB    1 
ATOM   404  C CG    . LEU A 1 46  ? -2.944  -8.929  4.054   1.00 11.91 ? 47   LEU A CG    1 
ATOM   405  C CD1   . LEU A 1 46  ? -2.837  -7.679  4.921   1.00 13.24 ? 47   LEU A CD1   1 
ATOM   406  C CD2   . LEU A 1 46  ? -2.375  -8.620  2.676   1.00 13.66 ? 47   LEU A CD2   1 
ATOM   407  N N     . GLU A 1 47  ? -1.697  -13.233 5.511   1.00 11.08 ? 48   GLU A N     1 
ATOM   408  C CA    . GLU A 1 47  ? -0.895  -14.150 6.311   1.00 12.27 ? 48   GLU A CA    1 
ATOM   409  C C     . GLU A 1 47  ? -0.097  -15.104 5.435   1.00 12.80 ? 48   GLU A C     1 
ATOM   410  O O     . GLU A 1 47  ? 0.790   -15.808 5.931   1.00 15.98 ? 48   GLU A O     1 
ATOM   411  C CB    . GLU A 1 47  ? -1.854  -14.982 7.187   1.00 16.53 ? 48   GLU A CB    1 
ATOM   412  C CG    . GLU A 1 47  ? -2.475  -14.162 8.280   1.00 17.58 ? 48   GLU A CG    1 
ATOM   413  C CD    . GLU A 1 47  ? -3.351  -14.956 9.196   1.00 20.78 ? 48   GLU A CD    1 
ATOM   414  O OE1   . GLU A 1 47  ? -3.987  -15.953 8.761   1.00 30.05 ? 48   GLU A OE1   1 
ATOM   415  O OE2   . GLU A 1 47  ? -3.421  -14.569 10.368  1.00 14.39 ? 48   GLU A OE2   1 
ATOM   416  N N     . GLN A 1 48  ? -0.431  -15.165 4.144   1.00 15.49 ? 49   GLN A N     1 
ATOM   417  C CA    . GLN A 1 48  ? 0.090   -16.218 3.259   1.00 12.35 ? 49   GLN A CA    1 
ATOM   418  C C     . GLN A 1 48  ? 1.237   -15.710 2.411   1.00 15.64 ? 49   GLN A C     1 
ATOM   419  O O     . GLN A 1 48  ? 1.770   -16.469 1.593   1.00 16.84 ? 49   GLN A O     1 
ATOM   420  C CB    . GLN A 1 48  ? -1.010  -16.811 2.380   1.00 15.48 ? 49   GLN A CB    1 
ATOM   421  C CG    . GLN A 1 48  ? -1.716  -17.847 3.237   1.00 32.50 ? 49   GLN A CG    1 
ATOM   422  C CD    . GLN A 1 48  ? -3.122  -18.065 2.875   1.00 40.63 ? 49   GLN A CD    1 
ATOM   423  O OE1   . GLN A 1 48  ? -4.001  -17.241 3.148   1.00 32.41 ? 49   GLN A OE1   1 
ATOM   424  N NE2   . GLN A 1 48  ? -3.375  -19.209 2.280   1.00 32.98 ? 49   GLN A NE2   1 
ATOM   425  N N     . TYR A 1 49  ? 1.673   -14.466 2.638   1.00 9.89  ? 50   TYR A N     1 
ATOM   426  C CA    . TYR A 1 49  ? 2.732   -13.891 1.822   1.00 8.97  ? 50   TYR A CA    1 
ATOM   427  C C     . TYR A 1 49  ? 3.917   -13.478 2.688   1.00 10.24 ? 50   TYR A C     1 
ATOM   428  O O     . TYR A 1 49  ? 3.777   -13.208 3.884   1.00 13.92 ? 50   TYR A O     1 
ATOM   429  C CB    . TYR A 1 49  ? 2.208   -12.647 1.101   1.00 10.98 ? 50   TYR A CB    1 
ATOM   430  C CG    . TYR A 1 49  ? 1.205   -13.016 0.037   1.00 11.90 ? 50   TYR A CG    1 
ATOM   431  C CD1   . TYR A 1 49  ? 1.641   -13.345 -1.250  1.00 10.07 ? 50   TYR A CD1   1 
ATOM   432  C CD2   . TYR A 1 49  ? -0.148  -13.136 0.347   1.00 12.80 ? 50   TYR A CD2   1 
ATOM   433  C CE1   . TYR A 1 49  ? 0.736   -13.759 -2.224  1.00 12.21 ? 50   TYR A CE1   1 
ATOM   434  C CE2   . TYR A 1 49  ? -1.078  -13.504 -0.631  1.00 11.75 ? 50   TYR A CE2   1 
ATOM   435  C CZ    . TYR A 1 49  ? -0.598  -13.832 -1.903  1.00 13.09 ? 50   TYR A CZ    1 
ATOM   436  O OH    . TYR A 1 49  ? -1.503  -14.255 -2.858  1.00 17.37 ? 50   TYR A OH    1 
ATOM   437  N N     . ASP A 1 50  ? 5.107   -13.417 2.069   1.00 9.97  ? 51   ASP A N     1 
ATOM   438  C CA    . ASP A 1 50  ? 6.317   -13.015 2.779   1.00 8.31  ? 51   ASP A CA    1 
ATOM   439  C C     . ASP A 1 50  ? 6.431   -11.518 2.938   1.00 9.55  ? 51   ASP A C     1 
ATOM   440  O O     . ASP A 1 50  ? 7.024   -11.030 3.920   1.00 11.69 ? 51   ASP A O     1 
ATOM   441  C CB    . ASP A 1 50  ? 7.550   -13.481 2.003   1.00 9.36  ? 51   ASP A CB    1 
ATOM   442  C CG    . ASP A 1 50  ? 7.536   -14.981 1.817   1.00 10.59 ? 51   ASP A CG    1 
ATOM   443  O OD1   . ASP A 1 50  ? 7.105   -15.683 2.739   1.00 11.19 ? 51   ASP A OD1   1 
ATOM   444  O OD2   . ASP A 1 50  ? 7.901   -15.454 0.707   1.00 12.64 ? 51   ASP A OD2   1 
ATOM   445  N N     . GLY A 1 51  ? 5.875   -10.742 2.015   1.00 9.29  ? 52   GLY A N     1 
ATOM   446  C CA    . GLY A 1 51  ? 5.921   -9.297  2.107   1.00 8.97  ? 52   GLY A CA    1 
ATOM   447  C C     . GLY A 1 51  ? 4.620   -8.750  1.577   1.00 6.19  ? 52   GLY A C     1 
ATOM   448  O O     . GLY A 1 51  ? 3.984   -9.367  0.715   1.00 7.84  ? 52   GLY A O     1 
ATOM   449  N N     . ILE A 1 52  ? 4.233   -7.602  2.126   1.00 9.00  ? 53   ILE A N     1 
ATOM   450  C CA    . ILE A 1 52  ? 2.926   -7.008  1.921   1.00 6.31  ? 53   ILE A CA    1 
ATOM   451  C C     . ILE A 1 52  ? 3.098   -5.531  1.585   1.00 7.00  ? 53   ILE A C     1 
ATOM   452  O O     . ILE A 1 52  ? 3.732   -4.789  2.356   1.00 7.89  ? 53   ILE A O     1 
ATOM   453  C CB    . ILE A 1 52  ? 2.087   -7.116  3.194   1.00 7.78  ? 53   ILE A CB    1 
ATOM   454  C CG1   . ILE A 1 52  ? 1.859   -8.635  3.481   1.00 7.21  ? 53   ILE A CG1   1 
ATOM   455  C CG2   . ILE A 1 52  ? 0.785   -6.329  3.080   1.00 8.62  ? 53   ILE A CG2   1 
ATOM   456  C CD1   . ILE A 1 52  ? 1.469   -8.930  4.969   1.00 11.79 ? 53   ILE A CD1   1 
ATOM   457  N N     . ILE A 1 53  ? 2.475   -5.031  0.510   1.00 6.58  ? 54   ILE A N     1 
ATOM   458  C CA    . ILE A 1 53  ? 2.523   -3.603  0.210   1.00 5.87  ? 54   ILE A CA    1 
ATOM   459  C C     . ILE A 1 53  ? 1.081   -3.198  0.069   1.00 7.62  ? 54   ILE A C     1 
ATOM   460  O O     . ILE A 1 53  ? 0.345   -3.821  -0.703  1.00 8.09  ? 54   ILE A O     1 
ATOM   461  C CB    . ILE A 1 53  ? 3.330   -3.349  -1.074  1.00 7.68  ? 54   ILE A CB    1 
ATOM   462  C CG1   . ILE A 1 53  ? 4.737   -4.023  -0.990  1.00 8.86  ? 54   ILE A CG1   1 
ATOM   463  C CG2   . ILE A 1 53  ? 3.378   -1.878  -1.347  1.00 8.52  ? 54   ILE A CG2   1 
ATOM   464  C CD1   . ILE A 1 53  ? 5.531   -3.720  -2.281  1.00 9.20  ? 54   ILE A CD1   1 
ATOM   465  N N     . LEU A 1 54  ? 0.669   -2.185  0.777   1.00 6.56  ? 55   LEU A N     1 
ATOM   466  C CA    . LEU A 1 54  ? -0.679  -1.614  0.666   1.00 5.87  ? 55   LEU A CA    1 
ATOM   467  C C     . LEU A 1 54  ? -0.614  -0.239  0.010   1.00 5.44  ? 55   LEU A C     1 
ATOM   468  O O     . LEU A 1 54  ? 0.285   0.557   0.290   1.00 5.18  ? 55   LEU A O     1 
ATOM   469  C CB    . LEU A 1 54  ? -1.399  -1.537  1.998   1.00 6.05  ? 55   LEU A CB    1 
ATOM   470  C CG    . LEU A 1 54  ? -1.408  -2.805  2.816   1.00 7.14  ? 55   LEU A CG    1 
ATOM   471  C CD1   . LEU A 1 54  ? -2.123  -2.607  4.118   1.00 9.27  ? 55   LEU A CD1   1 
ATOM   472  C CD2   . LEU A 1 54  ? -2.120  -3.916  1.976   1.00 9.59  ? 55   LEU A CD2   1 
ATOM   473  N N     . GLY A 1 55  ? -1.598  0.096   -0.857  1.00 6.99  ? 56   GLY A N     1 
ATOM   474  C CA    . GLY A 1 55  ? -1.627  1.378   -1.461  1.00 9.53  ? 56   GLY A CA    1 
ATOM   475  C C     . GLY A 1 55  ? -3.007  1.955   -1.229  1.00 5.23  ? 56   GLY A C     1 
ATOM   476  O O     . GLY A 1 55  ? -4.042  1.286   -1.509  1.00 5.83  ? 56   GLY A O     1 
ATOM   477  N N     . ALA A 1 56  ? -3.103  3.189   -0.826  1.00 6.64  ? 57   ALA A N     1 
ATOM   478  C CA    . ALA A 1 56  ? -4.429  3.753   -0.673  1.00 7.04  ? 57   ALA A CA    1 
ATOM   479  C C     . ALA A 1 56  ? -4.420  5.271   -0.823  1.00 6.74  ? 57   ALA A C     1 
ATOM   480  O O     . ALA A 1 56  ? -3.567  5.946   -0.229  1.00 9.17  ? 57   ALA A O     1 
ATOM   481  C CB    . ALA A 1 56  ? -5.073  3.409   0.662   1.00 7.57  ? 57   ALA A CB    1 
ATOM   482  N N     . TYR A 1 57  ? -5.386  5.845   -1.542  1.00 8.26  ? 58   TYR A N     1 
ATOM   483  C CA    . TYR A 1 57  ? -5.661  7.290   -1.434  1.00 10.11 ? 58   TYR A CA    1 
ATOM   484  C C     . TYR A 1 57  ? -6.345  7.619   -0.101  1.00 7.05  ? 58   TYR A C     1 
ATOM   485  O O     . TYR A 1 57  ? -6.783  6.707   0.607   1.00 7.59  ? 58   TYR A O     1 
ATOM   486  C CB    . TYR A 1 57  ? -6.578  7.775   -2.590  1.00 9.32  ? 58   TYR A CB    1 
ATOM   487  C CG    . TYR A 1 57  ? -7.920  7.067   -2.704  1.00 7.49  ? 58   TYR A CG    1 
ATOM   488  C CD1   . TYR A 1 57  ? -8.033  5.886   -3.465  1.00 7.69  ? 58   TYR A CD1   1 
ATOM   489  C CD2   . TYR A 1 57  ? -9.084  7.575   -2.046  1.00 7.19  ? 58   TYR A CD2   1 
ATOM   490  C CE1   . TYR A 1 57  ? -9.222  5.200   -3.517  1.00 8.82  ? 58   TYR A CE1   1 
ATOM   491  C CE2   . TYR A 1 57  ? -10.289 6.936   -2.206  1.00 8.26  ? 58   TYR A CE2   1 
ATOM   492  C CZ    . TYR A 1 57  ? -10.329 5.770   -2.913  1.00 10.00 ? 58   TYR A CZ    1 
ATOM   493  O OH    . TYR A 1 57  ? -11.546 5.074   -3.032  1.00 12.34 ? 58   TYR A OH    1 
ATOM   494  N N     . THR A 1 58  ? -6.434  8.893   0.241   1.00 7.40  ? 59   THR A N     1 
ATOM   495  C CA    . THR A 1 58  ? -7.131  9.299   1.466   1.00 9.13  ? 59   THR A CA    1 
ATOM   496  C C     . THR A 1 58  ? -8.464  9.901   1.047   1.00 9.41  ? 59   THR A C     1 
ATOM   497  O O     . THR A 1 58  ? -8.563  10.612  0.038   1.00 10.06 ? 59   THR A O     1 
ATOM   498  C CB    . THR A 1 58  ? -6.270  10.363  2.211   1.00 8.32  ? 59   THR A CB    1 
ATOM   499  O OG1   . THR A 1 58  ? -5.024  9.736   2.523   1.00 8.94  ? 59   THR A OG1   1 
ATOM   500  C CG2   . THR A 1 58  ? -6.893  10.755  3.574   1.00 8.23  ? 59   THR A CG2   1 
ATOM   501  N N     A TRP A 1 59  ? -9.482  9.598   1.829   0.56 8.55  ? 60   TRP A N     1 
ATOM   502  N N     B TRP A 1 59  ? -9.471  9.697   1.888   0.44 8.73  ? 60   TRP A N     1 
ATOM   503  C CA    A TRP A 1 59  ? -10.800 10.103  1.542   0.56 11.64 ? 60   TRP A CA    1 
ATOM   504  C CA    B TRP A 1 59  ? -10.850 10.003  1.552   0.44 11.78 ? 60   TRP A CA    1 
ATOM   505  C C     A TRP A 1 59  ? -11.264 10.982  2.685   0.56 14.19 ? 60   TRP A C     1 
ATOM   506  C C     B TRP A 1 59  ? -11.528 10.787  2.674   0.44 11.84 ? 60   TRP A C     1 
ATOM   507  O O     A TRP A 1 59  ? -10.444 11.426  3.512   0.56 13.08 ? 60   TRP A O     1 
ATOM   508  O O     B TRP A 1 59  ? -11.340 10.483  3.856   0.44 13.36 ? 60   TRP A O     1 
ATOM   509  C CB    A TRP A 1 59  ? -11.700 8.893   1.361   0.56 10.25 ? 60   TRP A CB    1 
ATOM   510  C CB    B TRP A 1 59  ? -11.541 8.661   1.309   0.44 9.82  ? 60   TRP A CB    1 
ATOM   511  C CG    A TRP A 1 59  ? -13.026 9.166   0.732   0.56 11.48 ? 60   TRP A CG    1 
ATOM   512  C CG    B TRP A 1 59  ? -12.840 8.711   0.599   0.44 15.94 ? 60   TRP A CG    1 
ATOM   513  C CD1   A TRP A 1 59  ? -14.254 9.019   1.312   0.56 13.39 ? 60   TRP A CD1   1 
ATOM   514  C CD1   B TRP A 1 59  ? -14.040 8.303   1.083   0.44 14.31 ? 60   TRP A CD1   1 
ATOM   515  C CD2   A TRP A 1 59  ? -13.242 9.560   -0.614  0.56 10.50 ? 60   TRP A CD2   1 
ATOM   516  C CD2   B TRP A 1 59  ? -13.066 9.183   -0.725  0.44 10.17 ? 60   TRP A CD2   1 
ATOM   517  N NE1   A TRP A 1 59  ? -15.232 9.361   0.397   0.56 14.37 ? 60   TRP A NE1   1 
ATOM   518  N NE1   B TRP A 1 59  ? -15.007 8.478   0.134   0.44 9.75  ? 60   TRP A NE1   1 
ATOM   519  C CE2   A TRP A 1 59  ? -14.630 9.676   -0.792  0.56 12.67 ? 60   TRP A CE2   1 
ATOM   520  C CE2   B TRP A 1 59  ? -14.435 9.025   -0.989  0.44 13.70 ? 60   TRP A CE2   1 
ATOM   521  C CE3   A TRP A 1 59  ? -12.390 9.880   -1.677  0.56 11.83 ? 60   TRP A CE3   1 
ATOM   522  C CE3   B TRP A 1 59  ? -12.240 9.732   -1.719  0.44 12.74 ? 60   TRP A CE3   1 
ATOM   523  C CZ2   A TRP A 1 59  ? -15.190 10.076  -2.002  0.56 16.07 ? 60   TRP A CZ2   1 
ATOM   524  C CZ2   B TRP A 1 59  ? -15.001 9.387   -2.207  0.44 15.32 ? 60   TRP A CZ2   1 
ATOM   525  C CZ3   A TRP A 1 59  ? -12.943 10.239  -2.893  0.56 14.63 ? 60   TRP A CZ3   1 
ATOM   526  C CZ3   B TRP A 1 59  ? -12.801 10.084  -2.937  0.44 14.13 ? 60   TRP A CZ3   1 
ATOM   527  C CH2   A TRP A 1 59  ? -14.332 10.351  -3.038  0.56 20.62 ? 60   TRP A CH2   1 
ATOM   528  C CH2   B TRP A 1 59  ? -14.173 9.919   -3.164  0.44 19.78 ? 60   TRP A CH2   1 
ATOM   529  N N     A GLY A 1 60  ? -12.574 11.201  2.744   0.56 16.83 ? 61   GLY A N     1 
ATOM   530  N N     B GLY A 1 60  ? -12.257 11.839  2.294   0.44 16.26 ? 61   GLY A N     1 
ATOM   531  C CA    A GLY A 1 60  ? -13.168 12.279  3.508   0.56 19.72 ? 61   GLY A CA    1 
ATOM   532  C CA    B GLY A 1 60  ? -13.053 12.629  3.227   0.44 18.05 ? 61   GLY A CA    1 
ATOM   533  C C     A GLY A 1 60  ? -12.743 12.353  4.946   0.56 15.01 ? 61   GLY A C     1 
ATOM   534  C C     B GLY A 1 60  ? -12.279 13.323  4.320   0.44 19.29 ? 61   GLY A C     1 
ATOM   535  O O     A GLY A 1 60  ? -12.826 11.356  5.662   0.56 16.74 ? 61   GLY A O     1 
ATOM   536  O O     B GLY A 1 60  ? -11.461 14.228  4.087   0.44 23.56 ? 61   GLY A O     1 
ATOM   537  N N     A ASP A 1 61  ? -12.328 13.558  5.386   0.56 12.90 ? 62   ASP A N     1 
ATOM   538  N N     B ASP A 1 61  ? -12.586 12.932  5.554   0.44 22.75 ? 62   ASP A N     1 
ATOM   539  C CA    A ASP A 1 61  ? -11.901 13.822  6.758   0.56 15.15 ? 62   ASP A CA    1 
ATOM   540  C CA    B ASP A 1 61  ? -12.024 13.547  6.753   0.44 15.92 ? 62   ASP A CA    1 
ATOM   541  C C     A ASP A 1 61  ? -10.729 12.945  7.198   0.56 19.86 ? 62   ASP A C     1 
ATOM   542  C C     B ASP A 1 61  ? -10.756 12.805  7.197   0.44 20.05 ? 62   ASP A C     1 
ATOM   543  O O     A ASP A 1 61  ? -10.666 12.479  8.344   0.56 19.92 ? 62   ASP A O     1 
ATOM   544  O O     B ASP A 1 61  ? -10.639 12.307  8.327   0.44 19.63 ? 62   ASP A O     1 
ATOM   545  C CB    A ASP A 1 61  ? -13.061 13.762  7.748   0.56 22.13 ? 62   ASP A CB    1 
ATOM   546  C CB    B ASP A 1 61  ? -13.086 13.560  7.845   0.44 21.43 ? 62   ASP A CB    1 
ATOM   547  C CG    A ASP A 1 61  ? -12.859 14.716  8.914   0.56 30.83 ? 62   ASP A CG    1 
ATOM   548  C CG    B ASP A 1 61  ? -12.574 14.120  9.156   0.44 26.02 ? 62   ASP A CG    1 
ATOM   549  O OD1   A ASP A 1 61  ? -12.077 15.699  8.752   0.56 28.16 ? 62   ASP A OD1   1 
ATOM   550  O OD1   B ASP A 1 61  ? -11.792 15.101  9.129   0.44 24.31 ? 62   ASP A OD1   1 
ATOM   551  O OD2   A ASP A 1 61  ? -13.466 14.475  9.979   0.56 29.36 ? 62   ASP A OD2   1 
ATOM   552  O OD2   B ASP A 1 61  ? -12.963 13.563  10.202  0.44 28.36 ? 62   ASP A OD2   1 
ATOM   553  N N     . GLY A 1 62  ? -9.781  12.726  6.289   1.00 12.65 ? 63   GLY A N     1 
ATOM   554  C CA    . GLY A 1 62  ? -8.606  11.924  6.602   1.00 15.17 ? 63   GLY A CA    1 
ATOM   555  C C     . GLY A 1 62  ? -8.958  10.473  6.875   1.00 17.19 ? 63   GLY A C     1 
ATOM   556  O O     . GLY A 1 62  ? -8.531  9.908   7.894   1.00 18.51 ? 63   GLY A O     1 
ATOM   557  N N     . ASP A 1 63  ? -9.775  9.874   6.018   1.00 11.56 ? 64   ASP A N     1 
ATOM   558  C CA    . ASP A 1 63  ? -10.168 8.484   6.243   1.00 14.31 ? 64   ASP A CA    1 
ATOM   559  C C     . ASP A 1 63  ? -9.579  7.566   5.165   1.00 9.73  ? 64   ASP A C     1 
ATOM   560  O O     . ASP A 1 63  ? -9.110  7.997   4.094   1.00 9.65  ? 64   ASP A O     1 
ATOM   561  C CB    . ASP A 1 63  ? -11.703 8.369   6.169   1.00 16.83 ? 64   ASP A CB    1 
ATOM   562  C CG    . ASP A 1 63  ? -12.441 8.988   7.368   1.00 25.81 ? 64   ASP A CG    1 
ATOM   563  O OD1   . ASP A 1 63  ? -11.835 9.212   8.420   1.00 23.85 ? 64   ASP A OD1   1 
ATOM   564  O OD2   . ASP A 1 63  ? -13.659 9.238   7.238   1.00 30.34 ? 64   ASP A OD2   1 
ATOM   565  N N     . LEU A 1 64  ? -9.635  6.273   5.443   1.00 10.66 ? 65   LEU A N     1 
ATOM   566  C CA    . LEU A 1 64  ? -9.397  5.241   4.438   1.00 9.58  ? 65   LEU A CA    1 
ATOM   567  C C     . LEU A 1 64  ? -10.456 5.304   3.327   1.00 8.73  ? 65   LEU A C     1 
ATOM   568  O O     . LEU A 1 64  ? -11.588 5.780   3.550   1.00 9.77  ? 65   LEU A O     1 
ATOM   569  C CB    . LEU A 1 64  ? -9.563  3.868   5.106   1.00 10.33 ? 65   LEU A CB    1 
ATOM   570  C CG    . LEU A 1 64  ? -8.492  3.480   6.165   1.00 9.46  ? 65   LEU A CG    1 
ATOM   571  C CD1   . LEU A 1 64  ? -8.741  2.091   6.683   1.00 11.94 ? 65   LEU A CD1   1 
ATOM   572  C CD2   . LEU A 1 64  ? -7.057  3.566   5.616   1.00 10.39 ? 65   LEU A CD2   1 
ATOM   573  N N     . PRO A 1 65  ? -10.127 4.862   2.123   1.00 8.00  ? 66   PRO A N     1 
ATOM   574  C CA    . PRO A 1 65  ? -11.192 4.627   1.144   1.00 7.36  ? 66   PRO A CA    1 
ATOM   575  C C     . PRO A 1 65  ? -12.290 3.772   1.770   1.00 11.03 ? 66   PRO A C     1 
ATOM   576  O O     . PRO A 1 65  ? -12.043 2.806   2.507   1.00 10.34 ? 66   PRO A O     1 
ATOM   577  C CB    . PRO A 1 65  ? -10.489 3.872   0.006   1.00 8.26  ? 66   PRO A CB    1 
ATOM   578  C CG    . PRO A 1 65  ? -9.032  4.290   0.119   1.00 8.68  ? 66   PRO A CG    1 
ATOM   579  C CD    . PRO A 1 65  ? -8.802  4.460   1.628   1.00 9.47  ? 66   PRO A CD    1 
ATOM   580  N N     . ASP A 1 66  ? -13.545 4.070   1.383   1.00 9.97  ? 67   ASP A N     1 
ATOM   581  C CA    . ASP A 1 66  ? -14.683 3.263   1.873   1.00 9.23  ? 67   ASP A CA    1 
ATOM   582  C C     . ASP A 1 66  ? -14.493 1.788   1.569   1.00 8.64  ? 67   ASP A C     1 
ATOM   583  O O     . ASP A 1 66  ? -14.813 0.918   2.396   1.00 10.91 ? 67   ASP A O     1 
ATOM   584  C CB    . ASP A 1 66  ? -15.991 3.707   1.190   1.00 13.46 ? 67   ASP A CB    1 
ATOM   585  C CG    . ASP A 1 66  ? -16.481 5.100   1.626   1.00 22.01 ? 67   ASP A CG    1 
ATOM   586  O OD1   . ASP A 1 66  ? -16.044 5.638   2.673   1.00 19.44 ? 67   ASP A OD1   1 
ATOM   587  O OD2   . ASP A 1 66  ? -17.365 5.645   0.893   1.00 23.56 ? 67   ASP A OD2   1 
ATOM   588  N N     . ASP A 1 67  ? -13.915 1.490   0.427   1.00 9.62  ? 68   ASP A N     1 
ATOM   589  C CA    . ASP A 1 67  ? -13.733 0.071   0.067   1.00 10.09 ? 68   ASP A CA    1 
ATOM   590  C C     . ASP A 1 67  ? -12.679 -0.656  0.901   1.00 9.16  ? 68   ASP A C     1 
ATOM   591  O O     . ASP A 1 67  ? -12.609 -1.892  0.857   1.00 12.01 ? 68   ASP A O     1 
ATOM   592  C CB    . ASP A 1 67  ? -13.376 -0.091  -1.420  1.00 10.85 ? 68   ASP A CB    1 
ATOM   593  C CG    . ASP A 1 67  ? -14.518 0.306   -2.343  1.00 19.22 ? 68   ASP A CG    1 
ATOM   594  O OD1   . ASP A 1 67  ? -15.687 0.182   -1.929  1.00 19.28 ? 68   ASP A OD1   1 
ATOM   595  O OD2   . ASP A 1 67  ? -14.218 0.818   -3.438  1.00 18.77 ? 68   ASP A OD2   1 
ATOM   596  N N     A PHE A 1 68  ? -11.848 0.094   1.653   0.35 9.10  ? 69   PHE A N     1 
ATOM   597  N N     B PHE A 1 68  ? -11.817 0.100   1.636   0.65 9.04  ? 69   PHE A N     1 
ATOM   598  C CA    A PHE A 1 68  ? -10.842 -0.475  2.552   0.35 9.07  ? 69   PHE A CA    1 
ATOM   599  C CA    B PHE A 1 68  ? -10.841 -0.519  2.549   0.65 9.05  ? 69   PHE A CA    1 
ATOM   600  C C     A PHE A 1 68  ? -11.367 -0.751  3.958   0.35 9.19  ? 69   PHE A C     1 
ATOM   601  C C     B PHE A 1 68  ? -11.400 -0.855  3.924   0.65 9.18  ? 69   PHE A C     1 
ATOM   602  O O     A PHE A 1 68  ? -10.633 -1.322  4.771   0.35 9.90  ? 69   PHE A O     1 
ATOM   603  O O     B PHE A 1 68  ? -10.721 -1.578  4.661   0.65 8.85  ? 69   PHE A O     1 
ATOM   604  C CB    A PHE A 1 68  ? -9.638  0.487   2.640   0.35 7.92  ? 69   PHE A CB    1 
ATOM   605  C CB    B PHE A 1 68  ? -9.597  0.384   2.698   0.65 7.97  ? 69   PHE A CB    1 
ATOM   606  C CG    A PHE A 1 68  ? -8.372  -0.050  1.990   0.35 8.31  ? 69   PHE A CG    1 
ATOM   607  C CG    B PHE A 1 68  ? -8.302  -0.259  2.174   0.65 9.05  ? 69   PHE A CG    1 
ATOM   608  C CD1   A PHE A 1 68  ? -7.824  -1.252  2.424   0.35 7.03  ? 69   PHE A CD1   1 
ATOM   609  C CD1   B PHE A 1 68  ? -7.762  -1.368  2.801   0.65 8.53  ? 69   PHE A CD1   1 
ATOM   610  C CD2   A PHE A 1 68  ? -7.727  0.640   0.955   0.35 9.73  ? 69   PHE A CD2   1 
ATOM   611  C CD2   B PHE A 1 68  ? -7.629  0.237   1.059   0.65 8.63  ? 69   PHE A CD2   1 
ATOM   612  C CE1   A PHE A 1 68  ? -6.669  -1.773  1.847   0.35 10.59 ? 69   PHE A CE1   1 
ATOM   613  C CE1   B PHE A 1 68  ? -6.560  -2.015  2.301   0.65 7.23  ? 69   PHE A CE1   1 
ATOM   614  C CE2   A PHE A 1 68  ? -6.568  0.127   0.368   0.35 7.92  ? 69   PHE A CE2   1 
ATOM   615  C CE2   B PHE A 1 68  ? -6.426  -0.360  0.585   0.65 7.81  ? 69   PHE A CE2   1 
ATOM   616  C CZ    A PHE A 1 68  ? -6.044  -1.074  0.823   0.35 6.84  ? 69   PHE A CZ    1 
ATOM   617  C CZ    B PHE A 1 68  ? -5.913  -1.483  1.202   0.65 8.35  ? 69   PHE A CZ    1 
ATOM   618  N N     . LEU A 1 69  ? -12.604 -0.352  4.278   1.00 8.95  ? 70   LEU A N     1 
ATOM   619  C CA    . LEU A 1 69  ? -13.025 -0.387  5.683   1.00 10.31 ? 70   LEU A CA    1 
ATOM   620  C C     . LEU A 1 69  ? -13.243 -1.803  6.217   1.00 11.03 ? 70   LEU A C     1 
ATOM   621  O O     . LEU A 1 69  ? -12.837 -2.114  7.342   1.00 10.85 ? 70   LEU A O     1 
ATOM   622  C CB    . LEU A 1 69  ? -14.250 0.524   5.865   1.00 11.33 ? 70   LEU A CB    1 
ATOM   623  C CG    . LEU A 1 69  ? -14.049 2.045   5.600   1.00 13.27 ? 70   LEU A CG    1 
ATOM   624  C CD1   . LEU A 1 69  ? -15.408 2.806   5.558   1.00 14.73 ? 70   LEU A CD1   1 
ATOM   625  C CD2   . LEU A 1 69  ? -13.112 2.552   6.700   1.00 15.57 ? 70   LEU A CD2   1 
ATOM   626  N N     . ASP A 1 70  ? -13.867 -2.660  5.451   1.00 9.55  ? 71   ASP A N     1 
ATOM   627  C CA    . ASP A 1 70  ? -14.075 -4.040  5.922   1.00 11.74 ? 71   ASP A CA    1 
ATOM   628  C C     . ASP A 1 70  ? -12.747 -4.767  6.094   1.00 12.01 ? 71   ASP A C     1 
ATOM   629  O O     . ASP A 1 70  ? -12.544 -5.492  7.070   1.00 12.20 ? 71   ASP A O     1 
ATOM   630  C CB    . ASP A 1 70  ? -15.009 -4.762  4.928   1.00 11.04 ? 71   ASP A CB    1 
ATOM   631  C CG    . ASP A 1 70  ? -16.491 -4.324  5.048   1.00 24.23 ? 71   ASP A CG    1 
ATOM   632  O OD1   . ASP A 1 70  ? -16.891 -3.585  5.973   1.00 21.17 ? 71   ASP A OD1   1 
ATOM   633  O OD2   . ASP A 1 70  ? -17.259 -4.793  4.186   1.00 26.40 ? 71   ASP A OD2   1 
ATOM   634  N N     . PHE A 1 71  ? -11.857 -4.601  5.122   1.00 11.65 ? 72   PHE A N     1 
ATOM   635  C CA    . PHE A 1 71  ? -10.541 -5.235  5.189   1.00 10.19 ? 72   PHE A CA    1 
ATOM   636  C C     . PHE A 1 71  ? -9.765  -4.734  6.409   1.00 7.59  ? 72   PHE A C     1 
ATOM   637  O O     . PHE A 1 71  ? -9.146  -5.526  7.127   1.00 9.41  ? 72   PHE A O     1 
ATOM   638  C CB    . PHE A 1 71  ? -9.822  -4.857  3.884   1.00 10.42 ? 72   PHE A CB    1 
ATOM   639  C CG    . PHE A 1 71  ? -8.463  -5.473  3.710   1.00 9.81  ? 72   PHE A CG    1 
ATOM   640  C CD1   . PHE A 1 71  ? -7.321  -4.935  4.325   1.00 9.61  ? 72   PHE A CD1   1 
ATOM   641  C CD2   . PHE A 1 71  ? -8.329  -6.591  2.867   1.00 12.00 ? 72   PHE A CD2   1 
ATOM   642  C CE1   . PHE A 1 71  ? -6.085  -5.520  4.076   1.00 8.97  ? 72   PHE A CE1   1 
ATOM   643  C CE2   . PHE A 1 71  ? -7.103  -7.173  2.649   1.00 12.85 ? 72   PHE A CE2   1 
ATOM   644  C CZ    . PHE A 1 71  ? -5.966  -6.626  3.264   1.00 11.17 ? 72   PHE A CZ    1 
ATOM   645  N N     . TYR A 1 72  ? -9.786  -3.415  6.617   1.00 8.46  ? 73   TYR A N     1 
ATOM   646  C CA    . TYR A 1 72  ? -9.118  -2.830  7.761   1.00 9.85  ? 73   TYR A CA    1 
ATOM   647  C C     . TYR A 1 72  ? -9.634  -3.453  9.053   1.00 12.33 ? 73   TYR A C     1 
ATOM   648  O O     . TYR A 1 72  ? -8.850  -3.802  9.930   1.00 12.77 ? 73   TYR A O     1 
ATOM   649  C CB    . TYR A 1 72  ? -9.329  -1.334  7.731   1.00 10.13 ? 73   TYR A CB    1 
ATOM   650  C CG    . TYR A 1 72  ? -8.712  -0.570  8.866   1.00 9.62  ? 73   TYR A CG    1 
ATOM   651  C CD1   . TYR A 1 72  ? -7.340  -0.264  8.866   1.00 9.08  ? 73   TYR A CD1   1 
ATOM   652  C CD2   . TYR A 1 72  ? -9.513  -0.050  9.881   1.00 15.36 ? 73   TYR A CD2   1 
ATOM   653  C CE1   . TYR A 1 72  ? -6.768  0.457   9.917   1.00 8.03  ? 73   TYR A CE1   1 
ATOM   654  C CE2   . TYR A 1 72  ? -8.967  0.681   10.904  1.00 17.87 ? 73   TYR A CE2   1 
ATOM   655  C CZ    . TYR A 1 72  ? -7.618  0.947   10.910  1.00 10.13 ? 73   TYR A CZ    1 
ATOM   656  O OH    . TYR A 1 72  ? -7.124  1.689   11.951  1.00 13.69 ? 73   TYR A OH    1 
ATOM   657  N N     A ASP A 1 73  ? -10.962 -3.575  9.208   0.56 12.09 ? 74   ASP A N     1 
ATOM   658  N N     B ASP A 1 73  ? -10.961 -3.574  9.195   0.44 12.10 ? 74   ASP A N     1 
ATOM   659  C CA    A ASP A 1 73  ? -11.496 -4.212  10.421  0.56 12.45 ? 74   ASP A CA    1 
ATOM   660  C CA    B ASP A 1 73  ? -11.523 -4.214  10.387  0.44 12.54 ? 74   ASP A CA    1 
ATOM   661  C C     A ASP A 1 73  ? -11.025 -5.655  10.536  0.56 13.38 ? 74   ASP A C     1 
ATOM   662  C C     B ASP A 1 73  ? -11.031 -5.643  10.525  0.44 13.36 ? 74   ASP A C     1 
ATOM   663  O O     A ASP A 1 73  ? -10.658 -6.116  11.625  0.56 12.47 ? 74   ASP A O     1 
ATOM   664  O O     B ASP A 1 73  ? -10.658 -6.081  11.622  0.44 12.48 ? 74   ASP A O     1 
ATOM   665  C CB    A ASP A 1 73  ? -13.036 -4.194  10.421  0.56 12.91 ? 74   ASP A CB    1 
ATOM   666  C CB    B ASP A 1 73  ? -13.056 -4.228  10.305  0.44 12.88 ? 74   ASP A CB    1 
ATOM   667  C CG    A ASP A 1 73  ? -13.619 -2.790  10.566  0.56 12.59 ? 74   ASP A CG    1 
ATOM   668  C CG    B ASP A 1 73  ? -13.689 -4.853  11.519  0.44 18.42 ? 74   ASP A CG    1 
ATOM   669  O OD1   A ASP A 1 73  ? -12.912 -1.847  11.036  0.56 15.23 ? 74   ASP A OD1   1 
ATOM   670  O OD1   B ASP A 1 73  ? -13.599 -4.248  12.610  0.44 26.48 ? 74   ASP A OD1   1 
ATOM   671  O OD2   A ASP A 1 73  ? -14.820 -2.666  10.208  0.56 18.02 ? 74   ASP A OD2   1 
ATOM   672  O OD2   B ASP A 1 73  ? -14.280 -5.943  11.384  0.44 25.71 ? 74   ASP A OD2   1 
ATOM   673  N N     . ALA A 1 74  ? -11.017 -6.382  9.426   1.00 9.49  ? 75   ALA A N     1 
ATOM   674  C CA    . ALA A 1 74  ? -10.590 -7.793  9.466   1.00 8.18  ? 75   ALA A CA    1 
ATOM   675  C C     . ALA A 1 74  ? -9.094  -7.968  9.788   1.00 9.31  ? 75   ALA A C     1 
ATOM   676  O O     . ALA A 1 74  ? -8.664  -9.077  10.176  1.00 11.27 ? 75   ALA A O     1 
ATOM   677  C CB    . ALA A 1 74  ? -10.910 -8.403  8.090   1.00 11.47 ? 75   ALA A CB    1 
ATOM   678  N N     A MET A 1 75  ? -8.269  -6.929  9.604   0.93 10.18 ? 76   MET A N     1 
ATOM   679  N N     B MET A 1 75  ? -8.296  -6.918  9.609   0.07 10.27 ? 76   MET A N     1 
ATOM   680  C CA    A MET A 1 75  ? -6.847  -6.982  9.970   0.93 10.49 ? 76   MET A CA    1 
ATOM   681  C CA    B MET A 1 75  ? -6.886  -7.012  9.947   0.07 10.56 ? 76   MET A CA    1 
ATOM   682  C C     A MET A 1 75  ? -6.646  -7.174  11.459  0.93 13.09 ? 76   MET A C     1 
ATOM   683  C C     B MET A 1 75  ? -6.667  -7.175  11.441  0.07 12.89 ? 76   MET A C     1 
ATOM   684  O O     A MET A 1 75  ? -5.612  -7.730  11.856  0.93 12.97 ? 76   MET A O     1 
ATOM   685  O O     B MET A 1 75  ? -5.575  -7.581  11.848  0.07 12.86 ? 76   MET A O     1 
ATOM   686  C CB    A MET A 1 75  ? -6.112  -5.727  9.511   0.93 9.21  ? 76   MET A CB    1 
ATOM   687  C CB    B MET A 1 75  ? -6.127  -5.806  9.404   0.07 9.43  ? 76   MET A CB    1 
ATOM   688  C CG    A MET A 1 75  ? -5.990  -5.629  8.014   0.93 11.99 ? 76   MET A CG    1 
ATOM   689  C CG    B MET A 1 75  ? -5.924  -5.866  7.904   0.07 11.21 ? 76   MET A CG    1 
ATOM   690  S SD    A MET A 1 75  ? -5.111  -4.165  7.406   0.93 10.62 ? 76   MET A SD    1 
ATOM   691  S SD    B MET A 1 75  ? -4.648  -4.739  7.337   0.07 5.90  ? 76   MET A SD    1 
ATOM   692  C CE    A MET A 1 75  ? -3.423  -4.621  7.838   0.93 10.31 ? 76   MET A CE    1 
ATOM   693  C CE    B MET A 1 75  ? -5.500  -3.168  7.454   0.07 6.42  ? 76   MET A CE    1 
ATOM   694  N N     . ASP A 1 76  ? -7.683  -6.902  12.267  1.00 10.44 ? 77   ASP A N     1 
ATOM   695  C CA    . ASP A 1 76  ? -7.482  -7.105  13.703  1.00 9.78  ? 77   ASP A CA    1 
ATOM   696  C C     . ASP A 1 76  ? -7.404  -8.583  14.109  1.00 15.67 ? 77   ASP A C     1 
ATOM   697  O O     . ASP A 1 76  ? -6.972  -8.878  15.229  1.00 16.68 ? 77   ASP A O     1 
ATOM   698  C CB    . ASP A 1 76  ? -8.575  -6.406  14.480  1.00 11.78 ? 77   ASP A CB    1 
ATOM   699  C CG    . ASP A 1 76  ? -8.425  -4.897  14.465  1.00 14.40 ? 77   ASP A CG    1 
ATOM   700  O OD1   . ASP A 1 76  ? -7.254  -4.408  14.453  1.00 16.54 ? 77   ASP A OD1   1 
ATOM   701  O OD2   . ASP A 1 76  ? -9.440  -4.193  14.542  1.00 20.44 ? 77   ASP A OD2   1 
ATOM   702  N N     . SER A 1 77  ? -7.764  -9.493  13.223  1.00 12.35 ? 78   SER A N     1 
ATOM   703  C CA    . SER A 1 77  ? -7.774  -10.934 13.465  1.00 15.25 ? 78   SER A CA    1 
ATOM   704  C C     . SER A 1 77  ? -6.648  -11.663 12.739  1.00 17.98 ? 78   SER A C     1 
ATOM   705  O O     . SER A 1 77  ? -6.659  -12.905 12.683  1.00 18.68 ? 78   SER A O     1 
ATOM   706  C CB    . SER A 1 77  ? -9.111  -11.495 12.971  1.00 17.35 ? 78   SER A CB    1 
ATOM   707  O OG    . SER A 1 77  ? -10.157 -10.912 13.723  1.00 25.20 ? 78   SER A OG    1 
ATOM   708  N N     . ILE A 1 78  ? -5.675  -10.944 12.177  1.00 10.47 ? 79   ILE A N     1 
ATOM   709  C CA    . ILE A 1 78  ? -4.600  -11.625 11.443  1.00 13.58 ? 79   ILE A CA    1 
ATOM   710  C C     . ILE A 1 78  ? -3.260  -11.431 12.149  1.00 11.05 ? 79   ILE A C     1 
ATOM   711  O O     . ILE A 1 78  ? -3.031  -10.409 12.825  1.00 12.09 ? 79   ILE A O     1 
ATOM   712  C CB    . ILE A 1 78  ? -4.511  -11.187 9.962   1.00 10.97 ? 79   ILE A CB    1 
ATOM   713  C CG1   . ILE A 1 78  ? -4.044  -9.741  9.854   1.00 10.45 ? 79   ILE A CG1   1 
ATOM   714  C CG2   . ILE A 1 78  ? -5.874  -11.395 9.214   1.00 13.11 ? 79   ILE A CG2   1 
ATOM   715  C CD1   . ILE A 1 78  ? -3.943  -9.277  8.412   1.00 11.44 ? 79   ILE A CD1   1 
ATOM   716  N N     . ASP A 1 79  ? -2.349  -12.390 11.899  1.00 10.54 ? 80   ASP A N     1 
ATOM   717  C CA    . ASP A 1 79  ? -1.003  -12.380 12.482  1.00 12.16 ? 80   ASP A CA    1 
ATOM   718  C C     . ASP A 1 79  ? -0.007  -12.140 11.346  1.00 10.78 ? 80   ASP A C     1 
ATOM   719  O O     . ASP A 1 79  ? 0.174   -12.990 10.442  1.00 13.10 ? 80   ASP A O     1 
ATOM   720  C CB    . ASP A 1 79  ? -0.779  -13.743 13.159  1.00 11.74 ? 80   ASP A CB    1 
ATOM   721  C CG    . ASP A 1 79  ? 0.544   -13.881 13.798  1.00 15.93 ? 80   ASP A CG    1 
ATOM   722  O OD1   . ASP A 1 79  ? 1.406   -13.009 13.668  1.00 14.31 ? 80   ASP A OD1   1 
ATOM   723  O OD2   . ASP A 1 79  ? 0.759   -14.925 14.434  1.00 16.65 ? 80   ASP A OD2   1 
ATOM   724  N N     . LEU A 1 80  ? 0.679   -11.000 11.416  1.00 9.31  ? 81   LEU A N     1 
ATOM   725  C CA    . LEU A 1 80  ? 1.681   -10.649 10.407  1.00 10.07 ? 81   LEU A CA    1 
ATOM   726  C C     . LEU A 1 80  ? 3.096   -10.687 10.954  1.00 11.60 ? 81   LEU A C     1 
ATOM   727  O O     . LEU A 1 80  ? 3.990   -10.090 10.323  1.00 10.22 ? 81   LEU A O     1 
ATOM   728  C CB    . LEU A 1 80  ? 1.380   -9.288  9.763   1.00 12.10 ? 81   LEU A CB    1 
ATOM   729  C CG    . LEU A 1 80  ? -0.021  -9.220  9.109   1.00 10.52 ? 81   LEU A CG    1 
ATOM   730  C CD1   . LEU A 1 80  ? -0.224  -7.866  8.493   1.00 12.02 ? 81   LEU A CD1   1 
ATOM   731  C CD2   . LEU A 1 80  ? -0.346  -10.338 8.073   1.00 11.81 ? 81   LEU A CD2   1 
ATOM   732  N N     . THR A 1 81  ? 3.329   -11.377 12.093  1.00 10.84 ? 82   THR A N     1 
ATOM   733  C CA    . THR A 1 81  ? 4.674   -11.311 12.650  1.00 8.36  ? 82   THR A CA    1 
ATOM   734  C C     . THR A 1 81  ? 5.661   -11.887 11.656  1.00 10.56 ? 82   THR A C     1 
ATOM   735  O O     . THR A 1 81  ? 5.387   -12.853 10.980  1.00 11.15 ? 82   THR A O     1 
ATOM   736  C CB    . THR A 1 81  ? 4.800   -12.040 13.998  1.00 11.12 ? 82   THR A CB    1 
ATOM   737  O OG1   . THR A 1 81  ? 4.388   -13.426 13.872  1.00 14.07 ? 82   THR A OG1   1 
ATOM   738  C CG2   . THR A 1 81  ? 3.908   -11.290 14.983  1.00 14.12 ? 82   THR A CG2   1 
ATOM   739  N N     . GLY A 1 82  ? 6.809   -11.244 11.501  1.00 17.04 ? 83   GLY A N     1 
ATOM   740  C CA    . GLY A 1 82  ? 7.799   -11.719 10.564  1.00 17.21 ? 83   GLY A CA    1 
ATOM   741  C C     . GLY A 1 82  ? 7.700   -11.110 9.172   1.00 18.76 ? 83   GLY A C     1 
ATOM   742  O O     . GLY A 1 82  ? 8.708   -11.102 8.447   1.00 18.88 ? 83   GLY A O     1 
ATOM   743  N N     A LYS A 1 83  ? 6.498   -10.703 8.752   0.58 10.19 ? 84   LYS A N     1 
ATOM   744  N N     B LYS A 1 83  ? 6.548   -10.596 8.761   0.42 10.46 ? 84   LYS A N     1 
ATOM   745  C CA    A LYS A 1 83  ? 6.334   -10.217 7.386   0.58 9.37  ? 84   LYS A CA    1 
ATOM   746  C CA    B LYS A 1 83  ? 6.392   -10.215 7.359   0.42 9.36  ? 84   LYS A CA    1 
ATOM   747  C C     A LYS A 1 83  ? 7.003   -8.869  7.244   0.58 9.25  ? 84   LYS A C     1 
ATOM   748  C C     B LYS A 1 83  ? 6.816   -8.780  7.096   0.42 8.05  ? 84   LYS A C     1 
ATOM   749  O O     A LYS A 1 83  ? 7.173   -8.145  8.226   0.58 6.26  ? 84   LYS A O     1 
ATOM   750  O O     B LYS A 1 83  ? 6.469   -7.864  7.852   0.42 7.96  ? 84   LYS A O     1 
ATOM   751  C CB    A LYS A 1 83  ? 4.858   -10.021 7.053   0.58 11.40 ? 84   LYS A CB    1 
ATOM   752  C CB    B LYS A 1 83  ? 4.952   -10.386 6.922   0.42 11.00 ? 84   LYS A CB    1 
ATOM   753  C CG    A LYS A 1 83  ? 3.920   -11.191 7.375   0.58 13.67 ? 84   LYS A CG    1 
ATOM   754  C CG    B LYS A 1 83  ? 4.471   -11.784 6.952   0.42 12.77 ? 84   LYS A CG    1 
ATOM   755  C CD    A LYS A 1 83  ? 4.422   -12.494 6.841   0.58 13.16 ? 84   LYS A CD    1 
ATOM   756  C CD    B LYS A 1 83  ? 2.992   -11.755 6.691   0.42 13.88 ? 84   LYS A CD    1 
ATOM   757  C CE    A LYS A 1 83  ? 3.221   -13.442 6.747   0.58 14.01 ? 84   LYS A CE    1 
ATOM   758  C CE    B LYS A 1 83  ? 2.373   -13.071 7.165   0.42 13.44 ? 84   LYS A CE    1 
ATOM   759  N NZ    A LYS A 1 83  ? 3.605   -14.857 6.464   0.58 17.95 ? 84   LYS A NZ    1 
ATOM   760  N NZ    B LYS A 1 83  ? 2.950   -14.212 6.395   0.42 12.03 ? 84   LYS A NZ    1 
ATOM   761  N N     A LYS A 1 84  ? 7.414   -8.542  6.028   0.58 7.61  ? 85   LYS A N     1 
ATOM   762  N N     B LYS A 1 84  ? 7.587   -8.580  6.037   0.42 7.84  ? 85   LYS A N     1 
ATOM   763  C CA    A LYS A 1 84  ? 7.978   -7.239  5.697   0.58 8.39  ? 85   LYS A CA    1 
ATOM   764  C CA    B LYS A 1 84  ? 7.971   -7.228  5.683   0.42 8.41  ? 85   LYS A CA    1 
ATOM   765  C C     A LYS A 1 84  ? 6.882   -6.483  4.965   0.58 7.56  ? 85   LYS A C     1 
ATOM   766  C C     B LYS A 1 84  ? 6.759   -6.524  5.085   0.42 7.46  ? 85   LYS A C     1 
ATOM   767  O O     A LYS A 1 84  ? 6.224   -7.054  4.096   0.58 7.08  ? 85   LYS A O     1 
ATOM   768  O O     B LYS A 1 84  ? 5.900   -7.153  4.451   0.42 8.00  ? 85   LYS A O     1 
ATOM   769  C CB    A LYS A 1 84  ? 9.168   -7.376  4.732   0.58 10.93 ? 85   LYS A CB    1 
ATOM   770  C CB    B LYS A 1 84  ? 9.157   -7.204  4.700   0.42 10.80 ? 85   LYS A CB    1 
ATOM   771  C CG    A LYS A 1 84  ? 10.545  -7.713  5.353   0.58 15.83 ? 85   LYS A CG    1 
ATOM   772  C CG    B LYS A 1 84  ? 10.323  -8.153  5.035   0.42 8.37  ? 85   LYS A CG    1 
ATOM   773  C CD    A LYS A 1 84  ? 10.438  -8.633  6.537   0.58 15.21 ? 85   LYS A CD    1 
ATOM   774  C CD    B LYS A 1 84  ? 10.919  -7.782  6.382   0.42 9.20  ? 85   LYS A CD    1 
ATOM   775  C CE    A LYS A 1 84  ? 11.505  -9.779  6.469   0.58 16.98 ? 85   LYS A CE    1 
ATOM   776  C CE    B LYS A 1 84  ? 12.151  -8.716  6.621   0.42 9.50  ? 85   LYS A CE    1 
ATOM   777  N NZ    A LYS A 1 84  ? 10.829  -11.076 6.795   0.58 15.03 ? 85   LYS A NZ    1 
ATOM   778  N NZ    B LYS A 1 84  ? 12.921  -8.383  7.865   0.42 27.36 ? 85   LYS A NZ    1 
ATOM   779  N N     . ALA A 1 85  ? 6.683   -5.217  5.301   1.00 7.50  ? 86   ALA A N     1 
ATOM   780  C CA    . ALA A 1 85  ? 5.561   -4.444  4.788   1.00 8.24  ? 86   ALA A CA    1 
ATOM   781  C C     . ALA A 1 85  ? 5.908   -3.008  4.444   1.00 6.63  ? 86   ALA A C     1 
ATOM   782  O O     . ALA A 1 85  ? 6.853   -2.413  5.004   1.00 6.97  ? 86   ALA A O     1 
ATOM   783  C CB    . ALA A 1 85  ? 4.328   -4.503  5.731   1.00 6.71  ? 86   ALA A CB    1 
ATOM   784  N N     . ALA A 1 86  ? 5.078   -2.376  3.602   1.00 6.29  ? 87   ALA A N     1 
ATOM   785  C CA    . ALA A 1 86  ? 5.290   -0.989  3.264   1.00 5.79  ? 87   ALA A CA    1 
ATOM   786  C C     . ALA A 1 86  ? 3.985   -0.486  2.681   1.00 6.31  ? 87   ALA A C     1 
ATOM   787  O O     . ALA A 1 86  ? 3.134   -1.295  2.256   1.00 6.81  ? 87   ALA A O     1 
ATOM   788  C CB    . ALA A 1 86  ? 6.448   -0.863  2.253   1.00 7.08  ? 87   ALA A CB    1 
ATOM   789  N N     . VAL A 1 87  ? 3.806   0.833   2.659   1.00 6.69  ? 88   VAL A N     1 
ATOM   790  C CA    . VAL A 1 87  ? 2.542   1.509   2.245   1.00 7.47  ? 88   VAL A CA    1 
ATOM   791  C C     . VAL A 1 87  ? 2.840   2.744   1.378   1.00 5.82  ? 88   VAL A C     1 
ATOM   792  O O     . VAL A 1 87  ? 3.787   3.475   1.644   1.00 6.31  ? 88   VAL A O     1 
ATOM   793  C CB    . VAL A 1 87  ? 1.705   1.912   3.496   1.00 5.82  ? 88   VAL A CB    1 
ATOM   794  C CG1   . VAL A 1 87  ? 0.365   2.462   3.103   1.00 7.19  ? 88   VAL A CG1   1 
ATOM   795  C CG2   . VAL A 1 87  ? 1.492   0.681   4.394   1.00 8.48  ? 88   VAL A CG2   1 
ATOM   796  N N     . PHE A 1 88  ? 2.015   2.979   0.357   1.00 5.24  ? 89   PHE A N     1 
ATOM   797  C CA    . PHE A 1 88  ? 2.144   4.160   -0.475  1.00 5.76  ? 89   PHE A CA    1 
ATOM   798  C C     . PHE A 1 88  ? 0.733   4.688   -0.746  1.00 5.85  ? 89   PHE A C     1 
ATOM   799  O O     . PHE A 1 88  ? -0.260  3.958   -0.538  1.00 6.69  ? 89   PHE A O     1 
ATOM   800  C CB    . PHE A 1 88  ? 2.853   3.807   -1.816  1.00 5.31  ? 89   PHE A CB    1 
ATOM   801  C CG    . PHE A 1 88  ? 2.083   2.796   -2.686  1.00 5.75  ? 89   PHE A CG    1 
ATOM   802  C CD1   . PHE A 1 88  ? 2.281   1.436   -2.521  1.00 8.11  ? 89   PHE A CD1   1 
ATOM   803  C CD2   . PHE A 1 88  ? 1.195   3.257   -3.635  1.00 6.39  ? 89   PHE A CD2   1 
ATOM   804  C CE1   . PHE A 1 88  ? 1.553   0.490   -3.317  1.00 8.02  ? 89   PHE A CE1   1 
ATOM   805  C CE2   . PHE A 1 88  ? 0.507   2.304   -4.443  1.00 6.11  ? 89   PHE A CE2   1 
ATOM   806  C CZ    . PHE A 1 88  ? 0.615   0.968   -4.237  1.00 6.52  ? 89   PHE A CZ    1 
ATOM   807  N N     . GLY A 1 89  ? 0.652   5.913   -1.286  1.00 6.85  ? 90   GLY A N     1 
ATOM   808  C CA    . GLY A 1 89  ? -0.622  6.410   -1.750  1.00 7.74  ? 90   GLY A CA    1 
ATOM   809  C C     . GLY A 1 89  ? -0.499  7.736   -2.444  1.00 8.38  ? 90   GLY A C     1 
ATOM   810  O O     . GLY A 1 89  ? 0.476   8.478   -2.244  1.00 6.99  ? 90   GLY A O     1 
ATOM   811  N N     . SER A 1 90  ? -1.509  8.040   -3.263  1.00 8.66  ? 91   SER A N     1 
ATOM   812  C CA    . SER A 1 90  ? -1.663  9.399   -3.759  1.00 6.57  ? 91   SER A CA    1 
ATOM   813  C C     . SER A 1 90  ? -2.523  10.209  -2.783  1.00 8.51  ? 91   SER A C     1 
ATOM   814  O O     . SER A 1 90  ? -3.370  9.683   -2.049  1.00 10.01 ? 91   SER A O     1 
ATOM   815  C CB    . SER A 1 90  ? -2.338  9.371   -5.152  1.00 5.97  ? 91   SER A CB    1 
ATOM   816  O OG    . SER A 1 90  ? -2.427  10.685  -5.663  1.00 8.84  ? 91   SER A OG    1 
ATOM   817  N N     A CYS A 1 91  ? -2.342  11.521  -2.795  0.38 8.90  ? 92   CYS A N     1 
ATOM   818  N N     B CYS A 1 91  ? -2.290  11.520  -2.802  0.62 8.92  ? 92   CYS A N     1 
ATOM   819  C CA    A CYS A 1 91  ? -3.091  12.352  -1.852  0.38 10.34 ? 92   CYS A CA    1 
ATOM   820  C CA    B CYS A 1 91  ? -2.676  12.432  -1.724  0.62 11.68 ? 92   CYS A CA    1 
ATOM   821  C C     A CYS A 1 91  ? -3.029  13.799  -2.311  0.38 10.58 ? 92   CYS A C     1 
ATOM   822  C C     B CYS A 1 91  ? -3.073  13.773  -2.336  0.62 10.59 ? 92   CYS A C     1 
ATOM   823  O O     A CYS A 1 91  ? -2.448  14.111  -3.350  0.38 8.18  ? 92   CYS A O     1 
ATOM   824  O O     B CYS A 1 91  ? -2.850  13.999  -3.518  0.62 9.62  ? 92   CYS A O     1 
ATOM   825  C CB    A CYS A 1 91  ? -2.587  12.163  -0.422  0.38 5.00  ? 92   CYS A CB    1 
ATOM   826  C CB    B CYS A 1 91  ? -1.491  12.659  -0.795  0.62 11.70 ? 92   CYS A CB    1 
ATOM   827  S SG    A CYS A 1 91  ? -0.826  12.084  -0.315  0.38 12.24 ? 92   CYS A SG    1 
ATOM   828  S SG    B CYS A 1 91  ? -0.714  11.166  -0.180  0.62 6.65  ? 92   CYS A SG    1 
ATOM   829  N N     . ASP A 1 92  ? -3.635  14.697  -1.532  1.00 9.73  ? 93   ASP A N     1 
ATOM   830  C CA    . ASP A 1 92  ? -3.906  16.045  -2.044  1.00 10.08 ? 93   ASP A CA    1 
ATOM   831  C C     . ASP A 1 92  ? -3.735  17.090  -0.956  1.00 11.17 ? 93   ASP A C     1 
ATOM   832  O O     . ASP A 1 92  ? -4.455  17.055  0.057   1.00 12.39 ? 93   ASP A O     1 
ATOM   833  C CB    . ASP A 1 92  ? -5.329  16.069  -2.620  1.00 10.02 ? 93   ASP A CB    1 
ATOM   834  C CG    . ASP A 1 92  ? -5.719  17.353  -3.280  1.00 10.01 ? 93   ASP A CG    1 
ATOM   835  O OD1   . ASP A 1 92  ? -4.997  18.359  -3.223  1.00 9.61  ? 93   ASP A OD1   1 
ATOM   836  O OD2   . ASP A 1 92  ? -6.831  17.278  -3.910  1.00 9.97  ? 93   ASP A OD2   1 
ATOM   837  N N     A SER A 1 93  ? -2.814  18.035  -1.176  0.64 9.86  ? 94   SER A N     1 
ATOM   838  N N     B SER A 1 93  ? -2.837  18.055  -1.213  0.36 9.89  ? 94   SER A N     1 
ATOM   839  C CA    A SER A 1 93  ? -2.483  19.043  -0.170  0.64 11.57 ? 94   SER A CA    1 
ATOM   840  C CA    B SER A 1 93  ? -2.498  19.090  -0.237  0.36 11.57 ? 94   SER A CA    1 
ATOM   841  C C     A SER A 1 93  ? -3.518  20.176  -0.092  0.64 13.54 ? 94   SER A C     1 
ATOM   842  C C     B SER A 1 93  ? -3.664  19.996  0.085   0.36 13.74 ? 94   SER A C     1 
ATOM   843  O O     A SER A 1 93  ? -3.272  21.172  0.621   0.64 11.52 ? 94   SER A O     1 
ATOM   844  O O     B SER A 1 93  ? -3.639  20.673  1.118   0.36 9.23  ? 94   SER A O     1 
ATOM   845  C CB    A SER A 1 93  ? -1.037  19.552  -0.386  0.64 9.26  ? 94   SER A CB    1 
ATOM   846  C CB    B SER A 1 93  ? -1.371  19.965  -0.776  0.36 13.01 ? 94   SER A CB    1 
ATOM   847  O OG    A SER A 1 93  ? -0.992  20.303  -1.603  0.64 12.25 ? 94   SER A OG    1 
ATOM   848  O OG    B SER A 1 93  ? -0.215  19.196  -0.986  0.36 10.90 ? 94   SER A OG    1 
ATOM   849  N N     . ALA A 1 94  ? -4.675  20.032  -0.766  1.00 10.24 ? 95   ALA A N     1 
ATOM   850  C CA    . ALA A 1 94  ? -5.810  20.903  -0.510  1.00 12.81 ? 95   ALA A CA    1 
ATOM   851  C C     . ALA A 1 94  ? -6.575  20.458  0.705   1.00 15.71 ? 95   ALA A C     1 
ATOM   852  O O     . ALA A 1 94  ? -7.574  21.106  1.064   1.00 22.05 ? 95   ALA A O     1 
ATOM   853  C CB    . ALA A 1 94  ? -6.779  20.827  -1.697  1.00 12.45 ? 95   ALA A CB    1 
ATOM   854  N N     . TYR A 1 95  ? -6.186  19.322  1.302   1.00 11.77 ? 96   TYR A N     1 
ATOM   855  C CA    . TYR A 1 95  ? -6.783  18.730  2.483   1.00 13.73 ? 96   TYR A CA    1 
ATOM   856  C C     . TYR A 1 95  ? -5.793  18.813  3.627   1.00 12.92 ? 96   TYR A C     1 
ATOM   857  O O     . TYR A 1 95  ? -4.592  18.615  3.422   1.00 14.85 ? 96   TYR A O     1 
ATOM   858  C CB    . TYR A 1 95  ? -7.130  17.259  2.253   1.00 11.68 ? 96   TYR A CB    1 
ATOM   859  C CG    . TYR A 1 95  ? -8.276  17.151  1.262   1.00 16.77 ? 96   TYR A CG    1 
ATOM   860  C CD1   . TYR A 1 95  ? -8.015  17.130  -0.121  1.00 13.40 ? 96   TYR A CD1   1 
ATOM   861  C CD2   . TYR A 1 95  ? -9.590  17.131  1.692   1.00 16.23 ? 96   TYR A CD2   1 
ATOM   862  C CE1   . TYR A 1 95  ? -9.075  17.071  -1.044  1.00 17.75 ? 96   TYR A CE1   1 
ATOM   863  C CE2   . TYR A 1 95  ? -10.647 17.040  0.766   1.00 13.14 ? 96   TYR A CE2   1 
ATOM   864  C CZ    . TYR A 1 95  ? -10.366 17.025  -0.567  1.00 22.21 ? 96   TYR A CZ    1 
ATOM   865  O OH    . TYR A 1 95  ? -11.428 16.921  -1.426  1.00 20.87 ? 96   TYR A OH    1 
ATOM   866  N N     . PRO A 1 96  ? -6.245  19.145  4.824   1.00 10.07 ? 97   PRO A N     1 
ATOM   867  C CA    . PRO A 1 96  ? -5.256  19.214  5.915   1.00 9.59  ? 97   PRO A CA    1 
ATOM   868  C C     . PRO A 1 96  ? -4.682  17.861  6.298   1.00 10.86 ? 97   PRO A C     1 
ATOM   869  O O     . PRO A 1 96  ? -3.489  17.790  6.595   1.00 8.91  ? 97   PRO A O     1 
ATOM   870  C CB    . PRO A 1 96  ? -6.048  19.869  7.053   1.00 10.10 ? 97   PRO A CB    1 
ATOM   871  C CG    . PRO A 1 96  ? -7.482  19.630  6.725   1.00 13.29 ? 97   PRO A CG    1 
ATOM   872  C CD    . PRO A 1 96  ? -7.549  19.688  5.221   1.00 12.33 ? 97   PRO A CD    1 
ATOM   873  N N     . LYS A 1 97  ? -5.496  16.810  6.313   1.00 9.33  ? 98   LYS A N     1 
ATOM   874  C CA    . LYS A 1 97  ? -5.102  15.465  6.743   1.00 8.48  ? 98   LYS A CA    1 
ATOM   875  C C     . LYS A 1 97  ? -4.491  14.712  5.559   1.00 8.35  ? 98   LYS A C     1 
ATOM   876  O O     . LYS A 1 97  ? -5.065  13.768  4.988   1.00 10.70 ? 98   LYS A O     1 
ATOM   877  C CB    . LYS A 1 97  ? -6.260  14.755  7.433   1.00 9.57  ? 98   LYS A CB    1 
ATOM   878  C CG    . LYS A 1 97  ? -6.936  15.575  8.570   1.00 10.60 ? 98   LYS A CG    1 
ATOM   879  C CD    . LYS A 1 97  ? -8.108  14.856  9.175   1.00 10.80 ? 98   LYS A CD    1 
ATOM   880  C CE    . LYS A 1 97  ? -8.744  15.691  10.275  1.00 12.97 ? 98   LYS A CE    1 
ATOM   881  N NZ    . LYS A 1 97  ? -9.952  15.051  10.813  1.00 16.33 ? 98   LYS A NZ    1 
ATOM   882  N N     . TYR A 1 98  ? -3.292  15.153  5.221   1.00 7.57  ? 99   TYR A N     1 
ATOM   883  C CA    . TYR A 1 98  ? -2.693  14.834  3.917   1.00 9.07  ? 99   TYR A CA    1 
ATOM   884  C C     . TYR A 1 98  ? -2.152  13.421  3.934   1.00 8.86  ? 99   TYR A C     1 
ATOM   885  O O     . TYR A 1 98  ? -1.244  13.077  4.699   1.00 7.91  ? 99   TYR A O     1 
ATOM   886  C CB    . TYR A 1 98  ? -1.560  15.809  3.608   1.00 7.81  ? 99   TYR A CB    1 
ATOM   887  C CG    . TYR A 1 98  ? -0.735  15.517  2.392   1.00 8.94  ? 99   TYR A CG    1 
ATOM   888  C CD1   . TYR A 1 98  ? -1.201  15.881  1.114   1.00 10.22 ? 99   TYR A CD1   1 
ATOM   889  C CD2   . TYR A 1 98  ? 0.476   14.860  2.495   1.00 8.81  ? 99   TYR A CD2   1 
ATOM   890  C CE1   . TYR A 1 98  ? -0.424  15.711  0.014   1.00 12.51 ? 99   TYR A CE1   1 
ATOM   891  C CE2   . TYR A 1 98  ? 1.281   14.651  1.366   1.00 9.01  ? 99   TYR A CE2   1 
ATOM   892  C CZ    . TYR A 1 98  ? 0.799   15.053  0.131   1.00 10.97 ? 99   TYR A CZ    1 
ATOM   893  O OH    . TYR A 1 98  ? 1.563   14.891  -1.044  1.00 11.78 ? 99   TYR A OH    1 
ATOM   894  N N     . GLY A 1 99  ? -2.664  12.589  3.045   1.00 8.44  ? 100  GLY A N     1 
ATOM   895  C CA    . GLY A 1 99  ? -2.182  11.233  2.906   1.00 8.05  ? 100  GLY A CA    1 
ATOM   896  C C     . GLY A 1 99  ? -2.308  10.373  4.137   1.00 6.65  ? 100  GLY A C     1 
ATOM   897  O O     . GLY A 1 99  ? -1.624  9.356   4.237   1.00 7.32  ? 100  GLY A O     1 
ATOM   898  N N     A VAL A 1 100 ? -3.173  10.733  5.078   0.65 7.61  ? 101  VAL A N     1 
ATOM   899  N N     B VAL A 1 100 ? -3.195  10.735  5.055   0.35 7.61  ? 101  VAL A N     1 
ATOM   900  C CA    A VAL A 1 100 ? -3.202  9.976   6.333   0.65 8.92  ? 101  VAL A CA    1 
ATOM   901  C CA    B VAL A 1 100 ? -3.272  10.035  6.328   0.35 8.88  ? 101  VAL A CA    1 
ATOM   902  C C     A VAL A 1 100 ? -3.739  8.563   6.205   0.65 9.16  ? 101  VAL A C     1 
ATOM   903  C C     B VAL A 1 100 ? -3.714  8.577   6.188   0.35 9.15  ? 101  VAL A C     1 
ATOM   904  O O     A VAL A 1 100 ? -3.497  7.738   7.087   0.65 9.05  ? 101  VAL A O     1 
ATOM   905  O O     B VAL A 1 100 ? -3.376  7.748   7.037   0.35 8.86  ? 101  VAL A O     1 
ATOM   906  C CB    A VAL A 1 100 ? -3.903  10.658  7.516   0.65 6.30  ? 101  VAL A CB    1 
ATOM   907  C CB    B VAL A 1 100 ? -4.117  10.857  7.312   0.35 6.56  ? 101  VAL A CB    1 
ATOM   908  C CG1   A VAL A 1 100 ? -3.094  11.893  7.899   0.65 7.61  ? 101  VAL A CG1   1 
ATOM   909  C CG1   B VAL A 1 100 ? -4.353  10.084  8.589   0.35 6.41  ? 101  VAL A CG1   1 
ATOM   910  C CG2   A VAL A 1 100 ? -5.332  10.994  7.195   0.65 8.35  ? 101  VAL A CG2   1 
ATOM   911  C CG2   B VAL A 1 100 ? -3.419  12.219  7.573   0.35 5.99  ? 101  VAL A CG2   1 
ATOM   912  N N     . ALA A 1 101 ? -4.397  8.206   5.098   1.00 8.85  ? 102  ALA A N     1 
ATOM   913  C CA    . ALA A 1 101 ? -4.640  6.785   4.902   1.00 7.63  ? 102  ALA A CA    1 
ATOM   914  C C     . ALA A 1 101 ? -3.348  5.938   4.901   1.00 6.80  ? 102  ALA A C     1 
ATOM   915  O O     . ALA A 1 101 ? -3.348  4.796   5.373   1.00 6.21  ? 102  ALA A O     1 
ATOM   916  C CB    . ALA A 1 101 ? -5.407  6.569   3.579   1.00 6.91  ? 102  ALA A CB    1 
ATOM   917  N N     . VAL A 1 102 ? -2.253  6.486   4.359   1.00 6.47  ? 103  VAL A N     1 
ATOM   918  C CA    . VAL A 1 102 ? -0.982  5.787   4.392   1.00 7.59  ? 103  VAL A CA    1 
ATOM   919  C C     . VAL A 1 102 ? -0.570  5.566   5.847   1.00 5.05  ? 103  VAL A C     1 
ATOM   920  O O     . VAL A 1 102 ? -0.179  4.466   6.230   1.00 6.59  ? 103  VAL A O     1 
ATOM   921  C CB    . VAL A 1 102 ? 0.041   6.635   3.631   1.00 5.31  ? 103  VAL A CB    1 
ATOM   922  C CG1   . VAL A 1 102 ? 1.439   6.087   3.777   1.00 8.11  ? 103  VAL A CG1   1 
ATOM   923  C CG2   . VAL A 1 102 ? -0.313  6.589   2.126   1.00 8.08  ? 103  VAL A CG2   1 
ATOM   924  N N     . ASP A 1 103 ? -0.671  6.597   6.674   1.00 6.74  ? 104  ASP A N     1 
ATOM   925  C CA    . ASP A 1 103 ? -0.267  6.509   8.076   1.00 7.51  ? 104  ASP A CA    1 
ATOM   926  C C     . ASP A 1 103 ? -1.171  5.579   8.857   1.00 7.60  ? 104  ASP A C     1 
ATOM   927  O O     . ASP A 1 103 ? -0.701  4.817   9.712   1.00 7.41  ? 104  ASP A O     1 
ATOM   928  C CB    . ASP A 1 103 ? -0.277  7.921   8.658   1.00 8.22  ? 104  ASP A CB    1 
ATOM   929  C CG    . ASP A 1 103 ? 0.671   8.861   7.949   1.00 8.14  ? 104  ASP A CG    1 
ATOM   930  O OD1   . ASP A 1 103 ? 1.884   8.620   7.936   1.00 12.18 ? 104  ASP A OD1   1 
ATOM   931  O OD2   . ASP A 1 103 ? 0.136   9.773   7.333   1.00 8.79  ? 104  ASP A OD2   1 
ATOM   932  N N     . ILE A 1 104 ? -2.476  5.559   8.556   1.00 7.56  ? 105  ILE A N     1 
ATOM   933  C CA    . ILE A 1 104 ? -3.410  4.640   9.219   1.00 8.41  ? 105  ILE A CA    1 
ATOM   934  C C     . ILE A 1 104 ? -3.073  3.178   8.870   1.00 7.59  ? 105  ILE A C     1 
ATOM   935  O O     . ILE A 1 104 ? -3.073  2.266   9.739   1.00 8.39  ? 105  ILE A O     1 
ATOM   936  C CB    . ILE A 1 104 ? -4.827  5.017   8.747   1.00 6.84  ? 105  ILE A CB    1 
ATOM   937  C CG1   . ILE A 1 104 ? -5.224  6.379   9.388   1.00 10.81 ? 105  ILE A CG1   1 
ATOM   938  C CG2   . ILE A 1 104 ? -5.855  3.951   9.156   1.00 9.87  ? 105  ILE A CG2   1 
ATOM   939  C CD1   . ILE A 1 104 ? -6.492  6.955   8.790   1.00 12.70 ? 105  ILE A CD1   1 
ATOM   940  N N     . LEU A 1 105 ? -2.738  2.921   7.602   1.00 8.26  ? 106  LEU A N     1 
ATOM   941  C CA    . LEU A 1 105 ? -2.452  1.542   7.222   1.00 8.62  ? 106  LEU A CA    1 
ATOM   942  C C     . LEU A 1 105 ? -1.120  1.084   7.801   1.00 9.67  ? 106  LEU A C     1 
ATOM   943  O O     . LEU A 1 105 ? -0.994  -0.074  8.235   1.00 6.57  ? 106  LEU A O     1 
ATOM   944  C CB    . LEU A 1 105 ? -2.518  1.377   5.676   1.00 7.64  ? 106  LEU A CB    1 
ATOM   945  C CG    . LEU A 1 105 ? -3.973  1.441   5.096   1.00 6.14  ? 106  LEU A CG    1 
ATOM   946  C CD1   . LEU A 1 105 ? -3.909  1.347   3.610   1.00 8.95  ? 106  LEU A CD1   1 
ATOM   947  C CD2   . LEU A 1 105 ? -4.832  0.350   5.677   1.00 8.56  ? 106  LEU A CD2   1 
ATOM   948  N N     . ILE A 1 106 ? -0.118  1.975   7.832   1.00 6.50  ? 107  ILE A N     1 
ATOM   949  C CA    . ILE A 1 106 ? 1.149   1.666   8.485   1.00 9.33  ? 107  ILE A CA    1 
ATOM   950  C C     . ILE A 1 106 ? 0.886   1.268   9.930   1.00 9.98  ? 107  ILE A C     1 
ATOM   951  O O     . ILE A 1 106 ? 1.361   0.218   10.405  1.00 6.78  ? 107  ILE A O     1 
ATOM   952  C CB    . ILE A 1 106 ? 2.143   2.827   8.332   1.00 5.94  ? 107  ILE A CB    1 
ATOM   953  C CG1   . ILE A 1 106 ? 2.697   2.867   6.920   1.00 9.52  ? 107  ILE A CG1   1 
ATOM   954  C CG2   . ILE A 1 106 ? 3.296   2.678   9.373   1.00 10.40 ? 107  ILE A CG2   1 
ATOM   955  C CD1   . ILE A 1 106 ? 3.605   4.009   6.660   1.00 7.61  ? 107  ILE A CD1   1 
ATOM   956  N N     A GLU A 1 107 ? 0.063   2.052   10.638  0.51 7.77  ? 108  GLU A N     1 
ATOM   957  N N     B GLU A 1 107 ? 0.067   2.058   10.640  0.49 7.77  ? 108  GLU A N     1 
ATOM   958  C CA    A GLU A 1 107 ? -0.166  1.763   12.053  0.51 8.75  ? 108  GLU A CA    1 
ATOM   959  C CA    B GLU A 1 107 ? -0.175  1.773   12.054  0.49 8.76  ? 108  GLU A CA    1 
ATOM   960  C C     A GLU A 1 107 ? -0.805  0.398   12.236  0.51 7.90  ? 108  GLU A C     1 
ATOM   961  C C     B GLU A 1 107 ? -0.802  0.400   12.234  0.49 7.90  ? 108  GLU A C     1 
ATOM   962  O O     A GLU A 1 107 ? -0.426  -0.335  13.165  0.51 8.20  ? 108  GLU A O     1 
ATOM   963  O O     B GLU A 1 107 ? -0.409  -0.334  13.154  0.49 8.19  ? 108  GLU A O     1 
ATOM   964  C CB    A GLU A 1 107 ? -1.050  2.837   12.665  0.51 10.08 ? 108  GLU A CB    1 
ATOM   965  C CB    B GLU A 1 107 ? -1.075  2.846   12.652  0.49 10.10 ? 108  GLU A CB    1 
ATOM   966  C CG    A GLU A 1 107 ? -1.528  2.500   14.074  0.51 11.77 ? 108  GLU A CG    1 
ATOM   967  C CG    B GLU A 1 107 ? -1.074  2.900   14.184  0.49 10.48 ? 108  GLU A CG    1 
ATOM   968  C CD    A GLU A 1 107 ? -2.625  3.436   14.555  0.51 22.21 ? 108  GLU A CD    1 
ATOM   969  C CD    B GLU A 1 107 ? -2.045  1.918   14.816  0.49 21.38 ? 108  GLU A CD    1 
ATOM   970  O OE1   A GLU A 1 107 ? -3.693  3.509   13.906  0.51 19.93 ? 108  GLU A OE1   1 
ATOM   971  O OE1   B GLU A 1 107 ? -3.067  1.478   14.180  0.49 15.47 ? 108  GLU A OE1   1 
ATOM   972  O OE2   A GLU A 1 107 ? -2.404  4.106   15.579  0.51 23.72 ? 108  GLU A OE2   1 
ATOM   973  O OE2   B GLU A 1 107 ? -1.743  1.592   15.986  0.49 19.53 ? 108  GLU A OE2   1 
ATOM   974  N N     . LYS A 1 108 ? -1.743  0.009   11.358  1.00 7.25  ? 109  LYS A N     1 
ATOM   975  C CA    . LYS A 1 108 ? -2.398  -1.285  11.536  1.00 8.68  ? 109  LYS A CA    1 
ATOM   976  C C     . LYS A 1 108 ? -1.408  -2.410  11.255  1.00 9.33  ? 109  LYS A C     1 
ATOM   977  O O     . LYS A 1 108 ? -1.379  -3.420  11.966  1.00 8.27  ? 109  LYS A O     1 
ATOM   978  C CB    . LYS A 1 108 ? -3.662  -1.403  10.665  1.00 8.22  ? 109  LYS A CB    1 
ATOM   979  C CG    . LYS A 1 108 ? -4.527  -2.675  10.927  1.00 10.90 ? 109  LYS A CG    1 
ATOM   980  C CD    . LYS A 1 108 ? -5.068  -2.799  12.391  1.00 9.79  ? 109  LYS A CD    1 
ATOM   981  C CE    . LYS A 1 108 ? -5.860  -1.547  12.818  1.00 11.72 ? 109  LYS A CE    1 
ATOM   982  N NZ    . LYS A 1 108 ? -6.342  -1.796  14.238  1.00 11.77 ? 109  LYS A NZ    1 
ATOM   983  N N     . LEU A 1 109 ? -0.586  -2.261  10.216  1.00 6.74  ? 110  LEU A N     1 
ATOM   984  C CA    . LEU A 1 109 ? 0.441   -3.291  9.979   1.00 7.86  ? 110  LEU A CA    1 
ATOM   985  C C     . LEU A 1 109 ? 1.361   -3.456  11.164  1.00 9.59  ? 110  LEU A C     1 
ATOM   986  O O     . LEU A 1 109 ? 1.704   -4.575  11.516  1.00 8.38  ? 110  LEU A O     1 
ATOM   987  C CB    . LEU A 1 109 ? 1.266   -2.978  8.724   1.00 8.72  ? 110  LEU A CB    1 
ATOM   988  C CG    . LEU A 1 109 ? 0.492   -3.052  7.373   1.00 6.94  ? 110  LEU A CG    1 
ATOM   989  C CD1   . LEU A 1 109 ? 1.198   -2.163  6.321   1.00 7.77  ? 110  LEU A CD1   1 
ATOM   990  C CD2   . LEU A 1 109 ? 0.369   -4.497  6.900   1.00 10.24 ? 110  LEU A CD2   1 
ATOM   991  N N     . GLN A 1 110 ? 1.833   -2.354  11.755  1.00 7.20  ? 111  GLN A N     1 
ATOM   992  C CA    . GLN A 1 110 ? 2.619   -2.443  12.981  1.00 9.27  ? 111  GLN A CA    1 
ATOM   993  C C     . GLN A 1 110 ? 1.896   -3.196  14.086  1.00 8.26  ? 111  GLN A C     1 
ATOM   994  O O     . GLN A 1 110 ? 2.508   -4.050  14.768  1.00 9.18  ? 111  GLN A O     1 
ATOM   995  C CB    . GLN A 1 110 ? 2.846   -1.006  13.506  1.00 9.32  ? 111  GLN A CB    1 
ATOM   996  C CG    . GLN A 1 110 ? 3.707   -0.194  12.620  1.00 10.60 ? 111  GLN A CG    1 
ATOM   997  C CD    . GLN A 1 110 ? 3.696   1.304   13.034  1.00 9.82  ? 111  GLN A CD    1 
ATOM   998  O OE1   . GLN A 1 110 ? 2.939   1.686   13.896  1.00 11.34 ? 111  GLN A OE1   1 
ATOM   999  N NE2   . GLN A 1 110 ? 4.600   2.076   12.490  1.00 9.18  ? 111  GLN A NE2   1 
ATOM   1000 N N     . GLU A 1 111 ? 0.598   -2.910  14.282  1.00 7.65  ? 112  GLU A N     1 
ATOM   1001 C CA    . GLU A 1 111 ? -0.127  -3.578  15.371  1.00 10.89 ? 112  GLU A CA    1 
ATOM   1002 C C     . GLU A 1 111 ? -0.160  -5.088  15.191  1.00 12.26 ? 112  GLU A C     1 
ATOM   1003 O O     . GLU A 1 111 ? -0.211  -5.829  16.181  1.00 13.06 ? 112  GLU A O     1 
ATOM   1004 C CB    . GLU A 1 111 ? -1.560  -3.069  15.447  1.00 9.83  ? 112  GLU A CB    1 
ATOM   1005 C CG    . GLU A 1 111 ? -1.648  -1.622  15.930  1.00 12.38 ? 112  GLU A CG    1 
ATOM   1006 C CD    . GLU A 1 111 ? -3.088  -1.167  16.066  1.00 21.47 ? 112  GLU A CD    1 
ATOM   1007 O OE1   . GLU A 1 111 ? -4.010  -1.938  15.750  1.00 21.58 ? 112  GLU A OE1   1 
ATOM   1008 O OE2   . GLU A 1 111 ? -3.304  -0.034  16.512  1.00 20.04 ? 112  GLU A OE2   1 
ATOM   1009 N N     . ARG A 1 112 ? -0.244  -5.562  13.953  1.00 9.50  ? 113  ARG A N     1 
ATOM   1010 C CA    . ARG A 1 112 ? -0.370  -6.995  13.666  1.00 9.37  ? 113  ARG A CA    1 
ATOM   1011 C C     . ARG A 1 112 ? 0.968   -7.675  13.553  1.00 7.33  ? 113  ARG A C     1 
ATOM   1012 O O     . ARG A 1 112 ? 1.019   -8.881  13.271  1.00 10.29 ? 113  ARG A O     1 
ATOM   1013 C CB    . ARG A 1 112 ? -1.191  -7.222  12.384  1.00 9.68  ? 113  ARG A CB    1 
ATOM   1014 C CG    . ARG A 1 112 ? -2.594  -6.517  12.428  1.00 9.86  ? 113  ARG A CG    1 
ATOM   1015 C CD    . ARG A 1 112 ? -3.347  -6.622  13.758  1.00 10.39 ? 113  ARG A CD    1 
ATOM   1016 N NE    . ARG A 1 112 ? -3.487  -8.043  14.129  1.00 10.84 ? 113  ARG A NE    1 
ATOM   1017 C CZ    . ARG A 1 112 ? -3.688  -8.440  15.374  1.00 17.46 ? 113  ARG A CZ    1 
ATOM   1018 N NH1   . ARG A 1 112 ? -3.797  -7.542  16.339  1.00 18.46 ? 113  ARG A NH1   1 
ATOM   1019 N NH2   . ARG A 1 112 ? -3.732  -9.732  15.654  1.00 16.45 ? 113  ARG A NH2   1 
ATOM   1020 N N     . GLY A 1 113 ? 2.066   -6.951  13.824  1.00 8.83  ? 114  GLY A N     1 
ATOM   1021 C CA    . GLY A 1 113 ? 3.357   -7.595  13.910  1.00 9.04  ? 114  GLY A CA    1 
ATOM   1022 C C     . GLY A 1 113 ? 4.227   -7.462  12.684  1.00 8.12  ? 114  GLY A C     1 
ATOM   1023 O O     . GLY A 1 113 ? 5.341   -7.958  12.701  1.00 8.61  ? 114  GLY A O     1 
ATOM   1024 N N     . ALA A 1 114 ? 3.767   -6.833  11.597  1.00 8.02  ? 115  ALA A N     1 
ATOM   1025 C CA    . ALA A 1 114 ? 4.634   -6.701  10.433  1.00 8.71  ? 115  ALA A CA    1 
ATOM   1026 C C     . ALA A 1 114 ? 5.824   -5.801  10.742  1.00 8.10  ? 115  ALA A C     1 
ATOM   1027 O O     . ALA A 1 114 ? 5.736   -4.875  11.567  1.00 7.98  ? 115  ALA A O     1 
ATOM   1028 C CB    . ALA A 1 114 ? 3.858   -6.087  9.247   1.00 9.08  ? 115  ALA A CB    1 
ATOM   1029 N N     . ALA A 1 115 ? 6.934   -6.050  10.057  1.00 7.32  ? 116  ALA A N     1 
ATOM   1030 C CA    . ALA A 1 115 ? 8.135   -5.242  10.121  1.00 7.44  ? 116  ALA A CA    1 
ATOM   1031 C C     . ALA A 1 115 ? 7.954   -4.242  8.958   1.00 9.19  ? 116  ALA A C     1 
ATOM   1032 O O     . ALA A 1 115 ? 8.104   -4.627  7.794   1.00 8.64  ? 116  ALA A O     1 
ATOM   1033 C CB    . ALA A 1 115 ? 9.366   -6.072  9.830   1.00 9.54  ? 116  ALA A CB    1 
ATOM   1034 N N     . VAL A 1 116 ? 7.601   -2.990  9.253   1.00 7.67  ? 117  VAL A N     1 
ATOM   1035 C CA    . VAL A 1 116 ? 7.435   -1.954  8.243   1.00 6.91  ? 117  VAL A CA    1 
ATOM   1036 C C     . VAL A 1 116 ? 8.812   -1.485  7.880   1.00 8.00  ? 117  VAL A C     1 
ATOM   1037 O O     . VAL A 1 116 ? 9.554   -1.023  8.746   1.00 11.53 ? 117  VAL A O     1 
ATOM   1038 C CB    . VAL A 1 116 ? 6.500   -0.801  8.724   1.00 7.78  ? 117  VAL A CB    1 
ATOM   1039 C CG1   . VAL A 1 116 ? 6.419   0.426   7.715   1.00 10.51 ? 117  VAL A CG1   1 
ATOM   1040 C CG2   . VAL A 1 116 ? 5.066   -1.381  8.987   1.00 9.71  ? 117  VAL A CG2   1 
ATOM   1041 N N     . VAL A 1 117 ? 9.233   -1.674  6.651   1.00 7.88  ? 118  VAL A N     1 
ATOM   1042 C CA    . VAL A 1 117 ? 10.637  -1.536  6.294   1.00 9.52  ? 118  VAL A CA    1 
ATOM   1043 C C     . VAL A 1 117 ? 10.927  -0.267  5.535   1.00 11.50 ? 118  VAL A C     1 
ATOM   1044 O O     . VAL A 1 117 ? 12.118  0.015   5.249   1.00 13.68 ? 118  VAL A O     1 
ATOM   1045 C CB    . VAL A 1 117 ? 11.140  -2.757  5.496   1.00 13.34 ? 118  VAL A CB    1 
ATOM   1046 C CG1   . VAL A 1 117 ? 11.135  -4.030  6.379   1.00 14.36 ? 118  VAL A CG1   1 
ATOM   1047 C CG2   . VAL A 1 117 ? 10.324  -3.014  4.222   1.00 14.06 ? 118  VAL A CG2   1 
ATOM   1048 N N     . LEU A 1 118 ? 9.909   0.513   5.159   1.00 6.93  ? 119  LEU A N     1 
ATOM   1049 C CA    . LEU A 1 118 ? 10.045  1.797   4.474   1.00 6.58  ? 119  LEU A CA    1 
ATOM   1050 C C     . LEU A 1 118 ? 9.130   2.841   5.116   1.00 6.89  ? 119  LEU A C     1 
ATOM   1051 O O     . LEU A 1 118 ? 8.049   2.513   5.633   1.00 8.03  ? 119  LEU A O     1 
ATOM   1052 C CB    . LEU A 1 118 ? 9.557   1.736   2.998   1.00 9.35  ? 119  LEU A CB    1 
ATOM   1053 C CG    . LEU A 1 118 ? 10.437  0.754   2.170   1.00 9.48  ? 119  LEU A CG    1 
ATOM   1054 C CD1   . LEU A 1 118 ? 9.837   0.600   0.794   1.00 10.12 ? 119  LEU A CD1   1 
ATOM   1055 C CD2   . LEU A 1 118 ? 11.906  1.164   2.070   1.00 17.20 ? 119  LEU A CD2   1 
ATOM   1056 N N     . GLU A 1 119 ? 9.511   4.117   5.059   1.00 8.11  ? 120  GLU A N     1 
ATOM   1057 C CA    . GLU A 1 119 ? 8.578   5.173   5.405   1.00 8.45  ? 120  GLU A CA    1 
ATOM   1058 C C     . GLU A 1 119 ? 7.440   5.150   4.397   1.00 6.11  ? 120  GLU A C     1 
ATOM   1059 O O     . GLU A 1 119 ? 7.617   4.676   3.260   1.00 7.72  ? 120  GLU A O     1 
ATOM   1060 C CB    . GLU A 1 119 ? 9.302   6.534   5.287   1.00 10.03 ? 120  GLU A CB    1 
ATOM   1061 C CG    . GLU A 1 119 ? 10.308  6.688   6.426   1.00 13.07 ? 120  GLU A CG    1 
ATOM   1062 C CD    . GLU A 1 119 ? 11.088  7.976   6.442   1.00 11.57 ? 120  GLU A CD    1 
ATOM   1063 O OE1   . GLU A 1 119 ? 11.059  8.767   5.503   1.00 14.17 ? 120  GLU A OE1   1 
ATOM   1064 O OE2   . GLU A 1 119 ? 11.833  8.094   7.472   1.00 14.70 ? 120  GLU A OE2   1 
ATOM   1065 N N     . GLY A 1 120 ? 6.279   5.685   4.768   1.00 8.22  ? 121  GLY A N     1 
ATOM   1066 C CA    . GLY A 1 120 ? 5.183   5.727   3.805   1.00 7.31  ? 121  GLY A CA    1 
ATOM   1067 C C     . GLY A 1 120 ? 5.513   6.642   2.639   1.00 7.81  ? 121  GLY A C     1 
ATOM   1068 O O     . GLY A 1 120 ? 6.118   7.699   2.806   1.00 8.47  ? 121  GLY A O     1 
ATOM   1069 N N     . LEU A 1 121 ? 5.165   6.197   1.424   1.00 6.86  ? 122  LEU A N     1 
ATOM   1070 C CA    . LEU A 1 121 ? 5.434   6.991   0.227   1.00 6.58  ? 122  LEU A CA    1 
ATOM   1071 C C     . LEU A 1 121 ? 4.160   7.734   -0.155  1.00 8.18  ? 122  LEU A C     1 
ATOM   1072 O O     . LEU A 1 121 ? 3.135   7.096   -0.433  1.00 10.06 ? 122  LEU A O     1 
ATOM   1073 C CB    . LEU A 1 121 ? 5.839   6.070   -0.921  1.00 7.35  ? 122  LEU A CB    1 
ATOM   1074 C CG    . LEU A 1 121 ? 5.947   6.809   -2.297  1.00 8.77  ? 122  LEU A CG    1 
ATOM   1075 C CD1   . LEU A 1 121 ? 6.969   7.897   -2.306  1.00 9.58  ? 122  LEU A CD1   1 
ATOM   1076 C CD2   . LEU A 1 121 ? 6.269   5.724   -3.414  1.00 10.68 ? 122  LEU A CD2   1 
ATOM   1077 N N     . LYS A 1 122 ? 4.181   9.091   -0.136  1.00 7.28  ? 123  LYS A N     1 
ATOM   1078 C CA    . LYS A 1 122 ? 3.057   9.985   -0.495  1.00 8.19  ? 123  LYS A CA    1 
ATOM   1079 C C     . LYS A 1 122 ? 3.392   10.772  -1.761  1.00 8.02  ? 123  LYS A C     1 
ATOM   1080 O O     . LYS A 1 122 ? 4.421   11.434  -1.826  1.00 9.71  ? 123  LYS A O     1 
ATOM   1081 C CB    . LYS A 1 122 ? 2.787   10.944  0.689   1.00 6.63  ? 123  LYS A CB    1 
ATOM   1082 C CG    . LYS A 1 122 ? 2.268   10.181  1.915   1.00 6.96  ? 123  LYS A CG    1 
ATOM   1083 C CD    . LYS A 1 122 ? 1.857   11.238  2.991   1.00 7.97  ? 123  LYS A CD    1 
ATOM   1084 C CE    . LYS A 1 122 ? 1.525   10.458  4.221   1.00 5.49  ? 123  LYS A CE    1 
ATOM   1085 N NZ    . LYS A 1 122 ? 1.041   11.362  5.323   1.00 8.24  ? 123  LYS A NZ    1 
ATOM   1086 N N     . VAL A 1 123 ? 2.540   10.678  -2.777  1.00 9.12  ? 124  VAL A N     1 
ATOM   1087 C CA    . VAL A 1 123 ? 2.706   11.445  -3.995  1.00 11.17 ? 124  VAL A CA    1 
ATOM   1088 C C     . VAL A 1 123 ? 1.493   12.363  -4.102  1.00 6.52  ? 124  VAL A C     1 
ATOM   1089 O O     . VAL A 1 123 ? 0.359   11.933  -3.858  1.00 8.16  ? 124  VAL A O     1 
ATOM   1090 C CB    . VAL A 1 123 ? 2.815   10.495  -5.203  1.00 10.68 ? 124  VAL A CB    1 
ATOM   1091 C CG1   . VAL A 1 123 ? 2.614   11.291  -6.480  1.00 10.12 ? 124  VAL A CG1   1 
ATOM   1092 C CG2   . VAL A 1 123 ? 4.204   9.801   -5.133  1.00 11.97 ? 124  VAL A CG2   1 
ATOM   1093 N N     . GLU A 1 124 ? 1.699   13.645  -4.466  1.00 10.70 ? 125  GLU A N     1 
ATOM   1094 C CA    . GLU A 1 124 ? 0.577   14.576  -4.695  1.00 9.79  ? 125  GLU A CA    1 
ATOM   1095 C C     . GLU A 1 124 ? -0.113  14.283  -6.023  1.00 9.77  ? 125  GLU A C     1 
ATOM   1096 O O     . GLU A 1 124 ? 0.478   14.395  -7.113  1.00 11.18 ? 125  GLU A O     1 
ATOM   1097 C CB    . GLU A 1 124 ? 1.103   16.006  -4.693  1.00 13.51 ? 125  GLU A CB    1 
ATOM   1098 C CG    . GLU A 1 124 ? 0.022   17.018  -5.075  1.00 18.59 ? 125  GLU A CG    1 
ATOM   1099 C CD    . GLU A 1 124 ? -0.599  17.735  -3.890  1.00 24.29 ? 125  GLU A CD    1 
ATOM   1100 O OE1   . GLU A 1 124 ? 0.006   17.711  -2.804  1.00 40.26 ? 125  GLU A OE1   1 
ATOM   1101 O OE2   . GLU A 1 124 ? -1.650  18.390  -4.094  1.00 34.22 ? 125  GLU A OE2   1 
ATOM   1102 N N     . LEU A 1 125 ? -1.370  13.875  -5.941  1.00 8.41  ? 126  LEU A N     1 
ATOM   1103 C CA    . LEU A 1 125 ? -2.246  13.708  -7.122  1.00 10.69 ? 126  LEU A CA    1 
ATOM   1104 C C     . LEU A 1 125 ? -1.566  12.813  -8.164  1.00 11.22 ? 126  LEU A C     1 
ATOM   1105 O O     . LEU A 1 125 ? -1.168  11.707  -7.819  1.00 9.64  ? 126  LEU A O     1 
ATOM   1106 C CB    . LEU A 1 125 ? -2.736  15.038  -7.642  1.00 10.90 ? 126  LEU A CB    1 
ATOM   1107 C CG    . LEU A 1 125 ? -3.616  15.934  -6.701  1.00 8.96  ? 126  LEU A CG    1 
ATOM   1108 C CD1   . LEU A 1 125 ? -3.955  17.334  -7.315  1.00 13.74 ? 126  LEU A CD1   1 
ATOM   1109 C CD2   . LEU A 1 125 ? -4.925  15.087  -6.416  1.00 10.68 ? 126  LEU A CD2   1 
ATOM   1110 N N     . THR A 1 126 ? -1.491  13.216  -9.445  1.00 10.79 ? 127  THR A N     1 
ATOM   1111 C CA    . THR A 1 126 ? -0.961  12.329  -10.467 1.00 11.00 ? 127  THR A CA    1 
ATOM   1112 C C     . THR A 1 126 ? 0.564   12.344  -10.461 1.00 10.81 ? 127  THR A C     1 
ATOM   1113 O O     . THR A 1 126 ? 1.173   13.405  -10.489 1.00 11.92 ? 127  THR A O     1 
ATOM   1114 C CB    . THR A 1 126 ? -1.486  12.760  -11.838 1.00 11.19 ? 127  THR A CB    1 
ATOM   1115 O OG1   . THR A 1 126 ? -2.923  12.796  -11.823 1.00 12.04 ? 127  THR A OG1   1 
ATOM   1116 C CG2   . THR A 1 126 ? -1.072  11.755  -12.927 1.00 11.50 ? 127  THR A CG2   1 
ATOM   1117 N N     . PRO A 1 127 ? 1.214   11.181  -10.400 1.00 9.33  ? 128  PRO A N     1 
ATOM   1118 C CA    . PRO A 1 127 ? 2.689   11.134  -10.438 1.00 8.37  ? 128  PRO A CA    1 
ATOM   1119 C C     . PRO A 1 127 ? 3.227   11.903  -11.649 1.00 10.25 ? 128  PRO A C     1 
ATOM   1120 O O     . PRO A 1 127 ? 2.712   11.811  -12.783 1.00 11.95 ? 128  PRO A O     1 
ATOM   1121 C CB    . PRO A 1 127 ? 2.978   9.632   -10.585 1.00 13.28 ? 128  PRO A CB    1 
ATOM   1122 C CG    . PRO A 1 127 ? 1.857   8.942   -9.881  1.00 10.00 ? 128  PRO A CG    1 
ATOM   1123 C CD    . PRO A 1 127 ? 0.612   9.847   -10.239 1.00 9.34  ? 128  PRO A CD    1 
ATOM   1124 N N     . GLU A 1 128 ? 4.290   12.637  -11.390 1.00 11.45 ? 129  GLU A N     1 
ATOM   1125 C CA    . GLU A 1 128 ? 5.118   13.208  -12.450 1.00 12.40 ? 129  GLU A CA    1 
ATOM   1126 C C     . GLU A 1 128 ? 6.359   12.357  -12.534 1.00 13.68 ? 129  GLU A C     1 
ATOM   1127 O O     . GLU A 1 128 ? 6.512   11.397  -11.792 1.00 13.53 ? 129  GLU A O     1 
ATOM   1128 C CB    . GLU A 1 128 ? 5.478   14.649  -12.121 1.00 21.14 ? 129  GLU A CB    1 
ATOM   1129 C CG    . GLU A 1 128 ? 4.258   15.555  -12.299 1.00 21.50 ? 129  GLU A CG    1 
ATOM   1130 C CD    . GLU A 1 128 ? 4.671   16.906  -12.773 1.00 42.05 ? 129  GLU A CD    1 
ATOM   1131 O OE1   . GLU A 1 128 ? 5.358   17.577  -11.978 1.00 31.54 ? 129  GLU A OE1   1 
ATOM   1132 O OE2   . GLU A 1 128 ? 4.359   17.245  -13.941 1.00 21.80 ? 129  GLU A OE2   1 
ATOM   1133 N N     . ASP A 1 129 ? 7.292   12.740  -13.404 1.00 12.60 ? 130  ASP A N     1 
ATOM   1134 C CA    . ASP A 1 129 ? 8.430   11.843  -13.629 1.00 11.15 ? 130  ASP A CA    1 
ATOM   1135 C C     . ASP A 1 129 ? 9.184   11.569  -12.346 1.00 12.59 ? 130  ASP A C     1 
ATOM   1136 O O     . ASP A 1 129 ? 9.579   10.429  -12.088 1.00 12.69 ? 130  ASP A O     1 
ATOM   1137 C CB    . ASP A 1 129 ? 9.364   12.488  -14.668 1.00 19.31 ? 130  ASP A CB    1 
ATOM   1138 C CG    . ASP A 1 129 ? 8.750   12.584  -16.045 1.00 15.67 ? 130  ASP A CG    1 
ATOM   1139 O OD1   . ASP A 1 129 ? 7.611   12.129  -16.340 1.00 19.20 ? 130  ASP A OD1   1 
ATOM   1140 O OD2   . ASP A 1 129 ? 9.487   13.155  -16.898 1.00 24.55 ? 130  ASP A OD2   1 
ATOM   1141 N N     . GLU A 1 130 ? 9.446   12.595  -11.550 1.00 13.30 ? 131  GLU A N     1 
ATOM   1142 C CA    . GLU A 1 130 ? 10.141  12.412  -10.287 1.00 15.49 ? 131  GLU A CA    1 
ATOM   1143 C C     . GLU A 1 130 ? 9.396   11.468  -9.362  1.00 14.04 ? 131  GLU A C     1 
ATOM   1144 O O     . GLU A 1 130 ? 10.032  10.677  -8.636  1.00 12.30 ? 131  GLU A O     1 
ATOM   1145 C CB    . GLU A 1 130 ? 10.250  13.762  -9.553  1.00 17.25 ? 131  GLU A CB    1 
ATOM   1146 C CG    . GLU A 1 130 ? 11.411  13.910  -8.568  1.00 42.33 ? 131  GLU A CG    1 
ATOM   1147 C CD    . GLU A 1 130 ? 11.584  15.358  -8.048  1.00 80.17 ? 131  GLU A CD    1 
ATOM   1148 O OE1   . GLU A 1 130 ? 12.685  15.701  -7.561  1.00 81.10 ? 131  GLU A OE1   1 
ATOM   1149 O OE2   . GLU A 1 130 ? 10.604  16.138  -8.093  1.00 92.56 ? 131  GLU A OE2   1 
ATOM   1150 N N     . ASP A 1 131 ? 8.053   11.598  -9.316  1.00 11.80 ? 132  ASP A N     1 
ATOM   1151 C CA    . ASP A 1 131 ? 7.265   10.674  -8.494  1.00 11.04 ? 132  ASP A CA    1 
ATOM   1152 C C     . ASP A 1 131 ? 7.385   9.221   -8.956  1.00 11.63 ? 132  ASP A C     1 
ATOM   1153 O O     . ASP A 1 131 ? 7.402   8.310   -8.122  1.00 9.68  ? 132  ASP A O     1 
ATOM   1154 C CB    . ASP A 1 131 ? 5.795   11.090  -8.469  1.00 11.83 ? 132  ASP A CB    1 
ATOM   1155 C CG    . ASP A 1 131 ? 5.612   12.503  -7.968  1.00 15.26 ? 132  ASP A CG    1 
ATOM   1156 O OD1   . ASP A 1 131 ? 6.075   12.753  -6.841  1.00 16.13 ? 132  ASP A OD1   1 
ATOM   1157 O OD2   . ASP A 1 131 ? 4.987   13.299  -8.690  1.00 14.49 ? 132  ASP A OD2   1 
ATOM   1158 N N     . VAL A 1 132 ? 7.437   8.986   -10.285 1.00 10.21 ? 133  VAL A N     1 
ATOM   1159 C CA    . VAL A 1 132 ? 7.610   7.639   -10.803 1.00 12.63 ? 133  VAL A CA    1 
ATOM   1160 C C     . VAL A 1 132 ? 8.989   7.111   -10.412 1.00 9.43  ? 133  VAL A C     1 
ATOM   1161 O O     . VAL A 1 132 ? 9.147   5.928   -10.057 1.00 11.33 ? 133  VAL A O     1 
ATOM   1162 C CB    . VAL A 1 132 ? 7.343   7.678   -12.329 1.00 10.00 ? 133  VAL A CB    1 
ATOM   1163 C CG1   . VAL A 1 132 ? 7.688   6.352   -12.976 1.00 12.55 ? 133  VAL A CG1   1 
ATOM   1164 C CG2   . VAL A 1 132 ? 5.865   8.036   -12.614 1.00 12.69 ? 133  VAL A CG2   1 
ATOM   1165 N N     . GLU A 1 133 ? 10.000  7.993   -10.422 1.00 9.53  ? 134  GLU A N     1 
ATOM   1166 C CA    . GLU A 1 133 ? 11.296  7.536   -9.938  1.00 14.58 ? 134  GLU A CA    1 
ATOM   1167 C C     . GLU A 1 133 ? 11.247  7.156   -8.452  1.00 11.20 ? 134  GLU A C     1 
ATOM   1168 O O     . GLU A 1 133 ? 11.914  6.199   -8.026  1.00 10.58 ? 134  GLU A O     1 
ATOM   1169 C CB    . GLU A 1 133 ? 12.358  8.592   -10.214 1.00 15.00 ? 134  GLU A CB    1 
ATOM   1170 C CG    . GLU A 1 133 ? 13.717  7.910   -10.285 1.00 25.46 ? 134  GLU A CG    1 
ATOM   1171 C CD    . GLU A 1 133 ? 14.810  8.824   -10.738 1.00 42.16 ? 134  GLU A CD    1 
ATOM   1172 O OE1   . GLU A 1 133 ? 14.541  9.686   -11.617 1.00 33.72 ? 134  GLU A OE1   1 
ATOM   1173 O OE2   . GLU A 1 133 ? 15.930  8.659   -10.201 1.00 34.93 ? 134  GLU A OE2   1 
ATOM   1174 N N     . LYS A 1 134 ? 10.513  7.916   -7.622  1.00 8.19  ? 135  LYS A N     1 
ATOM   1175 C CA    . LYS A 1 134 ? 10.334  7.528   -6.229  1.00 10.61 ? 135  LYS A CA    1 
ATOM   1176 C C     . LYS A 1 134 ? 9.665   6.166   -6.129  1.00 8.05  ? 135  LYS A C     1 
ATOM   1177 O O     . LYS A 1 134 ? 9.980   5.387   -5.224  1.00 8.85  ? 135  LYS A O     1 
ATOM   1178 C CB    . LYS A 1 134 ? 9.515   8.595   -5.469  1.00 10.20 ? 135  LYS A CB    1 
ATOM   1179 C CG    . LYS A 1 134 ? 10.278  9.893   -5.118  1.00 16.96 ? 135  LYS A CG    1 
ATOM   1180 C CD    . LYS A 1 134 ? 9.305   10.911  -4.525  1.00 25.40 ? 135  LYS A CD    1 
ATOM   1181 C CE    . LYS A 1 134 ? 10.010  12.070  -3.775  1.00 29.18 ? 135  LYS A CE    1 
ATOM   1182 N NZ    . LYS A 1 134 ? 10.515  13.116  -4.714  1.00 48.49 ? 135  LYS A NZ    1 
ATOM   1183 N N     . CYS A 1 135 ? 8.699   5.870   -6.997  1.00 8.41  ? 136  CYS A N     1 
ATOM   1184 C CA    . CYS A 1 135 ? 8.069   4.553   -6.996  1.00 9.07  ? 136  CYS A CA    1 
ATOM   1185 C C     . CYS A 1 135 ? 9.096   3.448   -7.289  1.00 7.97  ? 136  CYS A C     1 
ATOM   1186 O O     . CYS A 1 135 ? 9.085   2.369   -6.658  1.00 8.72  ? 136  CYS A O     1 
ATOM   1187 C CB    . CYS A 1 135 ? 6.962   4.544   -8.049  1.00 10.05 ? 136  CYS A CB    1 
ATOM   1188 S SG    . CYS A 1 135 ? 5.478   5.464   -7.541  1.00 9.85  ? 136  CYS A SG    1 
ATOM   1189 N N     A LEU A 1 136 ? 10.000  3.693   -8.241  0.39 7.93  ? 137  LEU A N     1 
ATOM   1190 N N     B LEU A 1 136 ? 9.998   3.705   -8.253  0.61 7.89  ? 137  LEU A N     1 
ATOM   1191 C CA    A LEU A 1 136 ? 11.030  2.701   -8.526  0.39 9.23  ? 137  LEU A CA    1 
ATOM   1192 C CA    B LEU A 1 136 ? 11.073  2.766   -8.568  0.61 9.26  ? 137  LEU A CA    1 
ATOM   1193 C C     A LEU A 1 136 ? 11.941  2.492   -7.316  0.39 7.94  ? 137  LEU A C     1 
ATOM   1194 C C     B LEU A 1 136 ? 11.956  2.512   -7.347  0.61 7.86  ? 137  LEU A C     1 
ATOM   1195 O O     A LEU A 1 136 ? 12.260  1.352   -6.950  0.39 10.26 ? 137  LEU A O     1 
ATOM   1196 O O     B LEU A 1 136 ? 12.241  1.362   -6.981  0.61 10.28 ? 137  LEU A O     1 
ATOM   1197 C CB    A LEU A 1 136 ? 11.841  3.154   -9.733  0.39 11.45 ? 137  LEU A CB    1 
ATOM   1198 C CB    B LEU A 1 136 ? 11.926  3.365   -9.688  0.61 11.15 ? 137  LEU A CB    1 
ATOM   1199 C CG    A LEU A 1 136 ? 13.042  2.268   -10.082 0.39 12.78 ? 137  LEU A CG    1 
ATOM   1200 C CG    B LEU A 1 136 ? 13.342  2.753   -9.877  0.61 11.83 ? 137  LEU A CG    1 
ATOM   1201 C CD1   A LEU A 1 136 ? 13.267  2.303   -11.552 0.39 11.11 ? 137  LEU A CD1   1 
ATOM   1202 C CD1   B LEU A 1 136 ? 13.237  1.265   -10.253 0.61 9.60  ? 137  LEU A CD1   1 
ATOM   1203 C CD2   A LEU A 1 136 ? 14.259  2.759   -9.371  0.39 11.13 ? 137  LEU A CD2   1 
ATOM   1204 C CD2   B LEU A 1 136 ? 14.118  3.559   -10.917 0.61 15.55 ? 137  LEU A CD2   1 
ATOM   1205 N N     . GLN A 1 137 ? 12.366  3.585   -6.675  1.00 7.79  ? 138  GLN A N     1 
ATOM   1206 C CA    . GLN A 1 137 ? 13.229  3.476   -5.520  1.00 9.68  ? 138  GLN A CA    1 
ATOM   1207 C C     . GLN A 1 137 ? 12.531  2.751   -4.391  1.00 9.92  ? 138  GLN A C     1 
ATOM   1208 O O     . GLN A 1 137 ? 13.138  1.961   -3.678  1.00 10.54 ? 138  GLN A O     1 
ATOM   1209 C CB    . GLN A 1 137 ? 13.650  4.887   -5.066  1.00 11.27 ? 138  GLN A CB    1 
ATOM   1210 C CG    . GLN A 1 137 ? 14.757  5.465   -5.971  1.00 18.18 ? 138  GLN A CG    1 
ATOM   1211 C CD    . GLN A 1 137 ? 16.008  4.545   -5.922  1.00 38.79 ? 138  GLN A CD    1 
ATOM   1212 O OE1   . GLN A 1 137 ? 16.317  3.955   -4.868  1.00 38.33 ? 138  GLN A OE1   1 
ATOM   1213 N NE2   . GLN A 1 137 ? 16.704  4.408   -7.049  1.00 32.45 ? 138  GLN A NE2   1 
ATOM   1214 N N     . PHE A 1 138 ? 11.215  2.976   -4.247  1.00 8.99  ? 139  PHE A N     1 
ATOM   1215 C CA    . PHE A 1 138 ? 10.434  2.296   -3.228  1.00 7.40  ? 139  PHE A CA    1 
ATOM   1216 C C     . PHE A 1 138 ? 10.435  0.788   -3.487  1.00 9.28  ? 139  PHE A C     1 
ATOM   1217 O O     . PHE A 1 138 ? 10.698  -0.013  -2.590  1.00 9.17  ? 139  PHE A O     1 
ATOM   1218 C CB    . PHE A 1 138 ? 9.039   2.908   -3.253  1.00 8.31  ? 139  PHE A CB    1 
ATOM   1219 C CG    . PHE A 1 138 ? 8.050   2.342   -2.255  1.00 10.35 ? 139  PHE A CG    1 
ATOM   1220 C CD1   . PHE A 1 138 ? 7.327   1.156   -2.522  1.00 10.84 ? 139  PHE A CD1   1 
ATOM   1221 C CD2   . PHE A 1 138 ? 7.710   3.048   -1.124  1.00 14.34 ? 139  PHE A CD2   1 
ATOM   1222 C CE1   . PHE A 1 138 ? 6.340   0.692   -1.647  1.00 10.65 ? 139  PHE A CE1   1 
ATOM   1223 C CE2   . PHE A 1 138 ? 6.736   2.551   -0.247  1.00 13.72 ? 139  PHE A CE2   1 
ATOM   1224 C CZ    . PHE A 1 138 ? 6.045   1.373   -0.524  1.00 11.63 ? 139  PHE A CZ    1 
ATOM   1225 N N     . GLY A 1 139 ? 10.133  0.371   -4.714  1.00 9.81  ? 140  GLY A N     1 
ATOM   1226 C CA    . GLY A 1 139 ? 10.174  -1.058  -4.989  1.00 10.97 ? 140  GLY A CA    1 
ATOM   1227 C C     . GLY A 1 139 ? 11.563  -1.648  -4.795  1.00 7.15  ? 140  GLY A C     1 
ATOM   1228 O O     . GLY A 1 139 ? 11.710  -2.765  -4.315  1.00 9.91  ? 140  GLY A O     1 
ATOM   1229 N N     . ALA A 1 140 ? 12.597  -0.907  -5.258  1.00 9.45  ? 141  ALA A N     1 
ATOM   1230 C CA    . ALA A 1 140 ? 13.979  -1.369  -5.133  1.00 10.71 ? 141  ALA A CA    1 
ATOM   1231 C C     . ALA A 1 140 ? 14.378  -1.549  -3.657  1.00 12.12 ? 141  ALA A C     1 
ATOM   1232 O O     . ALA A 1 140 ? 14.951  -2.588  -3.274  1.00 12.75 ? 141  ALA A O     1 
ATOM   1233 C CB    . ALA A 1 140 ? 14.906  -0.409  -5.919  1.00 10.53 ? 141  ALA A CB    1 
ATOM   1234 N N     . GLU A 1 141 ? 14.046  -0.577  -2.813  1.00 10.68 ? 142  GLU A N     1 
ATOM   1235 C CA    . GLU A 1 141 ? 14.386  -0.671  -1.406  1.00 11.41 ? 142  GLU A CA    1 
ATOM   1236 C C     . GLU A 1 141 ? 13.575  -1.748  -0.712  1.00 10.67 ? 142  GLU A C     1 
ATOM   1237 O O     . GLU A 1 141 ? 14.093  -2.470  0.165   1.00 10.27 ? 142  GLU A O     1 
ATOM   1238 C CB    . GLU A 1 141 ? 14.116  0.676   -0.756  1.00 11.86 ? 142  GLU A CB    1 
ATOM   1239 C CG    . GLU A 1 141 ? 15.183  1.687   -1.080  1.00 26.22 ? 142  GLU A CG    1 
ATOM   1240 C CD    . GLU A 1 141 ? 16.533  1.226   -0.572  1.00 47.76 ? 142  GLU A CD    1 
ATOM   1241 O OE1   . GLU A 1 141 ? 16.629  0.960   0.645   1.00 29.63 ? 142  GLU A OE1   1 
ATOM   1242 O OE2   . GLU A 1 141 ? 17.475  1.102   -1.385  1.00 45.92 ? 142  GLU A OE2   1 
ATOM   1243 N N     . PHE A 1 142 ? 12.328  -1.957  -1.136  1.00 8.75  ? 143  PHE A N     1 
ATOM   1244 C CA    . PHE A 1 142 ? 11.512  -2.988  -0.520  1.00 8.38  ? 143  PHE A CA    1 
ATOM   1245 C C     . PHE A 1 142 ? 12.164  -4.357  -0.736  1.00 10.11 ? 143  PHE A C     1 
ATOM   1246 O O     . PHE A 1 142 ? 12.314  -5.182  0.199   1.00 12.12 ? 143  PHE A O     1 
ATOM   1247 C CB    . PHE A 1 142 ? 10.072  -3.006  -1.095  1.00 7.90  ? 143  PHE A CB    1 
ATOM   1248 C CG    . PHE A 1 142 ? 9.188   -3.970  -0.361  1.00 11.02 ? 143  PHE A CG    1 
ATOM   1249 C CD1   . PHE A 1 142 ? 8.550   -3.562  0.818   1.00 10.99 ? 143  PHE A CD1   1 
ATOM   1250 C CD2   . PHE A 1 142 ? 8.991   -5.281  -0.796  1.00 13.17 ? 143  PHE A CD2   1 
ATOM   1251 C CE1   . PHE A 1 142 ? 7.750   -4.419  1.555   1.00 10.51 ? 143  PHE A CE1   1 
ATOM   1252 C CE2   . PHE A 1 142 ? 8.171   -6.146  -0.100  1.00 14.47 ? 143  PHE A CE2   1 
ATOM   1253 C CZ    . PHE A 1 142 ? 7.536   -5.746  1.089   1.00 12.73 ? 143  PHE A CZ    1 
ATOM   1254 N N     A VAL A 1 143 ? 12.588  -4.604  -1.978  0.61 10.21 ? 144  VAL A N     1 
ATOM   1255 N N     B VAL A 1 143 ? 12.585  -4.629  -1.963  0.39 10.28 ? 144  VAL A N     1 
ATOM   1256 C CA    A VAL A 1 143 ? 13.195  -5.889  -2.315  0.61 12.52 ? 144  VAL A CA    1 
ATOM   1257 C CA    B VAL A 1 143 ? 13.123  -5.962  -2.184  0.39 12.20 ? 144  VAL A CA    1 
ATOM   1258 C C     A VAL A 1 143 ? 14.466  -6.115  -1.513  0.61 12.52 ? 144  VAL A C     1 
ATOM   1259 C C     B VAL A 1 143 ? 14.488  -6.139  -1.517  0.39 12.53 ? 144  VAL A C     1 
ATOM   1260 O O     A VAL A 1 143 ? 14.727  -7.237  -1.073  0.61 12.78 ? 144  VAL A O     1 
ATOM   1261 O O     B VAL A 1 143 ? 14.849  -7.266  -1.183  0.39 13.17 ? 144  VAL A O     1 
ATOM   1262 C CB    A VAL A 1 143 ? 13.422  -5.993  -3.839  0.61 8.45  ? 144  VAL A CB    1 
ATOM   1263 C CB    B VAL A 1 143 ? 13.112  -6.321  -3.682  0.39 10.66 ? 144  VAL A CB    1 
ATOM   1264 C CG1   A VAL A 1 143 ? 14.403  -7.148  -4.184  0.61 16.05 ? 144  VAL A CG1   1 
ATOM   1265 C CG1   B VAL A 1 143 ? 11.673  -6.310  -4.253  0.39 6.94  ? 144  VAL A CG1   1 
ATOM   1266 C CG2   A VAL A 1 143 ? 12.075  -6.181  -4.547  0.61 11.82 ? 144  VAL A CG2   1 
ATOM   1267 C CG2   B VAL A 1 143 ? 13.981  -5.356  -4.403  0.39 8.19  ? 144  VAL A CG2   1 
ATOM   1268 N N     . LYS A 1 144 ? 15.261  -5.057  -1.311  1.00 12.60 ? 145  LYS A N     1 
ATOM   1269 C CA    . LYS A 1 144 ? 16.507  -5.179  -0.555  1.00 15.48 ? 145  LYS A CA    1 
ATOM   1270 C C     . LYS A 1 144 ? 16.233  -5.694  0.847   1.00 21.04 ? 145  LYS A C     1 
ATOM   1271 O O     . LYS A 1 144 ? 17.016  -6.487  1.392   1.00 17.94 ? 145  LYS A O     1 
ATOM   1272 C CB    . LYS A 1 144 ? 17.205  -3.812  -0.590  1.00 16.96 ? 145  LYS A CB    1 
ATOM   1273 C CG    . LYS A 1 144 ? 18.611  -3.746  -0.120  1.00 25.35 ? 145  LYS A CG    1 
ATOM   1274 C CD    . LYS A 1 144 ? 19.158  -2.343  -0.257  1.00 36.38 ? 145  LYS A CD    1 
ATOM   1275 C CE    . LYS A 1 144 ? 19.045  -1.840  -1.689  1.00 51.04 ? 145  LYS A CE    1 
ATOM   1276 N NZ    . LYS A 1 144 ? 19.876  -0.593  -1.907  1.00 60.82 ? 145  LYS A NZ    1 
ATOM   1277 N N     . HIS A 1 145 ? 15.069  -5.342  1.433   1.00 15.49 ? 146  HIS A N     1 
ATOM   1278 C CA    . HIS A 1 145 ? 14.739  -5.788  2.780   1.00 18.83 ? 146  HIS A CA    1 
ATOM   1279 C C     . HIS A 1 145 ? 14.270  -7.218  2.870   1.00 19.54 ? 146  HIS A C     1 
ATOM   1280 O O     . HIS A 1 145 ? 14.136  -7.726  3.984   1.00 29.11 ? 146  HIS A O     1 
ATOM   1281 C CB    . HIS A 1 145 ? 13.674  -4.868  3.372   1.00 21.65 ? 146  HIS A CB    1 
ATOM   1282 C CG    . HIS A 1 145 ? 14.242  -3.612  3.921   1.00 21.11 ? 146  HIS A CG    1 
ATOM   1283 N ND1   . HIS A 1 145 ? 14.292  -2.434  3.215   1.00 28.51 ? 146  HIS A ND1   1 
ATOM   1284 C CD2   . HIS A 1 145 ? 14.869  -3.378  5.105   1.00 20.21 ? 146  HIS A CD2   1 
ATOM   1285 C CE1   . HIS A 1 145 ? 14.888  -1.509  3.950   1.00 35.09 ? 146  HIS A CE1   1 
ATOM   1286 N NE2   . HIS A 1 145 ? 15.258  -2.060  5.093   1.00 40.24 ? 146  HIS A NE2   1 
ATOM   1287 N N     . LEU A 1 146 ? 13.963  -7.868  1.762   1.00 19.51 ? 147  LEU A N     1 
ATOM   1288 C CA    . LEU A 1 146 ? 13.598  -9.280  1.787   1.00 17.85 ? 147  LEU A CA    1 
ATOM   1289 C C     . LEU A 1 146 ? 14.824  -10.171 1.939   1.00 38.37 ? 147  LEU A C     1 
ATOM   1290 O O     . LEU A 1 146 ? 15.962  -9.705  2.015   1.00 36.20 ? 147  LEU A O     1 
ATOM   1291 C CB    . LEU A 1 146 ? 12.878  -9.678  0.500   1.00 23.03 ? 147  LEU A CB    1 
ATOM   1292 C CG    . LEU A 1 146 ? 11.606  -8.896  0.178   1.00 16.61 ? 147  LEU A CG    1 
ATOM   1293 C CD1   . LEU A 1 146 ? 11.174  -9.339  -1.181  1.00 22.66 ? 147  LEU A CD1   1 
ATOM   1294 C CD2   . LEU A 1 146 ? 10.524  -9.172  1.207   1.00 15.39 ? 147  LEU A CD2   1 
ATOM   1295 N N     . SER A 1 147 ? 14.587  -11.481 1.935   1.00 41.99 ? 148  SER A N     1 
ATOM   1296 C CA    . SER A 1 147 ? 15.672  -12.450 2.125   1.00 67.72 ? 148  SER A CA    1 
ATOM   1297 C C     . SER A 1 147 ? 15.405  -13.825 1.499   1.00 68.06 ? 148  SER A C     1 
ATOM   1298 O O     . SER A 1 147 ? 16.345  -14.461 1.002   1.00 74.77 ? 148  SER A O     1 
ATOM   1299 C CB    . SER A 1 147 ? 16.008  -12.597 3.615   1.00 54.41 ? 148  SER A CB    1 
ATOM   1300 O OG    . SER A 1 147 ? 16.652  -13.828 3.880   1.00 63.12 ? 148  SER A OG    1 
ATOM   1301 O OXT   . SER A 1 147 ? 14.273  -14.334 1.471   1.00 64.60 ? 148  SER A OXT   1 
HETATM 1302 N N1    . FMN B 2 .   ? -6.533  13.680  0.107   1.00 13.79 ? 1001 FMN A N1    1 
HETATM 1303 C C2    . FMN B 2 .   ? -5.856  13.781  1.309   1.00 16.70 ? 1001 FMN A C2    1 
HETATM 1304 O O2    . FMN B 2 .   ? -4.645  13.830  1.251   1.00 10.80 ? 1001 FMN A O2    1 
HETATM 1305 N N3    . FMN B 2 .   ? -6.526  14.013  2.499   1.00 12.23 ? 1001 FMN A N3    1 
HETATM 1306 C C4    . FMN B 2 .   ? -7.890  13.927  2.595   1.00 16.89 ? 1001 FMN A C4    1 
HETATM 1307 O O4    . FMN B 2 .   ? -8.390  14.102  3.729   1.00 14.32 ? 1001 FMN A O4    1 
HETATM 1308 C C4A   . FMN B 2 .   ? -8.603  13.815  1.385   1.00 15.20 ? 1001 FMN A C4A   1 
HETATM 1309 N N5    . FMN B 2 .   ? -9.979  13.770  1.337   1.00 20.13 ? 1001 FMN A N5    1 
HETATM 1310 C C5A   . FMN B 2 .   ? -10.612 13.606  0.095   1.00 17.48 ? 1001 FMN A C5A   1 
HETATM 1311 C C6    . FMN B 2 .   ? -12.004 13.578  0.027   1.00 15.08 ? 1001 FMN A C6    1 
HETATM 1312 C C7    . FMN B 2 .   ? -12.653 13.584  -1.213  1.00 15.54 ? 1001 FMN A C7    1 
HETATM 1313 C C7M   . FMN B 2 .   ? -14.171 13.541  -1.164  1.00 23.77 ? 1001 FMN A C7M   1 
HETATM 1314 C C8    . FMN B 2 .   ? -11.936 13.456  -2.406  1.00 21.59 ? 1001 FMN A C8    1 
HETATM 1315 C C8M   . FMN B 2 .   ? -12.617 13.468  -3.751  1.00 20.41 ? 1001 FMN A C8M   1 
HETATM 1316 C C9    . FMN B 2 .   ? -10.536 13.467  -2.339  1.00 17.61 ? 1001 FMN A C9    1 
HETATM 1317 C C9A   . FMN B 2 .   ? -9.894  13.410  -1.075  1.00 14.94 ? 1001 FMN A C9A   1 
HETATM 1318 N N10   . FMN B 2 .   ? -8.540  13.530  -1.027  1.00 13.82 ? 1001 FMN A N10   1 
HETATM 1319 C C10   . FMN B 2 .   ? -7.888  13.638  0.187   1.00 12.37 ? 1001 FMN A C10   1 
HETATM 1320 C "C1'" . FMN B 2 .   ? -7.728  13.458  -2.328  1.00 17.88 ? 1001 FMN A "C1'" 1 
HETATM 1321 C "C2'" . FMN B 2 .   ? -7.474  12.081  -2.972  1.00 11.96 ? 1001 FMN A "C2'" 1 
HETATM 1322 O "O2'" . FMN B 2 .   ? -6.740  11.270  -2.093  1.00 14.86 ? 1001 FMN A "O2'" 1 
HETATM 1323 C "C3'" . FMN B 2 .   ? -6.591  12.363  -4.206  1.00 13.15 ? 1001 FMN A "C3'" 1 
HETATM 1324 O "O3'" . FMN B 2 .   ? -7.387  13.006  -5.223  1.00 14.16 ? 1001 FMN A "O3'" 1 
HETATM 1325 C "C4'" . FMN B 2 .   ? -5.863  11.124  -4.744  1.00 11.79 ? 1001 FMN A "C4'" 1 
HETATM 1326 O "O4'" . FMN B 2 .   ? -5.062  11.516  -5.836  1.00 9.87  ? 1001 FMN A "O4'" 1 
HETATM 1327 C "C5'" . FMN B 2 .   ? -6.829  10.050  -5.245  1.00 14.89 ? 1001 FMN A "C5'" 1 
HETATM 1328 O "O5'" . FMN B 2 .   ? -6.060  8.897   -5.523  1.00 9.48  ? 1001 FMN A "O5'" 1 
HETATM 1329 P P     . FMN B 2 .   ? -6.674  7.976   -6.633  1.00 8.70  ? 1001 FMN A P     1 
HETATM 1330 O O1P   . FMN B 2 .   ? -5.903  6.726   -6.486  1.00 7.70  ? 1001 FMN A O1P   1 
HETATM 1331 O O2P   . FMN B 2 .   ? -6.486  8.619   -7.980  1.00 9.43  ? 1001 FMN A O2P   1 
HETATM 1332 O O3P   . FMN B 2 .   ? -8.116  7.684   -6.338  1.00 9.92  ? 1001 FMN A O3P   1 
HETATM 1333 S S     . SO4 C 3 .   ? 13.240  4.702   3.897   0.59 26.62 ? 1002 SO4 A S     1 
HETATM 1334 O O1    . SO4 C 3 .   ? 13.870  5.018   2.609   0.59 46.13 ? 1002 SO4 A O1    1 
HETATM 1335 O O2    . SO4 C 3 .   ? 13.750  3.368   4.307   0.59 32.02 ? 1002 SO4 A O2    1 
HETATM 1336 O O3    . SO4 C 3 .   ? 13.580  5.727   4.892   0.59 39.58 ? 1002 SO4 A O3    1 
HETATM 1337 O O4    . SO4 C 3 .   ? 11.833  4.652   3.767   0.59 13.84 ? 1002 SO4 A O4    1 
HETATM 1338 C C1    . GLC D 4 .   ? -3.017  -10.978 18.632  0.85 49.31 ? 1003 GLC A C1    1 
HETATM 1339 C C2    . GLC D 4 .   ? -3.003  -9.527  19.082  0.85 38.15 ? 1003 GLC A C2    1 
HETATM 1340 C C3    . GLC D 4 .   ? -4.143  -9.346  20.056  0.85 40.11 ? 1003 GLC A C3    1 
HETATM 1341 C C4    . GLC D 4 .   ? -5.437  -9.628  19.321  0.85 46.58 ? 1003 GLC A C4    1 
HETATM 1342 C C5    . GLC D 4 .   ? -5.427  -11.018 18.683  0.85 52.79 ? 1003 GLC A C5    1 
HETATM 1343 C C6    . GLC D 4 .   ? -6.624  -11.197 17.744  0.85 51.18 ? 1003 GLC A C6    1 
HETATM 1344 O O1    . GLC D 4 .   ? -2.984  -11.848 19.763  0.85 61.86 ? 1003 GLC A O1    1 
HETATM 1345 O O2    . GLC D 4 .   ? -1.744  -9.173  19.676  0.85 67.92 ? 1003 GLC A O2    1 
HETATM 1346 O O3    . GLC D 4 .   ? -4.165  -7.996  20.524  0.85 65.18 ? 1003 GLC A O3    1 
HETATM 1347 O O4    . GLC D 4 .   ? -6.518  -9.524  20.254  0.85 80.78 ? 1003 GLC A O4    1 
HETATM 1348 O O5    . GLC D 4 .   ? -4.228  -11.223 17.929  0.85 59.07 ? 1003 GLC A O5    1 
HETATM 1349 O O6    . GLC D 4 .   ? -6.231  -11.871 16.528  0.85 31.66 ? 1003 GLC A O6    1 
HETATM 1350 O O     A HOH E 5 .   ? -5.404  10.977  -0.952  0.50 17.09 ? 1101 HOH A O     1 
HETATM 1351 O O     . HOH E 5 .   ? 5.444   -6.061  -15.402 1.00 29.02 ? 1102 HOH A O     1 
HETATM 1352 O O     . HOH E 5 .   ? -13.273 -0.165  9.429   1.00 21.19 ? 1103 HOH A O     1 
HETATM 1353 O O     A HOH E 5 .   ? -10.387 16.878  7.605   0.50 14.17 ? 1104 HOH A O     1 
HETATM 1354 O O     B HOH E 5 .   ? -10.909 17.765  5.550   0.50 23.87 ? 1104 HOH A O     1 
HETATM 1355 O O     . HOH E 5 .   ? 6.556   19.623  -12.383 1.00 19.59 ? 1105 HOH A O     1 
HETATM 1356 O O     . HOH E 5 .   ? 1.858   -18.928 1.561   1.00 20.42 ? 1106 HOH A O     1 
HETATM 1357 O O     . HOH E 5 .   ? -4.549  2.070   12.096  1.00 11.53 ? 1107 HOH A O     1 
HETATM 1358 O O     . HOH E 5 .   ? -9.905  20.310  1.229   1.00 23.55 ? 1108 HOH A O     1 
HETATM 1359 O O     . HOH E 5 .   ? 15.156  2.181   2.633   1.00 32.66 ? 1109 HOH A O     1 
HETATM 1360 O O     . HOH E 5 .   ? -12.058 -5.032  14.434  1.00 27.80 ? 1110 HOH A O     1 
HETATM 1361 O O     . HOH E 5 .   ? 16.341  5.528   -9.288  1.00 25.79 ? 1111 HOH A O     1 
HETATM 1362 O O     . HOH E 5 .   ? 10.468  -15.546 -9.095  1.00 35.66 ? 1112 HOH A O     1 
HETATM 1363 O O     . HOH E 5 .   ? -9.825  0.591   -6.030  1.00 10.07 ? 1113 HOH A O     1 
HETATM 1364 O O     . HOH E 5 .   ? -11.048 -8.594  13.019  1.00 23.65 ? 1114 HOH A O     1 
HETATM 1365 O O     . HOH E 5 .   ? -15.040 8.991   5.067   1.00 35.25 ? 1115 HOH A O     1 
HETATM 1366 O O     . HOH E 5 .   ? 13.931  -14.599 -14.411 1.00 34.49 ? 1116 HOH A O     1 
HETATM 1367 O O     . HOH E 5 .   ? -7.584  10.728  10.174  1.00 21.86 ? 1117 HOH A O     1 
HETATM 1368 O O     . HOH E 5 .   ? -0.993  -9.611  -10.196 1.00 16.36 ? 1118 HOH A O     1 
HETATM 1369 O O     . HOH E 5 .   ? -3.640  -2.328  -12.247 1.00 28.22 ? 1119 HOH A O     1 
HETATM 1370 O O     . HOH E 5 .   ? 3.299   15.209  -8.049  1.00 32.68 ? 1120 HOH A O     1 
HETATM 1371 O O     . HOH E 5 .   ? -1.794  2.514   -14.136 1.00 28.09 ? 1121 HOH A O     1 
HETATM 1372 O O     . HOH E 5 .   ? -11.016 16.430  -3.991  1.00 24.69 ? 1122 HOH A O     1 
HETATM 1373 O O     . HOH E 5 .   ? 4.645   -16.079 3.644   1.00 28.24 ? 1123 HOH A O     1 
HETATM 1374 O O     . HOH E 5 .   ? 2.941   9.888   -14.647 1.00 19.21 ? 1124 HOH A O     1 
HETATM 1375 O O     . HOH E 5 .   ? -12.712 -4.016  2.452   1.00 14.56 ? 1125 HOH A O     1 
HETATM 1376 O O     . HOH E 5 .   ? 2.152   4.206   13.510  1.00 13.99 ? 1126 HOH A O     1 
HETATM 1377 O O     . HOH E 5 .   ? -8.919  15.182  -5.423  1.00 18.11 ? 1127 HOH A O     1 
HETATM 1378 O O     . HOH E 5 .   ? 4.075   9.609   6.775   1.00 9.31  ? 1128 HOH A O     1 
HETATM 1379 O O     . HOH E 5 .   ? 12.636  -9.634  -17.479 1.00 24.79 ? 1129 HOH A O     1 
HETATM 1380 O O     . HOH E 5 .   ? 8.240   -8.992  11.263  1.00 32.08 ? 1130 HOH A O     1 
HETATM 1381 O O     . HOH E 5 .   ? -14.134 6.205   4.467   1.00 21.37 ? 1131 HOH A O     1 
HETATM 1382 O O     . HOH E 5 .   ? -0.426  -5.403  18.820  1.00 30.95 ? 1132 HOH A O     1 
HETATM 1383 O O     . HOH E 5 .   ? 16.516  10.809  -13.045 1.00 29.63 ? 1133 HOH A O     1 
HETATM 1384 O O     . HOH E 5 .   ? -7.976  12.442  -7.840  1.00 23.21 ? 1134 HOH A O     1 
HETATM 1385 O O     . HOH E 5 .   ? -11.359 -1.131  13.109  1.00 32.53 ? 1135 HOH A O     1 
HETATM 1386 O O     . HOH E 5 .   ? 2.686   -3.588  -13.188 1.00 22.23 ? 1136 HOH A O     1 
HETATM 1387 O O     . HOH E 5 .   ? -5.604  -9.403  -8.974  1.00 14.78 ? 1137 HOH A O     1 
HETATM 1388 O O     . HOH E 5 .   ? -4.296  -17.237 6.412   1.00 24.62 ? 1138 HOH A O     1 
HETATM 1389 O O     . HOH E 5 .   ? 1.624   -15.198 9.881   1.00 25.56 ? 1139 HOH A O     1 
HETATM 1390 O O     . HOH E 5 .   ? -18.994 3.970   -0.470  1.00 33.36 ? 1140 HOH A O     1 
HETATM 1391 O O     . HOH E 5 .   ? 11.570  11.637  -17.724 1.00 26.01 ? 1141 HOH A O     1 
HETATM 1392 O O     . HOH E 5 .   ? -4.287  -15.266 12.837  1.00 27.65 ? 1142 HOH A O     1 
HETATM 1393 O O     . HOH E 5 .   ? -17.953 8.236   1.428   1.00 28.13 ? 1143 HOH A O     1 
HETATM 1394 O O     . HOH E 5 .   ? 8.811   -11.982 -10.895 1.00 21.36 ? 1144 HOH A O     1 
HETATM 1395 O O     . HOH E 5 .   ? 5.183   -4.851  14.221  1.00 8.67  ? 1145 HOH A O     1 
HETATM 1396 O O     . HOH E 5 .   ? 9.011   5.738   1.190   1.00 20.06 ? 1146 HOH A O     1 
HETATM 1397 O O     . HOH E 5 .   ? -5.060  -12.111 -9.052  1.00 18.15 ? 1147 HOH A O     1 
HETATM 1398 O O     . HOH E 5 .   ? 6.009   2.284   3.856   1.00 8.11  ? 1148 HOH A O     1 
HETATM 1399 O O     . HOH E 5 .   ? -13.240 -10.983 -6.222  1.00 16.89 ? 1149 HOH A O     1 
HETATM 1400 O O     . HOH E 5 .   ? 8.373   14.073  -6.214  1.00 29.71 ? 1150 HOH A O     1 
HETATM 1401 O O     . HOH E 5 .   ? 0.828   -18.376 6.851   1.00 21.45 ? 1151 HOH A O     1 
HETATM 1402 O O     . HOH E 5 .   ? -3.615  14.195  -14.070 1.00 33.96 ? 1152 HOH A O     1 
HETATM 1403 O O     . HOH E 5 .   ? 13.227  -16.280 -2.480  1.00 18.05 ? 1153 HOH A O     1 
HETATM 1404 O O     . HOH E 5 .   ? -14.132 -4.027  -1.641  1.00 24.33 ? 1154 HOH A O     1 
HETATM 1405 O O     . HOH E 5 .   ? -7.412  -7.238  -8.723  1.00 13.84 ? 1155 HOH A O     1 
HETATM 1406 O O     . HOH E 5 .   ? 10.069  9.633   3.097   1.00 27.77 ? 1156 HOH A O     1 
HETATM 1407 O O     . HOH E 5 .   ? 1.519   13.992  -13.955 1.00 25.39 ? 1157 HOH A O     1 
HETATM 1408 O O     . HOH E 5 .   ? 5.060   9.861   4.139   1.00 11.85 ? 1158 HOH A O     1 
HETATM 1409 O O     . HOH E 5 .   ? -4.904  -15.797 -7.902  1.00 17.37 ? 1159 HOH A O     1 
HETATM 1410 O O     A HOH E 5 .   ? 9.152   -17.160 -3.749  0.50 19.55 ? 1160 HOH A O     1 
HETATM 1411 O O     B HOH E 5 .   ? 10.567  -16.485 -5.390  0.50 20.40 ? 1160 HOH A O     1 
HETATM 1412 O O     . HOH E 5 .   ? -9.605  -6.229  -11.495 1.00 27.19 ? 1161 HOH A O     1 
HETATM 1413 O O     . HOH E 5 .   ? 4.146   14.047  -0.565  1.00 16.07 ? 1162 HOH A O     1 
HETATM 1414 O O     . HOH E 5 .   ? -9.979  9.235   -5.021  1.00 16.08 ? 1163 HOH A O     1 
HETATM 1415 O O     . HOH E 5 .   ? 3.458   6.685   9.121   1.00 11.20 ? 1164 HOH A O     1 
HETATM 1416 O O     . HOH E 5 .   ? 6.898   -2.414  12.040  1.00 9.28  ? 1165 HOH A O     1 
HETATM 1417 O O     . HOH E 5 .   ? -3.940  20.288  -4.898  1.00 19.02 ? 1166 HOH A O     1 
HETATM 1418 O O     . HOH E 5 .   ? 13.557  -12.742 -1.698  1.00 24.86 ? 1167 HOH A O     1 
HETATM 1419 O O     . HOH E 5 .   ? -12.110 -6.486  1.109   1.00 18.93 ? 1168 HOH A O     1 
HETATM 1420 O O     . HOH E 5 .   ? -4.041  4.490   -13.488 1.00 21.32 ? 1169 HOH A O     1 
HETATM 1421 O O     . HOH E 5 .   ? -9.376  12.419  11.473  1.00 38.26 ? 1170 HOH A O     1 
HETATM 1422 O O     . HOH E 5 .   ? -8.988  0.923   -9.500  1.00 17.56 ? 1171 HOH A O     1 
HETATM 1423 O O     . HOH E 5 .   ? -14.601 -7.000  8.198   1.00 24.38 ? 1172 HOH A O     1 
HETATM 1424 O O     . HOH E 5 .   ? -13.912 6.067   -0.752  1.00 18.07 ? 1173 HOH A O     1 
HETATM 1425 O O     . HOH E 5 .   ? 11.782  -11.722 -12.680 1.00 18.81 ? 1174 HOH A O     1 
HETATM 1426 O O     . HOH E 5 .   ? 1.359   15.965  -9.254  1.00 23.39 ? 1175 HOH A O     1 
HETATM 1427 O O     . HOH E 5 .   ? -17.152 -1.092  -3.946  1.00 21.36 ? 1176 HOH A O     1 
HETATM 1428 O O     . HOH E 5 .   ? 6.910   -17.989 0.050   1.00 17.94 ? 1177 HOH A O     1 
HETATM 1429 O O     . HOH E 5 .   ? -7.780  0.568   14.676  1.00 23.08 ? 1178 HOH A O     1 
HETATM 1430 O O     . HOH E 5 .   ? -15.375 -1.745  3.088   1.00 11.66 ? 1179 HOH A O     1 
HETATM 1431 O O     . HOH E 5 .   ? -9.713  -11.514 9.245   1.00 19.13 ? 1180 HOH A O     1 
HETATM 1432 O O     . HOH E 5 .   ? 5.364   7.020   7.077   1.00 10.98 ? 1181 HOH A O     1 
HETATM 1433 O O     . HOH E 5 .   ? -3.139  8.569   0.740   1.00 8.36  ? 1182 HOH A O     1 
HETATM 1434 O O     . HOH E 5 .   ? 16.054  -11.196 -7.376  1.00 15.43 ? 1183 HOH A O     1 
HETATM 1435 O O     . HOH E 5 .   ? 8.141   -5.565  -15.185 1.00 20.42 ? 1184 HOH A O     1 
HETATM 1436 O O     . HOH E 5 .   ? -9.048  -2.317  12.455  1.00 18.82 ? 1185 HOH A O     1 
HETATM 1437 O O     A HOH E 5 .   ? -11.456 15.476  3.491   0.50 22.24 ? 1186 HOH A O     1 
HETATM 1438 O O     . HOH E 5 .   ? 8.676   3.387   -11.227 1.00 17.18 ? 1187 HOH A O     1 
HETATM 1439 O O     . HOH E 5 .   ? -4.869  -4.680  15.967  1.00 20.80 ? 1188 HOH A O     1 
HETATM 1440 O O     . HOH E 5 .   ? -6.730  -15.890 9.507   1.00 27.35 ? 1189 HOH A O     1 
HETATM 1441 O O     . HOH E 5 .   ? 1.733   5.480   11.042  1.00 10.93 ? 1190 HOH A O     1 
HETATM 1442 O O     . HOH E 5 .   ? 3.059   -4.953  17.418  1.00 13.80 ? 1191 HOH A O     1 
HETATM 1443 O O     . HOH E 5 .   ? 3.899   -15.279 11.258  1.00 20.74 ? 1192 HOH A O     1 
HETATM 1444 O O     . HOH E 5 .   ? 1.288   0.731   16.043  1.00 19.74 ? 1193 HOH A O     1 
HETATM 1445 O O     . HOH E 5 .   ? -7.906  -3.086  -11.080 1.00 25.72 ? 1194 HOH A O     1 
HETATM 1446 O O     . HOH E 5 .   ? -13.886 -10.287 1.265   1.00 19.82 ? 1195 HOH A O     1 
HETATM 1447 O O     . HOH E 5 .   ? 14.017  -11.049 7.893   1.00 19.97 ? 1196 HOH A O     1 
HETATM 1448 O O     . HOH E 5 .   ? -18.083 1.377   -0.850  1.00 27.06 ? 1197 HOH A O     1 
HETATM 1449 O O     . HOH E 5 .   ? 4.943   -11.781 -10.166 1.00 25.45 ? 1198 HOH A O     1 
HETATM 1450 O O     . HOH E 5 .   ? -5.600  13.716  -10.214 1.00 23.47 ? 1199 HOH A O     1 
HETATM 1451 O O     . HOH E 5 .   ? -4.613  9.061   -12.893 1.00 27.38 ? 1200 HOH A O     1 
HETATM 1452 O O     . HOH E 5 .   ? 4.434   14.422  -5.140  1.00 15.05 ? 1201 HOH A O     1 
HETATM 1453 O O     . HOH E 5 .   ? 10.978  6.452   -2.724  1.00 16.55 ? 1202 HOH A O     1 
HETATM 1454 O O     . HOH E 5 .   ? 11.084  -9.568  9.767   1.00 15.33 ? 1203 HOH A O     1 
HETATM 1455 O O     . HOH E 5 .   ? 6.676   10.324  0.685   1.00 9.78  ? 1204 HOH A O     1 
HETATM 1456 O O     . HOH E 5 .   ? -4.070  -12.906 14.890  1.00 24.46 ? 1205 HOH A O     1 
HETATM 1457 O O     A HOH E 5 .   ? 8.181   14.188  -19.284 0.50 18.18 ? 1206 HOH A O     1 
HETATM 1458 O O     B HOH E 5 .   ? 9.162   15.000  -18.763 0.50 18.42 ? 1206 HOH A O     1 
HETATM 1459 O O     . HOH E 5 .   ? -10.153 -16.730 5.932   1.00 26.14 ? 1207 HOH A O     1 
HETATM 1460 O O     . HOH E 5 .   ? -9.721  8.113   10.091  1.00 34.07 ? 1208 HOH A O     1 
HETATM 1461 O O     . HOH E 5 .   ? -6.949  -16.677 3.261   1.00 21.00 ? 1209 HOH A O     1 
HETATM 1462 O O     . HOH E 5 .   ? -0.071  -10.505 15.437  1.00 25.18 ? 1210 HOH A O     1 
HETATM 1463 O O     . HOH E 5 .   ? -9.032  -1.881  16.278  1.00 33.53 ? 1211 HOH A O     1 
HETATM 1464 O O     . HOH E 5 .   ? -8.284  16.447  5.466   1.00 12.55 ? 1212 HOH A O     1 
HETATM 1465 O O     . HOH E 5 .   ? 11.604  15.061  -16.239 1.00 42.39 ? 1213 HOH A O     1 
HETATM 1466 O O     B HOH E 5 .   ? 9.671   -11.330 5.148   0.50 17.03 ? 1214 HOH A O     1 
HETATM 1467 O O     . HOH E 5 .   ? -16.007 -3.490  -3.702  1.00 25.49 ? 1215 HOH A O     1 
HETATM 1468 O O     . HOH E 5 .   ? -5.740  1.422   15.737  1.00 40.21 ? 1216 HOH A O     1 
HETATM 1469 O O     . HOH E 5 .   ? 2.658   -13.654 -5.228  1.00 17.71 ? 1217 HOH A O     1 
HETATM 1470 O O     . HOH E 5 .   ? -10.877 5.702   8.059   1.00 19.44 ? 1218 HOH A O     1 
HETATM 1471 O O     . HOH E 5 .   ? -15.776 12.043  1.545   1.00 29.36 ? 1219 HOH A O     1 
HETATM 1472 O O     . HOH E 5 .   ? -11.318 -8.609  4.661   1.00 18.95 ? 1220 HOH A O     1 
HETATM 1473 O O     B HOH E 5 .   ? 1.914   2.862   -14.029 0.50 14.27 ? 1221 HOH A O     1 
HETATM 1474 O O     . HOH E 5 .   ? -8.260  -1.298  -13.300 1.00 38.89 ? 1222 HOH A O     1 
HETATM 1475 O O     . HOH E 5 .   ? 1.020   -8.485  16.936  1.00 29.81 ? 1223 HOH A O     1 
HETATM 1476 O O     . HOH E 5 .   ? 14.476  -10.357 -2.718  1.00 39.60 ? 1224 HOH A O     1 
HETATM 1477 O O     . HOH E 5 .   ? -10.182 -12.155 6.559   1.00 16.17 ? 1225 HOH A O     1 
HETATM 1478 O O     . HOH E 5 .   ? 12.787  11.245  -7.488  1.00 36.69 ? 1226 HOH A O     1 
HETATM 1479 O O     . HOH E 5 .   ? -8.725  4.296   11.942  1.00 24.31 ? 1227 HOH A O     1 
HETATM 1480 O O     . HOH E 5 .   ? -11.307 2.102   -3.920  1.00 16.62 ? 1228 HOH A O     1 
HETATM 1481 O O     . HOH E 5 .   ? -7.033  11.961  -11.843 1.00 34.23 ? 1229 HOH A O     1 
HETATM 1482 O O     . HOH E 5 .   ? 11.835  -12.336 4.085   1.00 30.90 ? 1230 HOH A O     1 
HETATM 1483 O O     . HOH E 5 .   ? 6.148   16.246  -8.883  1.00 44.80 ? 1231 HOH A O     1 
HETATM 1484 O O     . HOH E 5 .   ? 8.499   -8.722  -15.420 1.00 29.51 ? 1232 HOH A O     1 
HETATM 1485 O O     . HOH E 5 .   ? 12.622  -1.918  8.602   1.00 28.31 ? 1233 HOH A O     1 
HETATM 1486 O O     . HOH E 5 .   ? -4.206  15.703  -11.446 1.00 25.72 ? 1234 HOH A O     1 
HETATM 1487 O O     . HOH E 5 .   ? -14.016 6.063   7.477   1.00 37.09 ? 1235 HOH A O     1 
HETATM 1488 O O     . HOH E 5 .   ? 0.609   -4.533  -11.803 1.00 31.60 ? 1236 HOH A O     1 
HETATM 1489 O O     . HOH E 5 .   ? 11.106  -14.339 -12.447 1.00 41.41 ? 1237 HOH A O     1 
HETATM 1490 O O     . HOH E 5 .   ? -1.701  16.178  -10.746 1.00 17.58 ? 1238 HOH A O     1 
HETATM 1491 O O     . HOH E 5 .   ? 8.792   8.566   1.191   1.00 22.12 ? 1239 HOH A O     1 
HETATM 1492 O O     . HOH E 5 .   ? -2.824  -7.612  -11.517 1.00 30.89 ? 1240 HOH A O     1 
HETATM 1493 O O     . HOH E 5 .   ? 12.940  9.537   -14.539 1.00 30.02 ? 1241 HOH A O     1 
HETATM 1494 O O     . HOH E 5 .   ? -8.497  -13.970 10.034  1.00 22.64 ? 1242 HOH A O     1 
HETATM 1495 O O     . HOH E 5 .   ? -18.473 9.406   -0.649  1.00 34.11 ? 1243 HOH A O     1 
HETATM 1496 O O     B HOH E 5 .   ? -15.433 -9.108  -6.192  0.50 26.91 ? 1244 HOH A O     1 
HETATM 1497 O O     . HOH E 5 .   ? -13.866 15.692  2.082   1.00 31.46 ? 1245 HOH A O     1 
HETATM 1498 O O     . HOH E 5 .   ? -15.678 -3.530  0.815   1.00 22.10 ? 1246 HOH A O     1 
HETATM 1499 O O     . HOH E 5 .   ? 2.224   -13.974 -7.996  1.00 21.41 ? 1247 HOH A O     1 
HETATM 1500 O O     . HOH E 5 .   ? 1.620   -1.532  17.323  1.00 24.25 ? 1248 HOH A O     1 
HETATM 1501 O O     . HOH E 5 .   ? -11.190 -14.777 7.064   1.00 30.88 ? 1249 HOH A O     1 
HETATM 1502 O O     . HOH E 5 .   ? 13.787  8.817   -6.424  1.00 29.15 ? 1250 HOH A O     1 
HETATM 1503 O O     . HOH E 5 .   ? 7.835   12.387  -0.910  1.00 37.76 ? 1251 HOH A O     1 
HETATM 1504 O O     . HOH E 5 .   ? -17.749 11.925  -0.488  1.00 32.94 ? 1252 HOH A O     1 
HETATM 1505 O O     . HOH E 5 .   ? 1.329   4.540   -15.947 1.00 28.68 ? 1253 HOH A O     1 
HETATM 1506 O O     B HOH E 5 .   ? 8.072   -18.763 -2.531  0.50 19.39 ? 1254 HOH A O     1 
HETATM 1507 O O     . HOH E 5 .   ? 11.153  4.563   -0.741  1.00 27.80 ? 1255 HOH A O     1 
HETATM 1508 O O     A HOH E 5 .   ? -5.971  -5.310  -10.378 0.50 18.60 ? 1256 HOH A O     1 
HETATM 1509 O O     B HOH E 5 .   ? -4.906  -4.204  -10.946 0.50 25.98 ? 1256 HOH A O     1 
HETATM 1510 O O     . HOH E 5 .   ? 15.590  -3.988  8.450   1.00 39.50 ? 1257 HOH A O     1 
HETATM 1511 O O     . HOH E 5 .   ? -13.929 -7.976  2.633   1.00 34.09 ? 1258 HOH A O     1 
HETATM 1512 O O     . HOH E 5 .   ? 3.631   -7.552  17.613  1.00 14.47 ? 1259 HOH A O     1 
HETATM 1513 O O     A HOH E 5 .   ? -1.914  8.274   11.815  0.50 22.15 ? 1260 HOH A O     1 
HETATM 1514 O O     B HOH E 5 .   ? -3.379  9.457   11.649  0.50 19.96 ? 1260 HOH A O     1 
HETATM 1515 O O     . HOH E 5 .   ? -12.187 -11.552 10.073  1.00 33.32 ? 1261 HOH A O     1 
HETATM 1516 O O     . HOH E 5 .   ? 0.375   -17.222 10.486  1.00 38.33 ? 1262 HOH A O     1 
HETATM 1517 O O     . HOH E 5 .   ? -12.213 2.278   10.200  1.00 27.34 ? 1263 HOH A O     1 
HETATM 1518 O O     . HOH E 5 .   ? -8.186  -17.812 8.017   1.00 39.70 ? 1264 HOH A O     1 
HETATM 1519 O O     . HOH E 5 .   ? -11.658 1.688   13.106  1.00 37.34 ? 1265 HOH A O     1 
HETATM 1520 O O     . HOH E 5 .   ? -12.603 -10.899 5.933   1.00 28.85 ? 1266 HOH A O     1 
HETATM 1521 O O     . HOH E 5 .   ? -10.297 3.803   9.749   1.00 37.06 ? 1267 HOH A O     1 
HETATM 1522 O O     . HOH E 5 .   ? -1.948  -19.227 6.586   1.00 29.46 ? 1268 HOH A O     1 
HETATM 1523 O O     . HOH E 5 .   ? 4.299   17.182  -6.665  1.00 36.04 ? 1269 HOH A O     1 
HETATM 1524 O O     . HOH E 5 .   ? -18.388 -3.030  -0.382  1.00 35.51 ? 1270 HOH A O     1 
HETATM 1525 O O     . HOH E 5 .   ? -16.068 14.451  2.293   1.00 42.77 ? 1271 HOH A O     1 
HETATM 1526 O O     . HOH E 5 .   ? -1.962  13.440  -16.335 1.00 42.90 ? 1272 HOH A O     1 
HETATM 1527 O O     . HOH E 5 .   ? 10.457  8.814   -1.428  1.00 24.24 ? 1273 HOH A O     1 
# 
